data_6HJX
#
_entry.id   6HJX
#
_cell.length_a   96.251
_cell.length_b   156.277
_cell.length_c   102.496
_cell.angle_alpha   90.000
_cell.angle_beta   102.880
_cell.angle_gamma   90.000
#
_symmetry.space_group_name_H-M   'P 1 21 1'
#
loop_
_entity.id
_entity.type
_entity.pdbx_description
1 polymer 'Cys-loop ligand-gated ion channel'
2 polymer 'Cys-loop ligand-gated ion channel'
3 polymer 'Cys-loop ligand-gated ion channel'
4 polymer 'Cys-loop ligand-gated ion channel'
5 polymer 'Cys-loop ligand-gated ion channel'
6 polymer 'nanobody 72'
7 non-polymer 'HEXAETHYLENE GLYCOL'
8 non-polymer PHOSPHATIDYLETHANOLAMINE
9 non-polymer DODECYL-BETA-D-MALTOSIDE
10 non-polymer '2-(N-MORPHOLINO)-ETHANESULFONIC ACID'
11 non-polymer 'SODIUM ION'
12 water water
#
loop_
_entity_poly.entity_id
_entity_poly.type
_entity_poly.pdbx_seq_one_letter_code
_entity_poly.pdbx_strand_id
1 'polypeptide(L)'
;ARPVDVSVSIFINKIYGVNTLEQTYKVDGYIVAQWTGKPRKTPGDKPLIVENTQIERWINNGLWVPALEFINVVGSPDTG
NKRLMLFPDGRVIYNARFLGSFSNDMDFRLFPFDRQQFVLELEPFSYNNQQLRFSDIQVYTENIDNEEIDEWWIRGKAST
HISDIRYDHLSSVQPNQNEFSRITVRIDAVRNPSYYLWSFILPLGLIIAASWSVFWLESFSERLQTSFTCMLTVVAYAFY
TSNILPRLPYTTVIDQMIIAGYGSIFAAILLIIFAHHRQANGVEDDLLIQRSRLAFPLGFLAIGSV
;
A
2 'polypeptide(L)'
;PVDARPVDVSVSIFINKIYGVNTLEQTYKVDGYIVAQWTGKPRKTPGDKPLIVENTQIERWINNGLWVPALEFINVVGSP
DTGNKRLMLFPDGRVIYNARFLGSFSNDMDFRLFPFDRQQFVLELEPFSYNNQQLRFSDIQVYTENIDNEEIDEWWIRGK
ASTHISDIRYDHLSSVQPNQNEFSRITVRIDAVRNPSYYLWSFILPLGLIIAASWSVFWLESFSERLQTSFTCMLTVVAY
AFYTSNILPRLPYTTVIDQMIIAGYGSIFAAILLIIFAHHRQANGVEDDLLIQRSRLAFPLGFLAIGSV
;
B
3 'polypeptide(L)'
;PVDARPVDVSVSIFINKIYGVNTLEQTYKVDGYIVAQWTGKPRKTPGDKPLIVENTQIERWINNGLWVPALEFINVVGSP
DTGNKRLMLFPDGRVIYNARFLGSFSNDMDFRLFPFDRQQFVLELEPFSYNNQQLRFSDIQVYTENIDNEEIDEWWIRGK
ASTHISDIRYDHLSSVQPNQNEFSRITVRIDAVRNPSYYLWSFILPLGLIIAASWSVFWLESFSERLQTSFTCMLTVVAY
AFYTSNILPRLPYTTVIDQMIIAGYGSIFAAILLIIFAHHRQANGVEDDLLIQRSRLAFPLGFLAIGSVLVI
;
C
4 'polypeptide(L)'
;ARPVDVSVSIFINKIYGVNTLEQTYKVDGYIVAQWTGKPRKTPGDKPLIVENTQIERWINNGLWVPALEFINVVGSPDTG
NKRLMLFPDGRVIYNARFLGSFSNDMDFRLFPFDRQQFVLELEPFSYNNQQLRFSDIQVYTENIDNEEIDEWWIRGKAST
HISDIRYDHLSSVQPNQNEFSRITVRIDAVRNPSYYLWSFILPLGLIIAASWSVFWLESFSERLQTSFTCMLTVVAYAFY
TSNILPRLPYTTVIDQMIIAGYGSIFAAILLIIFAHHRQANGVEDDLLIQRSRLAFPLGFLAIGSVLVIR
;
D
5 'polypeptide(L)'
;DARPVDVSVSIFINKIYGVNTLEQTYKVDGYIVAQWTGKPRKTPGDKPLIVENTQIERWINNGLWVPALEFINVVGSPDT
GNKRLMLFPDGRVIYNARFLGSFSNDMDFRLFPFDRQQFVLELEPFSYNNQQLRFSDIQVYTENIDNEEIDEWWIRGKAS
THISDIRYDHLSSVQPNQNEFSRITVRIDAVRNPSYYLWSFILPLGLIIAASWSVFWLESFSERLQTSFTCMLTVVAYAF
YTSNILPRLPYTTVIDQMIIAGYGSIFAAILLIIFAHHRQANGVEDDLLIQRSRLAFPLGFLAIGSV
;
E
6 'polypeptide(L)'
;QVQLQESGGGLVQAGGSLRLSCAASGRIFSTNVMGWFRQAPGKEREFVATVGRIGGSTVYADFVKGRFTLSRDNAKNMVY
LQMNSLKPEDTAVYYCGARIGGSDRLAPENYGYWGQGTQVTVSS
;
F,G,H,I,J
#
# COMPACT_ATOMS: atom_id res chain seq x y z
N ALA A 1 48.49 -1.38 16.46
CA ALA A 1 47.73 -2.07 15.42
C ALA A 1 46.94 -1.08 14.58
N ARG A 2 47.29 -0.97 13.30
CA ARG A 2 46.70 0.02 12.42
C ARG A 2 45.26 -0.36 12.09
N PRO A 3 44.49 0.59 11.56
CA PRO A 3 43.11 0.27 11.17
C PRO A 3 43.05 -0.43 9.83
N VAL A 4 42.02 -1.25 9.65
CA VAL A 4 41.82 -2.00 8.42
C VAL A 4 41.31 -1.05 7.35
N ASP A 5 42.04 -0.96 6.23
CA ASP A 5 41.61 -0.15 5.10
C ASP A 5 40.60 -0.92 4.28
N VAL A 6 39.42 -0.33 4.08
CA VAL A 6 38.34 -0.95 3.32
C VAL A 6 38.09 -0.10 2.07
N SER A 7 38.26 -0.71 0.90
CA SER A 7 37.94 -0.08 -0.37
C SER A 7 36.51 -0.44 -0.75
N VAL A 8 35.68 0.57 -0.99
CA VAL A 8 34.26 0.37 -1.26
C VAL A 8 33.94 0.82 -2.68
N SER A 9 33.11 0.04 -3.36
CA SER A 9 32.54 0.42 -4.64
C SER A 9 31.03 0.29 -4.53
N ILE A 10 30.30 1.24 -5.12
CA ILE A 10 28.84 1.24 -5.09
C ILE A 10 28.35 1.40 -6.52
N PHE A 11 27.56 0.43 -6.98
CA PHE A 11 26.90 0.49 -8.28
C PHE A 11 25.44 0.85 -8.07
N ILE A 12 24.95 1.85 -8.80
CA ILE A 12 23.58 2.34 -8.66
C ILE A 12 22.84 1.99 -9.94
N ASN A 13 21.91 1.04 -9.84
CA ASN A 13 21.13 0.65 -11.02
C ASN A 13 19.98 1.61 -11.29
N LYS A 14 19.34 2.11 -10.23
CA LYS A 14 18.07 2.80 -10.39
C LYS A 14 17.83 3.68 -9.16
N ILE A 15 17.30 4.88 -9.41
CA ILE A 15 16.81 5.76 -8.35
C ILE A 15 15.41 6.18 -8.74
N TYR A 16 14.42 5.81 -7.94
CA TYR A 16 13.02 5.97 -8.31
C TYR A 16 12.19 6.02 -7.03
N GLY A 17 10.88 6.14 -7.22
CA GLY A 17 9.95 6.03 -6.11
C GLY A 17 10.09 7.14 -5.09
N VAL A 18 10.34 8.37 -5.55
CA VAL A 18 10.42 9.50 -4.64
C VAL A 18 9.12 9.64 -3.87
N ASN A 19 9.22 9.80 -2.57
CA ASN A 19 8.10 10.16 -1.72
C ASN A 19 8.34 11.60 -1.24
N THR A 20 7.55 12.54 -1.77
CA THR A 20 7.82 13.95 -1.49
C THR A 20 7.54 14.30 -0.05
N LEU A 21 6.45 13.79 0.52
CA LEU A 21 6.08 14.19 1.88
C LEU A 21 7.06 13.63 2.91
N GLU A 22 7.48 12.37 2.74
CA GLU A 22 8.43 11.77 3.64
C GLU A 22 9.89 12.06 3.27
N GLN A 23 10.12 12.71 2.13
CA GLN A 23 11.46 13.05 1.68
C GLN A 23 12.36 11.81 1.63
N THR A 24 11.86 10.78 0.94
CA THR A 24 12.58 9.52 0.76
C THR A 24 12.60 9.13 -0.71
N TYR A 25 13.43 8.14 -1.02
CA TYR A 25 13.53 7.62 -2.37
C TYR A 25 14.14 6.23 -2.31
N LYS A 26 13.96 5.47 -3.38
CA LYS A 26 14.42 4.09 -3.47
C LYS A 26 15.66 4.02 -4.36
N VAL A 27 16.60 3.18 -3.95
CA VAL A 27 17.85 2.98 -4.68
C VAL A 27 18.10 1.48 -4.78
N ASP A 28 18.38 1.01 -5.99
CA ASP A 28 18.75 -0.39 -6.25
C ASP A 28 20.18 -0.43 -6.75
N GLY A 29 20.98 -1.33 -6.21
CA GLY A 29 22.34 -1.45 -6.67
C GLY A 29 23.12 -2.50 -5.91
N TYR A 30 24.44 -2.46 -6.11
CA TYR A 30 25.37 -3.36 -5.42
C TYR A 30 26.33 -2.54 -4.58
N ILE A 31 26.83 -3.16 -3.52
CA ILE A 31 27.89 -2.60 -2.70
C ILE A 31 29.00 -3.63 -2.62
N VAL A 32 30.21 -3.24 -3.03
CA VAL A 32 31.39 -4.09 -2.98
C VAL A 32 32.34 -3.51 -1.95
N ALA A 33 32.78 -4.35 -1.01
CA ALA A 33 33.74 -3.96 0.02
C ALA A 33 34.92 -4.91 -0.02
N GLN A 34 36.11 -4.37 -0.28
CA GLN A 34 37.33 -5.15 -0.25
C GLN A 34 38.20 -4.73 0.93
N TRP A 35 38.91 -5.70 1.50
CA TRP A 35 39.83 -5.43 2.60
C TRP A 35 40.68 -6.68 2.81
N THR A 36 41.77 -6.51 3.53
CA THR A 36 42.72 -7.60 3.77
C THR A 36 42.59 -8.05 5.22
N GLY A 37 42.27 -9.33 5.40
CA GLY A 37 42.16 -9.91 6.72
C GLY A 37 43.29 -10.86 7.01
N LYS A 38 43.05 -11.82 7.90
CA LYS A 38 44.09 -12.77 8.26
C LYS A 38 44.28 -13.79 7.13
N PRO A 39 45.51 -14.21 6.86
CA PRO A 39 45.71 -15.30 5.90
C PRO A 39 44.98 -16.55 6.36
N ARG A 40 44.58 -17.38 5.41
CA ARG A 40 43.76 -18.54 5.71
C ARG A 40 43.92 -19.57 4.59
N LYS A 41 43.55 -20.81 4.91
CA LYS A 41 43.59 -21.89 3.95
C LYS A 41 42.26 -21.99 3.20
N THR A 42 42.33 -22.22 1.91
CA THR A 42 41.15 -22.35 1.06
C THR A 42 41.32 -23.54 0.14
N PRO A 43 40.22 -24.09 -0.38
CA PRO A 43 40.33 -25.23 -1.30
C PRO A 43 41.27 -24.97 -2.46
N GLY A 44 42.30 -25.81 -2.61
CA GLY A 44 43.28 -25.63 -3.66
C GLY A 44 44.04 -24.33 -3.56
N ASP A 45 44.05 -23.70 -2.39
CA ASP A 45 44.67 -22.39 -2.18
C ASP A 45 44.36 -21.46 -3.34
N LYS A 46 43.09 -21.41 -3.70
CA LYS A 46 42.56 -20.50 -4.71
C LYS A 46 41.53 -19.60 -4.06
N PRO A 47 41.20 -18.47 -4.70
CA PRO A 47 40.09 -17.66 -4.19
C PRO A 47 38.84 -18.51 -4.01
N LEU A 48 38.22 -18.39 -2.83
CA LEU A 48 37.04 -19.16 -2.49
C LEU A 48 35.81 -18.28 -2.48
N ILE A 49 34.76 -18.75 -3.14
CA ILE A 49 33.49 -18.04 -3.20
C ILE A 49 32.55 -18.65 -2.16
N VAL A 50 31.95 -17.80 -1.34
CA VAL A 50 30.95 -18.21 -0.35
C VAL A 50 29.73 -17.33 -0.56
N GLU A 51 28.55 -17.95 -0.67
CA GLU A 51 27.33 -17.26 -1.05
C GLU A 51 26.28 -17.37 0.04
N ASN A 52 25.69 -16.23 0.40
CA ASN A 52 24.46 -16.18 1.19
C ASN A 52 24.55 -16.98 2.48
N THR A 53 23.78 -18.07 2.58
CA THR A 53 23.65 -18.76 3.87
C THR A 53 24.96 -19.33 4.36
N GLN A 54 25.88 -19.64 3.45
CA GLN A 54 27.17 -20.19 3.85
C GLN A 54 28.10 -19.14 4.44
N ILE A 55 27.84 -17.86 4.18
CA ILE A 55 28.63 -16.80 4.79
C ILE A 55 28.56 -16.91 6.31
N GLU A 56 27.35 -17.10 6.85
CA GLU A 56 27.19 -17.16 8.29
C GLU A 56 28.03 -18.27 8.90
N ARG A 57 28.07 -19.44 8.25
CA ARG A 57 28.88 -20.53 8.77
C ARG A 57 30.33 -20.12 8.95
N TRP A 58 30.84 -19.30 8.04
CA TRP A 58 32.24 -18.88 8.12
C TRP A 58 32.47 -17.91 9.28
N ILE A 59 31.51 -17.02 9.53
CA ILE A 59 31.66 -16.08 10.64
C ILE A 59 31.78 -16.84 11.96
N ASN A 60 30.92 -17.85 12.15
CA ASN A 60 30.98 -18.64 13.38
C ASN A 60 32.37 -19.21 13.60
N ASN A 61 33.05 -19.62 12.53
CA ASN A 61 34.37 -20.23 12.67
C ASN A 61 35.49 -19.22 12.82
N GLY A 62 35.23 -17.92 12.68
CA GLY A 62 36.24 -16.92 12.96
C GLY A 62 36.35 -15.78 11.96
N LEU A 63 35.78 -15.96 10.76
CA LEU A 63 35.92 -14.94 9.73
C LEU A 63 35.31 -13.62 10.19
N TRP A 64 36.01 -12.53 9.91
CA TRP A 64 35.59 -11.19 10.31
C TRP A 64 34.93 -10.50 9.13
N VAL A 65 33.62 -10.25 9.24
CA VAL A 65 32.86 -9.57 8.20
C VAL A 65 32.11 -8.41 8.85
N PRO A 66 32.67 -7.21 8.89
CA PRO A 66 32.02 -6.12 9.64
C PRO A 66 30.77 -5.61 8.95
N ALA A 67 29.79 -5.23 9.77
CA ALA A 67 28.52 -4.72 9.26
C ALA A 67 28.69 -3.26 8.86
N LEU A 68 28.41 -2.95 7.59
CA LEU A 68 28.44 -1.59 7.09
C LEU A 68 27.00 -1.08 7.00
N GLU A 69 26.70 -0.01 7.76
CA GLU A 69 25.35 0.49 7.87
C GLU A 69 25.11 1.66 6.94
N PHE A 70 23.98 1.64 6.24
CA PHE A 70 23.50 2.81 5.52
C PHE A 70 22.92 3.80 6.55
N ILE A 71 23.60 4.92 6.75
CA ILE A 71 23.19 5.87 7.77
C ILE A 71 21.79 6.40 7.47
N ASN A 72 21.49 6.69 6.20
CA ASN A 72 20.27 7.36 5.82
C ASN A 72 19.24 6.43 5.18
N VAL A 73 19.32 5.13 5.47
CA VAL A 73 18.32 4.19 4.97
C VAL A 73 17.13 4.19 5.92
N VAL A 74 15.95 3.93 5.39
CA VAL A 74 14.70 3.92 6.15
C VAL A 74 14.28 2.47 6.32
N GLY A 75 14.39 1.96 7.54
CA GLY A 75 14.12 0.55 7.79
C GLY A 75 15.22 -0.33 7.21
N SER A 76 15.02 -1.63 7.36
CA SER A 76 16.00 -2.59 6.87
C SER A 76 15.99 -2.63 5.35
N PRO A 77 17.14 -2.51 4.69
CA PRO A 77 17.15 -2.65 3.23
C PRO A 77 16.88 -4.08 2.80
N ASP A 78 16.34 -4.23 1.60
CA ASP A 78 16.08 -5.55 1.02
C ASP A 78 17.38 -6.05 0.40
N THR A 79 18.10 -6.90 1.12
CA THR A 79 19.35 -7.47 0.64
C THR A 79 19.05 -8.76 -0.11
N GLY A 80 19.44 -8.79 -1.38
CA GLY A 80 19.30 -10.00 -2.17
C GLY A 80 20.49 -10.91 -2.01
N ASN A 81 21.04 -11.39 -3.12
CA ASN A 81 22.22 -12.23 -3.06
C ASN A 81 23.39 -11.46 -2.45
N LYS A 82 24.24 -12.18 -1.73
CA LYS A 82 25.47 -11.63 -1.22
C LYS A 82 26.55 -12.69 -1.27
N ARG A 83 27.80 -12.24 -1.28
CA ARG A 83 28.91 -13.10 -1.64
C ARG A 83 30.17 -12.67 -0.93
N LEU A 84 31.02 -13.64 -0.60
CA LEU A 84 32.38 -13.40 -0.15
C LEU A 84 33.33 -14.10 -1.12
N MET A 85 34.38 -13.40 -1.52
CA MET A 85 35.53 -14.02 -2.17
C MET A 85 36.67 -14.00 -1.18
N LEU A 86 37.11 -15.18 -0.75
CA LEU A 86 38.15 -15.30 0.26
C LEU A 86 39.45 -15.73 -0.41
N PHE A 87 40.50 -14.96 -0.19
CA PHE A 87 41.80 -15.28 -0.74
C PHE A 87 42.71 -15.86 0.34
N PRO A 88 43.67 -16.71 -0.03
CA PRO A 88 44.60 -17.23 0.98
C PRO A 88 45.45 -16.14 1.64
N ASP A 89 45.80 -15.08 0.90
CA ASP A 89 46.64 -14.04 1.50
C ASP A 89 45.87 -13.18 2.50
N GLY A 90 44.57 -13.37 2.65
CA GLY A 90 43.76 -12.62 3.60
C GLY A 90 42.75 -11.69 2.98
N ARG A 91 42.91 -11.35 1.70
CA ARG A 91 41.95 -10.48 1.03
C ARG A 91 40.53 -11.03 1.16
N VAL A 92 39.58 -10.14 1.35
CA VAL A 92 38.16 -10.47 1.34
C VAL A 92 37.45 -9.44 0.46
N ILE A 93 36.60 -9.94 -0.43
CA ILE A 93 35.76 -9.08 -1.25
C ILE A 93 34.32 -9.46 -0.94
N TYR A 94 33.62 -8.55 -0.27
CA TYR A 94 32.20 -8.72 0.03
C TYR A 94 31.38 -8.01 -1.04
N ASN A 95 30.38 -8.70 -1.59
CA ASN A 95 29.54 -8.16 -2.64
C ASN A 95 28.09 -8.55 -2.36
N ALA A 96 27.17 -7.60 -2.48
CA ALA A 96 25.78 -7.84 -2.17
C ALA A 96 24.87 -6.90 -2.94
N ARG A 97 23.72 -7.41 -3.36
CA ARG A 97 22.67 -6.62 -3.97
C ARG A 97 21.81 -6.01 -2.87
N PHE A 98 21.31 -4.80 -3.12
CA PHE A 98 20.47 -4.14 -2.13
C PHE A 98 19.42 -3.27 -2.80
N LEU A 99 18.26 -3.20 -2.17
CA LEU A 99 17.22 -2.24 -2.51
C LEU A 99 16.74 -1.61 -1.22
N GLY A 100 16.81 -0.30 -1.13
CA GLY A 100 16.48 0.38 0.11
C GLY A 100 15.76 1.70 -0.14
N SER A 101 15.02 2.10 0.87
CA SER A 101 14.42 3.44 0.91
C SER A 101 15.35 4.35 1.69
N PHE A 102 15.81 5.42 1.05
CA PHE A 102 16.76 6.34 1.65
C PHE A 102 16.11 7.71 1.83
N SER A 103 16.46 8.39 2.92
CA SER A 103 15.94 9.71 3.22
C SER A 103 17.00 10.76 2.95
N ASN A 104 16.54 12.00 2.79
CA ASN A 104 17.44 13.12 2.51
CA ASN A 104 17.42 13.11 2.44
C ASN A 104 16.64 14.40 2.67
N ASP A 105 17.34 15.53 2.55
CA ASP A 105 16.72 16.84 2.64
C ASP A 105 16.31 17.28 1.25
N MET A 106 15.02 17.44 1.03
CA MET A 106 14.49 17.75 -0.29
C MET A 106 13.59 18.96 -0.21
N ASP A 107 13.82 19.92 -1.11
CA ASP A 107 13.06 21.16 -1.17
C ASP A 107 12.37 21.19 -2.52
N PHE A 108 11.06 20.96 -2.54
CA PHE A 108 10.28 20.94 -3.77
C PHE A 108 9.61 22.28 -4.06
N ARG A 109 10.03 23.35 -3.39
CA ARG A 109 9.33 24.63 -3.50
C ARG A 109 9.34 25.18 -4.91
N LEU A 110 10.38 24.89 -5.69
CA LEU A 110 10.46 25.35 -7.07
C LEU A 110 9.88 24.36 -8.06
N PHE A 111 9.09 23.40 -7.59
CA PHE A 111 8.43 22.45 -8.47
C PHE A 111 7.69 23.21 -9.58
N PRO A 112 7.71 22.70 -10.83
CA PRO A 112 8.34 21.48 -11.34
C PRO A 112 9.78 21.67 -11.84
N PHE A 113 10.48 22.68 -11.33
CA PHE A 113 11.85 22.97 -11.76
C PHE A 113 12.85 22.74 -10.63
N ASP A 114 12.51 21.88 -9.69
CA ASP A 114 13.36 21.64 -8.54
C ASP A 114 14.55 20.76 -8.91
N ARG A 115 15.67 20.99 -8.21
CA ARG A 115 16.85 20.15 -8.29
C ARG A 115 16.99 19.36 -6.99
N GLN A 116 17.51 18.14 -7.09
CA GLN A 116 17.63 17.28 -5.92
C GLN A 116 18.99 16.61 -5.90
N GLN A 117 19.43 16.28 -4.68
CA GLN A 117 20.68 15.57 -4.45
C GLN A 117 20.32 14.26 -3.75
N PHE A 118 20.38 13.16 -4.49
CA PHE A 118 20.14 11.85 -3.92
C PHE A 118 21.45 11.35 -3.31
N VAL A 119 21.44 11.08 -2.00
CA VAL A 119 22.66 10.75 -1.29
C VAL A 119 22.56 9.34 -0.72
N LEU A 120 23.71 8.68 -0.66
CA LEU A 120 23.90 7.46 0.13
C LEU A 120 25.00 7.73 1.15
N GLU A 121 24.74 7.39 2.40
CA GLU A 121 25.71 7.58 3.48
C GLU A 121 26.01 6.22 4.09
N LEU A 122 27.29 5.84 4.07
CA LEU A 122 27.75 4.53 4.52
C LEU A 122 28.74 4.72 5.65
N GLU A 123 28.63 3.86 6.68
CA GLU A 123 29.45 4.00 7.86
C GLU A 123 29.48 2.67 8.60
N PRO A 124 30.61 2.24 9.14
CA PRO A 124 30.62 1.01 9.94
C PRO A 124 29.69 1.13 11.13
N PHE A 125 29.04 0.02 11.48
CA PHE A 125 28.04 0.06 12.54
C PHE A 125 28.66 -0.02 13.93
N SER A 126 29.83 -0.65 14.07
CA SER A 126 30.40 -0.94 15.37
C SER A 126 31.86 -0.54 15.54
N TYR A 127 32.61 -0.37 14.46
CA TYR A 127 34.05 -0.17 14.53
C TYR A 127 34.40 1.28 14.18
N ASN A 128 35.18 1.93 15.04
CA ASN A 128 35.60 3.30 14.82
C ASN A 128 36.75 3.34 13.82
N ASN A 129 37.21 4.56 13.50
CA ASN A 129 38.24 4.75 12.48
C ASN A 129 39.63 4.37 12.96
N GLN A 130 39.80 4.01 14.22
CA GLN A 130 41.04 3.37 14.67
C GLN A 130 41.06 1.89 14.33
N GLN A 131 39.89 1.29 14.14
CA GLN A 131 39.72 -0.13 13.80
C GLN A 131 39.38 -0.35 12.32
N LEU A 132 38.50 0.48 11.76
CA LEU A 132 38.05 0.34 10.39
C LEU A 132 37.91 1.73 9.77
N ARG A 133 38.64 1.97 8.68
CA ARG A 133 38.57 3.23 7.96
C ARG A 133 38.34 2.94 6.48
N PHE A 134 37.63 3.85 5.82
CA PHE A 134 37.38 3.78 4.39
C PHE A 134 38.55 4.41 3.66
N SER A 135 39.21 3.64 2.80
CA SER A 135 40.40 4.11 2.09
C SER A 135 40.06 4.78 0.76
N ASP A 136 39.00 4.34 0.10
CA ASP A 136 38.59 4.96 -1.16
C ASP A 136 37.16 4.55 -1.45
N ILE A 137 36.53 5.29 -2.37
CA ILE A 137 35.14 5.07 -2.74
C ILE A 137 35.01 5.31 -4.24
N GLN A 138 34.52 4.30 -4.96
CA GLN A 138 34.22 4.42 -6.38
C GLN A 138 32.73 4.19 -6.59
N VAL A 139 32.11 5.02 -7.42
CA VAL A 139 30.69 4.94 -7.72
C VAL A 139 30.51 4.77 -9.21
N TYR A 140 29.66 3.81 -9.59
CA TYR A 140 29.36 3.53 -10.99
C TYR A 140 27.86 3.60 -11.18
N THR A 141 27.42 4.27 -12.23
CA THR A 141 26.01 4.51 -12.48
C THR A 141 25.63 4.01 -13.88
N GLU A 142 24.36 4.18 -14.22
CA GLU A 142 23.80 3.65 -15.45
C GLU A 142 24.27 4.45 -16.65
N ASN A 143 24.46 3.76 -17.78
CA ASN A 143 24.74 4.41 -19.06
C ASN A 143 23.39 4.79 -19.69
N ILE A 144 23.14 6.08 -19.81
CA ILE A 144 21.86 6.58 -20.29
C ILE A 144 21.94 6.80 -21.80
N ASP A 145 20.86 6.44 -22.50
CA ASP A 145 20.77 6.64 -23.94
C ASP A 145 20.00 7.92 -24.28
N ASN A 146 18.76 8.04 -23.80
CA ASN A 146 17.94 9.21 -24.06
C ASN A 146 17.14 9.51 -22.79
N GLU A 147 17.44 10.65 -22.16
CA GLU A 147 16.80 11.05 -20.92
C GLU A 147 15.42 11.67 -21.11
N GLU A 148 14.83 11.57 -22.30
CA GLU A 148 13.54 12.22 -22.55
C GLU A 148 12.39 11.47 -21.89
N ILE A 149 12.49 10.16 -21.74
CA ILE A 149 11.40 9.37 -21.20
C ILE A 149 11.57 9.17 -19.69
N ASP A 150 12.50 9.90 -19.09
CA ASP A 150 12.86 9.69 -17.69
C ASP A 150 12.35 10.83 -16.82
N GLU A 151 11.94 10.48 -15.60
CA GLU A 151 11.39 11.47 -14.68
C GLU A 151 12.45 12.44 -14.20
N TRP A 152 13.69 12.00 -14.06
CA TRP A 152 14.78 12.83 -13.54
C TRP A 152 15.93 12.85 -14.52
N TRP A 153 16.61 13.99 -14.60
CA TRP A 153 17.75 14.17 -15.48
C TRP A 153 19.02 14.30 -14.64
N ILE A 154 19.92 13.34 -14.78
CA ILE A 154 21.16 13.34 -14.01
C ILE A 154 22.11 14.38 -14.59
N ARG A 155 22.80 15.10 -13.71
CA ARG A 155 23.71 16.18 -14.10
C ARG A 155 25.06 15.95 -13.45
N GLY A 156 26.10 15.85 -14.26
CA GLY A 156 27.45 15.65 -13.75
C GLY A 156 27.66 14.25 -13.21
N LYS A 157 28.91 13.88 -12.98
CA LYS A 157 29.23 12.59 -12.42
C LYS A 157 28.91 12.55 -10.92
N ALA A 158 28.85 11.34 -10.38
CA ALA A 158 28.56 11.19 -8.96
C ALA A 158 29.69 11.78 -8.12
N SER A 159 29.32 12.47 -7.06
CA SER A 159 30.27 13.05 -6.13
C SER A 159 30.43 12.15 -4.91
N THR A 160 31.66 12.03 -4.42
CA THR A 160 31.95 11.16 -3.29
C THR A 160 32.85 11.89 -2.31
N HIS A 161 32.60 11.66 -1.02
CA HIS A 161 33.46 12.15 0.04
C HIS A 161 33.79 11.01 0.99
N ILE A 162 34.94 11.12 1.65
CA ILE A 162 35.29 10.27 2.79
C ILE A 162 35.61 11.20 3.95
N SER A 163 34.85 11.12 5.03
CA SER A 163 34.97 12.02 6.15
C SER A 163 34.92 11.24 7.45
N ASP A 164 35.12 11.94 8.56
CA ASP A 164 35.08 11.34 9.90
C ASP A 164 33.96 11.98 10.70
N ILE A 165 33.26 11.16 11.47
CA ILE A 165 32.13 11.60 12.28
C ILE A 165 32.50 11.35 13.74
N ARG A 166 32.57 12.42 14.52
CA ARG A 166 32.92 12.34 15.93
C ARG A 166 31.65 12.40 16.77
N TYR A 167 31.53 11.48 17.72
CA TYR A 167 30.35 11.39 18.58
C TYR A 167 30.72 11.78 19.99
N ASP A 168 30.04 12.81 20.51
CA ASP A 168 30.39 13.36 21.82
C ASP A 168 30.05 12.41 22.96
N HIS A 169 29.04 11.56 22.78
N HIS A 169 29.04 11.54 22.75
CA HIS A 169 28.58 10.69 23.87
CA HIS A 169 28.51 10.66 23.77
C HIS A 169 29.25 9.33 23.85
C HIS A 169 29.30 9.37 23.93
N LEU A 170 30.46 9.26 23.29
CA LEU A 170 31.32 8.09 23.39
C LEU A 170 32.63 8.39 24.10
N SER A 171 32.82 9.62 24.57
CA SER A 171 34.04 10.01 25.27
C SER A 171 34.32 9.05 26.42
N SER A 172 35.46 8.37 26.36
CA SER A 172 35.89 7.41 27.36
C SER A 172 37.25 7.83 27.91
N VAL A 173 37.63 7.22 29.04
CA VAL A 173 38.97 7.42 29.57
C VAL A 173 40.01 7.13 28.50
N GLN A 174 39.82 6.05 27.76
CA GLN A 174 40.62 5.77 26.58
C GLN A 174 40.20 6.71 25.46
N PRO A 175 41.03 7.68 25.07
CA PRO A 175 40.59 8.68 24.10
C PRO A 175 40.68 8.18 22.67
N ASN A 176 40.18 9.00 21.75
CA ASN A 176 40.27 8.75 20.30
C ASN A 176 39.48 7.53 19.88
N GLN A 177 38.39 7.21 20.58
CA GLN A 177 37.57 6.05 20.28
C GLN A 177 36.14 6.42 19.87
N ASN A 178 35.88 7.69 19.59
CA ASN A 178 34.52 8.18 19.37
C ASN A 178 34.33 8.73 17.96
N GLU A 179 35.13 8.26 17.02
CA GLU A 179 35.15 8.83 15.67
C GLU A 179 35.00 7.71 14.65
N PHE A 180 34.03 7.84 13.75
CA PHE A 180 33.74 6.82 12.76
C PHE A 180 34.00 7.33 11.35
N SER A 181 34.44 6.43 10.48
CA SER A 181 34.72 6.75 9.09
C SER A 181 33.45 6.62 8.27
N ARG A 182 33.12 7.67 7.51
CA ARG A 182 31.88 7.71 6.73
C ARG A 182 32.17 7.97 5.26
N ILE A 183 31.50 7.22 4.39
CA ILE A 183 31.47 7.47 2.96
C ILE A 183 30.18 8.20 2.63
N THR A 184 30.26 9.16 1.71
CA THR A 184 29.09 9.90 1.23
C THR A 184 29.08 9.87 -0.29
N VAL A 185 27.94 9.49 -0.86
CA VAL A 185 27.74 9.48 -2.31
C VAL A 185 26.60 10.44 -2.64
N ARG A 186 26.79 11.27 -3.66
CA ARG A 186 25.80 12.24 -4.07
C ARG A 186 25.54 12.13 -5.56
N ILE A 187 24.27 12.09 -5.94
CA ILE A 187 23.83 12.11 -7.33
C ILE A 187 22.96 13.35 -7.53
N ASP A 188 23.38 14.24 -8.42
CA ASP A 188 22.62 15.44 -8.72
C ASP A 188 21.65 15.18 -9.85
N ALA A 189 20.44 15.72 -9.73
CA ALA A 189 19.40 15.48 -10.71
C ALA A 189 18.44 16.66 -10.75
N VAL A 190 17.94 16.98 -11.95
CA VAL A 190 16.89 17.97 -12.13
C VAL A 190 15.65 17.25 -12.65
N ARG A 191 14.48 17.75 -12.24
CA ARG A 191 13.23 17.13 -12.67
C ARG A 191 12.97 17.45 -14.14
N ASN A 192 12.37 16.48 -14.84
CA ASN A 192 11.94 16.69 -16.22
C ASN A 192 10.58 17.38 -16.22
N PRO A 193 10.53 18.67 -16.56
CA PRO A 193 9.29 19.44 -16.37
C PRO A 193 8.34 19.48 -17.56
N SER A 194 8.56 18.67 -18.59
CA SER A 194 7.79 18.80 -19.82
C SER A 194 6.30 18.61 -19.55
N TYR A 195 5.93 17.46 -18.97
CA TYR A 195 4.53 17.17 -18.73
C TYR A 195 3.84 18.30 -17.97
N TYR A 196 4.51 18.85 -16.95
CA TYR A 196 3.89 19.88 -16.13
C TYR A 196 3.78 21.21 -16.86
N LEU A 197 4.73 21.52 -17.73
CA LEU A 197 4.64 22.75 -18.52
C LEU A 197 3.43 22.73 -19.43
N TRP A 198 3.23 21.62 -20.15
CA TRP A 198 2.20 21.56 -21.18
C TRP A 198 0.83 21.21 -20.62
N SER A 199 0.76 20.38 -19.58
CA SER A 199 -0.52 19.89 -19.08
C SER A 199 -1.00 20.60 -17.82
N PHE A 200 -0.15 21.36 -17.14
CA PHE A 200 -0.53 22.04 -15.91
C PHE A 200 -0.33 23.55 -16.00
N ILE A 201 0.89 24.02 -16.25
CA ILE A 201 1.15 25.45 -16.22
C ILE A 201 0.48 26.16 -17.38
N LEU A 202 0.60 25.60 -18.59
CA LEU A 202 0.00 26.23 -19.75
C LEU A 202 -1.51 26.36 -19.62
N PRO A 203 -2.27 25.28 -19.40
CA PRO A 203 -3.72 25.44 -19.22
C PRO A 203 -4.08 26.45 -18.13
N LEU A 204 -3.39 26.41 -16.99
CA LEU A 204 -3.70 27.35 -15.93
C LEU A 204 -3.47 28.78 -16.37
N GLY A 205 -2.44 29.00 -17.19
CA GLY A 205 -2.22 30.33 -17.74
C GLY A 205 -3.37 30.78 -18.63
N LEU A 206 -3.95 29.85 -19.38
CA LEU A 206 -5.07 30.19 -20.26
C LEU A 206 -6.34 30.47 -19.47
N ILE A 207 -6.55 29.76 -18.36
CA ILE A 207 -7.74 29.99 -17.54
C ILE A 207 -7.66 31.36 -16.88
N ILE A 208 -6.50 31.71 -16.33
CA ILE A 208 -6.35 33.00 -15.65
C ILE A 208 -6.48 34.13 -16.65
N ALA A 209 -5.82 34.02 -17.80
CA ALA A 209 -5.90 35.07 -18.80
C ALA A 209 -7.32 35.23 -19.33
N ALA A 210 -8.03 34.12 -19.52
CA ALA A 210 -9.39 34.19 -20.05
C ALA A 210 -10.33 34.92 -19.11
N SER A 211 -10.05 34.89 -17.80
CA SER A 211 -10.89 35.62 -16.85
C SER A 211 -10.77 37.12 -16.99
N TRP A 212 -9.69 37.61 -17.60
CA TRP A 212 -9.57 39.03 -17.91
C TRP A 212 -10.51 39.46 -19.02
N SER A 213 -11.18 38.51 -19.69
CA SER A 213 -12.13 38.85 -20.73
C SER A 213 -13.41 39.48 -20.18
N VAL A 214 -13.63 39.42 -18.87
CA VAL A 214 -14.84 40.01 -18.30
C VAL A 214 -14.87 41.51 -18.56
N PHE A 215 -13.72 42.17 -18.58
CA PHE A 215 -13.67 43.61 -18.80
C PHE A 215 -14.05 44.00 -20.22
N TRP A 216 -14.22 43.03 -21.11
CA TRP A 216 -14.73 43.27 -22.45
C TRP A 216 -16.22 43.01 -22.57
N LEU A 217 -16.85 42.49 -21.52
CA LEU A 217 -18.30 42.44 -21.46
C LEU A 217 -18.85 43.83 -21.20
N GLU A 218 -20.06 44.09 -21.69
CA GLU A 218 -20.61 45.43 -21.73
C GLU A 218 -21.74 45.67 -20.73
N SER A 219 -22.23 44.64 -20.06
CA SER A 219 -23.23 44.78 -19.01
C SER A 219 -22.61 44.48 -17.66
N PHE A 220 -22.98 45.28 -16.65
CA PHE A 220 -22.51 45.02 -15.29
C PHE A 220 -22.89 43.63 -14.83
N SER A 221 -24.14 43.21 -15.09
CA SER A 221 -24.58 41.89 -14.68
C SER A 221 -23.76 40.80 -15.37
N GLU A 222 -23.50 40.95 -16.67
CA GLU A 222 -22.68 39.97 -17.37
C GLU A 222 -21.26 39.93 -16.81
N ARG A 223 -20.68 41.09 -16.53
CA ARG A 223 -19.31 41.14 -16.03
C ARG A 223 -19.18 40.43 -14.69
N LEU A 224 -20.15 40.63 -13.80
CA LEU A 224 -20.04 40.11 -12.44
C LEU A 224 -20.32 38.61 -12.38
N GLN A 225 -21.38 38.15 -13.05
CA GLN A 225 -21.72 36.73 -13.01
C GLN A 225 -20.65 35.89 -13.69
N THR A 226 -20.13 36.33 -14.83
CA THR A 226 -19.07 35.60 -15.50
C THR A 226 -17.87 35.41 -14.59
N SER A 227 -17.59 36.38 -13.72
CA SER A 227 -16.45 36.25 -12.81
C SER A 227 -16.66 35.07 -11.86
N PHE A 228 -17.90 34.76 -11.50
CA PHE A 228 -18.15 33.62 -10.64
C PHE A 228 -17.93 32.31 -11.37
N THR A 229 -18.25 32.27 -12.66
CA THR A 229 -17.88 31.10 -13.47
C THR A 229 -16.37 30.98 -13.60
N CYS A 230 -15.65 32.10 -13.49
CA CYS A 230 -14.19 32.07 -13.56
C CYS A 230 -13.59 31.58 -12.25
N MET A 231 -14.06 32.11 -11.12
CA MET A 231 -13.64 31.60 -9.83
C MET A 231 -13.92 30.10 -9.73
N LEU A 232 -15.09 29.68 -10.20
CA LEU A 232 -15.44 28.26 -10.19
C LEU A 232 -14.46 27.45 -11.02
N THR A 233 -13.94 28.02 -12.10
CA THR A 233 -13.01 27.30 -12.97
C THR A 233 -11.64 27.15 -12.34
N VAL A 234 -11.22 28.12 -11.51
CA VAL A 234 -9.95 28.00 -10.80
C VAL A 234 -10.05 26.95 -9.71
N VAL A 235 -11.14 26.94 -8.96
CA VAL A 235 -11.35 25.91 -7.94
C VAL A 235 -11.43 24.55 -8.60
N ALA A 236 -12.07 24.47 -9.78
CA ALA A 236 -12.11 23.21 -10.52
C ALA A 236 -10.70 22.77 -10.89
N TYR A 237 -9.87 23.71 -11.33
CA TYR A 237 -8.49 23.38 -11.68
C TYR A 237 -7.65 23.14 -10.43
N ALA A 238 -8.01 23.76 -9.30
CA ALA A 238 -7.27 23.56 -8.07
C ALA A 238 -7.22 22.09 -7.69
N PHE A 239 -8.35 21.39 -7.75
N PHE A 239 -8.38 21.43 -7.73
CA PHE A 239 -8.31 19.98 -7.36
CA PHE A 239 -8.45 20.01 -7.42
C PHE A 239 -7.96 19.04 -8.51
C PHE A 239 -7.75 19.18 -8.49
N TYR A 240 -7.97 19.51 -9.76
CA TYR A 240 -7.36 18.73 -10.83
C TYR A 240 -5.87 18.60 -10.64
N THR A 241 -5.22 19.69 -10.20
CA THR A 241 -3.79 19.64 -9.93
C THR A 241 -3.52 18.90 -8.63
N SER A 242 -4.38 19.08 -7.62
CA SER A 242 -4.18 18.42 -6.34
C SER A 242 -4.21 16.90 -6.47
N ASN A 243 -4.79 16.37 -7.56
CA ASN A 243 -4.89 14.93 -7.74
C ASN A 243 -3.61 14.33 -8.32
N ILE A 244 -2.86 15.11 -9.10
CA ILE A 244 -1.64 14.63 -9.74
C ILE A 244 -0.40 15.07 -8.97
N LEU A 245 -0.36 16.32 -8.52
CA LEU A 245 0.85 16.89 -7.96
C LEU A 245 1.16 16.30 -6.58
N PRO A 246 2.41 16.36 -6.16
CA PRO A 246 2.80 15.71 -4.90
C PRO A 246 2.35 16.47 -3.67
N ARG A 247 2.13 15.72 -2.59
CA ARG A 247 1.77 16.29 -1.30
C ARG A 247 3.01 16.92 -0.66
N LEU A 248 2.85 18.14 -0.18
CA LEU A 248 3.94 18.87 0.46
C LEU A 248 3.38 19.66 1.64
N PRO A 249 4.24 20.01 2.60
CA PRO A 249 3.77 20.84 3.72
C PRO A 249 3.92 22.34 3.44
N TYR A 250 4.10 22.70 2.17
CA TYR A 250 4.32 24.09 1.81
C TYR A 250 3.85 24.31 0.38
N THR A 251 3.79 25.58 -0.01
CA THR A 251 3.37 25.94 -1.36
C THR A 251 4.56 25.88 -2.33
N THR A 252 4.25 25.62 -3.59
CA THR A 252 5.23 25.57 -4.67
C THR A 252 4.98 26.73 -5.63
N VAL A 253 5.37 26.57 -6.89
CA VAL A 253 5.13 27.58 -7.91
C VAL A 253 3.70 27.51 -8.42
N ILE A 254 3.25 26.30 -8.78
CA ILE A 254 1.88 26.14 -9.26
C ILE A 254 0.89 26.51 -8.17
N ASP A 255 1.21 26.20 -6.90
CA ASP A 255 0.32 26.57 -5.81
C ASP A 255 0.15 28.09 -5.72
N GLN A 256 1.17 28.85 -6.10
CA GLN A 256 1.10 30.30 -6.03
C GLN A 256 0.45 30.91 -7.26
N MET A 257 0.57 30.26 -8.43
CA MET A 257 -0.22 30.67 -9.59
C MET A 257 -1.71 30.54 -9.29
N ILE A 258 -2.09 29.50 -8.55
CA ILE A 258 -3.50 29.27 -8.23
C ILE A 258 -4.01 30.34 -7.27
N ILE A 259 -3.25 30.64 -6.22
CA ILE A 259 -3.65 31.67 -5.27
C ILE A 259 -3.78 33.00 -6.00
N ALA A 260 -2.87 33.27 -6.95
CA ALA A 260 -2.94 34.50 -7.71
C ALA A 260 -4.24 34.57 -8.53
N GLY A 261 -4.60 33.46 -9.19
CA GLY A 261 -5.85 33.43 -9.91
C GLY A 261 -7.05 33.72 -9.02
N TYR A 262 -7.06 33.13 -7.82
CA TYR A 262 -8.09 33.49 -6.84
C TYR A 262 -8.11 34.99 -6.61
N GLY A 263 -6.92 35.60 -6.45
CA GLY A 263 -6.87 37.02 -6.15
C GLY A 263 -7.30 37.88 -7.31
N SER A 264 -6.84 37.55 -8.52
CA SER A 264 -7.22 38.31 -9.70
C SER A 264 -8.74 38.34 -9.86
N ILE A 265 -9.37 37.16 -9.87
CA ILE A 265 -10.82 37.09 -10.06
C ILE A 265 -11.53 37.83 -8.93
N PHE A 266 -11.06 37.66 -7.69
CA PHE A 266 -11.69 38.34 -6.57
C PHE A 266 -11.49 39.85 -6.64
N ALA A 267 -10.32 40.28 -7.12
CA ALA A 267 -10.06 41.70 -7.28
C ALA A 267 -10.94 42.29 -8.39
N ALA A 268 -11.07 41.59 -9.51
CA ALA A 268 -11.91 42.08 -10.59
C ALA A 268 -13.37 42.17 -10.16
N ILE A 269 -13.81 41.28 -9.27
CA ILE A 269 -15.16 41.36 -8.75
C ILE A 269 -15.36 42.67 -8.00
N LEU A 270 -14.40 43.02 -7.15
CA LEU A 270 -14.48 44.30 -6.43
C LEU A 270 -14.48 45.48 -7.40
N LEU A 271 -13.66 45.41 -8.45
CA LEU A 271 -13.57 46.52 -9.40
C LEU A 271 -14.86 46.66 -10.20
N ILE A 272 -15.41 45.54 -10.69
CA ILE A 272 -16.64 45.59 -11.48
C ILE A 272 -17.78 46.17 -10.66
N ILE A 273 -17.78 45.91 -9.34
CA ILE A 273 -18.84 46.43 -8.48
C ILE A 273 -18.56 47.87 -8.09
N PHE A 274 -17.29 48.22 -7.83
CA PHE A 274 -16.94 49.59 -7.51
C PHE A 274 -17.32 50.53 -8.65
N ALA A 275 -17.03 50.13 -9.89
CA ALA A 275 -17.32 50.91 -11.08
C ALA A 275 -18.81 51.00 -11.40
N HIS A 276 -19.69 50.53 -10.52
CA HIS A 276 -21.13 50.53 -10.80
C HIS A 276 -21.97 51.10 -9.67
N HIS A 277 -21.47 51.18 -8.44
CA HIS A 277 -22.22 51.69 -7.31
C HIS A 277 -21.53 52.86 -6.62
N ARG A 278 -20.47 53.42 -7.22
CA ARG A 278 -19.73 54.53 -6.62
C ARG A 278 -19.37 55.50 -7.75
N GLN A 279 -20.36 56.30 -8.15
CA GLN A 279 -20.17 57.31 -9.19
C GLN A 279 -21.19 58.42 -8.96
N ALA A 280 -21.15 59.42 -9.83
CA ALA A 280 -22.07 60.55 -9.75
C ALA A 280 -23.29 60.33 -10.64
N GLU A 284 -25.12 55.69 -12.52
CA GLU A 284 -24.01 56.28 -13.27
C GLU A 284 -22.86 55.28 -13.40
N ASP A 285 -22.95 54.41 -14.41
CA ASP A 285 -21.93 53.39 -14.60
C ASP A 285 -20.64 54.01 -15.09
N ASP A 286 -19.52 53.55 -14.53
CA ASP A 286 -18.19 54.03 -14.92
C ASP A 286 -17.62 53.06 -15.94
N LEU A 287 -18.03 53.24 -17.19
CA LEU A 287 -17.58 52.38 -18.28
C LEU A 287 -16.17 52.73 -18.74
N LEU A 288 -15.51 53.72 -18.13
CA LEU A 288 -14.14 54.07 -18.47
C LEU A 288 -13.12 53.32 -17.62
N ILE A 289 -13.37 53.20 -16.31
CA ILE A 289 -12.51 52.39 -15.47
C ILE A 289 -12.53 50.94 -15.94
N GLN A 290 -13.62 50.52 -16.58
CA GLN A 290 -13.69 49.21 -17.21
C GLN A 290 -12.66 49.03 -18.31
N ARG A 291 -12.02 50.12 -18.75
CA ARG A 291 -10.94 50.04 -19.73
C ARG A 291 -9.63 49.58 -19.11
N SER A 292 -9.69 48.95 -17.95
CA SER A 292 -8.57 48.18 -17.41
C SER A 292 -8.41 46.84 -18.12
N ARG A 293 -9.10 46.66 -19.25
CA ARG A 293 -8.86 45.49 -20.10
C ARG A 293 -7.36 45.29 -20.33
N LEU A 294 -6.63 46.40 -20.48
CA LEU A 294 -5.18 46.37 -20.57
C LEU A 294 -4.50 46.64 -19.23
N ALA A 295 -5.10 47.48 -18.39
CA ALA A 295 -4.49 47.82 -17.12
C ALA A 295 -4.59 46.70 -16.08
N PHE A 296 -5.54 45.79 -16.24
CA PHE A 296 -5.72 44.73 -15.25
C PHE A 296 -4.75 43.58 -15.53
N PRO A 297 -4.61 43.14 -16.79
CA PRO A 297 -3.54 42.17 -17.08
C PRO A 297 -2.14 42.72 -16.81
N LEU A 298 -1.88 43.96 -17.21
CA LEU A 298 -0.57 44.56 -16.95
C LEU A 298 -0.27 44.59 -15.46
N GLY A 299 -1.21 45.09 -14.66
CA GLY A 299 -1.02 45.08 -13.22
C GLY A 299 -0.78 43.69 -12.66
N PHE A 300 -1.43 42.68 -13.25
CA PHE A 300 -1.23 41.31 -12.78
C PHE A 300 0.17 40.81 -13.09
N LEU A 301 0.63 41.00 -14.34
CA LEU A 301 1.97 40.59 -14.69
C LEU A 301 3.01 41.36 -13.89
N ALA A 302 2.74 42.64 -13.62
CA ALA A 302 3.66 43.44 -12.80
C ALA A 302 3.83 42.81 -11.42
N ILE A 303 2.72 42.62 -10.70
CA ILE A 303 2.78 41.96 -9.40
C ILE A 303 3.40 40.57 -9.54
N GLY A 304 3.08 39.87 -10.63
CA GLY A 304 3.65 38.56 -10.87
C GLY A 304 5.16 38.59 -11.04
N SER A 305 5.73 39.75 -11.36
CA SER A 305 7.17 39.88 -11.52
C SER A 305 7.93 39.83 -10.20
N VAL A 306 7.24 39.67 -9.08
CA VAL A 306 7.89 39.59 -7.78
C VAL A 306 7.47 38.31 -7.07
N PRO B 1 47.57 -29.79 -13.64
CA PRO B 1 47.90 -28.45 -14.14
C PRO B 1 47.02 -28.03 -15.31
N VAL B 2 46.04 -28.86 -15.67
CA VAL B 2 45.11 -28.58 -16.76
C VAL B 2 43.80 -28.11 -16.15
N ASP B 3 43.28 -26.98 -16.64
CA ASP B 3 42.09 -26.39 -16.06
C ASP B 3 40.84 -27.19 -16.45
N ALA B 4 39.81 -27.08 -15.60
CA ALA B 4 38.55 -27.74 -15.82
C ALA B 4 37.65 -26.87 -16.68
N ARG B 5 36.95 -27.50 -17.63
CA ARG B 5 36.03 -26.77 -18.48
C ARG B 5 34.92 -26.13 -17.64
N PRO B 6 34.28 -25.09 -18.15
CA PRO B 6 33.17 -24.49 -17.41
C PRO B 6 32.00 -25.44 -17.29
N VAL B 7 31.20 -25.23 -16.25
CA VAL B 7 29.99 -26.01 -16.04
C VAL B 7 28.88 -25.43 -16.91
N ASP B 8 28.34 -26.25 -17.82
CA ASP B 8 27.24 -25.82 -18.67
C ASP B 8 25.92 -25.91 -17.90
N VAL B 9 25.10 -24.86 -18.01
CA VAL B 9 23.82 -24.81 -17.32
C VAL B 9 22.73 -24.57 -18.36
N SER B 10 21.83 -25.54 -18.50
CA SER B 10 20.65 -25.40 -19.33
C SER B 10 19.53 -24.79 -18.51
N VAL B 11 18.81 -23.84 -19.10
CA VAL B 11 17.81 -23.05 -18.37
C VAL B 11 16.50 -23.10 -19.13
N SER B 12 15.40 -23.35 -18.40
CA SER B 12 14.05 -23.23 -18.94
C SER B 12 13.27 -22.29 -18.04
N ILE B 13 12.63 -21.29 -18.64
CA ILE B 13 11.82 -20.32 -17.90
C ILE B 13 10.38 -20.45 -18.36
N PHE B 14 9.45 -20.54 -17.40
CA PHE B 14 8.02 -20.64 -17.66
C PHE B 14 7.35 -19.39 -17.11
N ILE B 15 6.69 -18.63 -17.98
CA ILE B 15 6.08 -17.36 -17.61
C ILE B 15 4.57 -17.55 -17.51
N ASN B 16 4.03 -17.37 -16.30
CA ASN B 16 2.59 -17.52 -16.11
C ASN B 16 1.84 -16.25 -16.49
N LYS B 17 2.22 -15.11 -15.93
CA LYS B 17 1.55 -13.85 -16.23
C LYS B 17 2.51 -12.69 -16.10
N ILE B 18 2.25 -11.64 -16.87
CA ILE B 18 2.95 -10.36 -16.78
C ILE B 18 1.89 -9.29 -16.55
N TYR B 19 1.96 -8.62 -15.40
CA TYR B 19 0.89 -7.73 -14.96
C TYR B 19 1.46 -6.66 -14.05
N GLY B 20 0.58 -5.84 -13.48
CA GLY B 20 0.99 -4.87 -12.48
C GLY B 20 1.96 -3.83 -12.98
N VAL B 21 1.84 -3.41 -14.24
CA VAL B 21 2.71 -2.39 -14.79
C VAL B 21 2.61 -1.13 -13.94
N ASN B 22 3.75 -0.57 -13.58
CA ASN B 22 3.83 0.72 -12.87
C ASN B 22 4.56 1.69 -13.81
N THR B 23 3.79 2.54 -14.48
CA THR B 23 4.35 3.35 -15.56
C THR B 23 5.46 4.27 -15.05
N LEU B 24 5.26 4.89 -13.89
CA LEU B 24 6.24 5.86 -13.40
C LEU B 24 7.55 5.18 -13.01
N GLU B 25 7.47 4.02 -12.36
CA GLU B 25 8.66 3.29 -11.96
C GLU B 25 9.23 2.41 -13.07
N GLN B 26 8.52 2.29 -14.19
CA GLN B 26 8.94 1.43 -15.30
C GLN B 26 9.25 0.02 -14.81
N THR B 27 8.30 -0.55 -14.08
CA THR B 27 8.40 -1.92 -13.59
C THR B 27 7.15 -2.71 -13.99
N TYR B 28 7.19 -4.00 -13.71
CA TYR B 28 6.10 -4.92 -14.00
C TYR B 28 6.36 -6.22 -13.24
N LYS B 29 5.28 -6.90 -12.87
CA LYS B 29 5.39 -8.13 -12.12
C LYS B 29 5.37 -9.32 -13.06
N VAL B 30 6.15 -10.35 -12.72
CA VAL B 30 6.22 -11.56 -13.53
C VAL B 30 6.17 -12.75 -12.58
N ASP B 31 5.21 -13.64 -12.79
CA ASP B 31 5.07 -14.87 -12.03
C ASP B 31 5.43 -16.04 -12.93
N GLY B 32 6.26 -16.96 -12.42
CA GLY B 32 6.62 -18.10 -13.23
C GLY B 32 7.48 -19.09 -12.48
N TYR B 33 8.03 -20.04 -13.24
CA TYR B 33 9.00 -21.01 -12.76
C TYR B 33 10.31 -20.83 -13.51
N ILE B 34 11.41 -21.18 -12.84
CA ILE B 34 12.73 -21.23 -13.47
C ILE B 34 13.33 -22.60 -13.21
N VAL B 35 13.86 -23.22 -14.26
CA VAL B 35 14.52 -24.51 -14.18
C VAL B 35 15.94 -24.35 -14.66
N ALA B 36 16.89 -24.82 -13.87
CA ALA B 36 18.31 -24.83 -14.24
C ALA B 36 18.84 -26.24 -14.06
N GLN B 37 19.64 -26.69 -15.03
CA GLN B 37 20.08 -28.08 -15.07
C GLN B 37 21.55 -28.11 -15.46
N TRP B 38 22.38 -28.74 -14.62
CA TRP B 38 23.80 -28.91 -14.88
C TRP B 38 24.25 -30.28 -14.38
N THR B 39 25.51 -30.61 -14.62
CA THR B 39 26.11 -31.86 -14.17
C THR B 39 27.20 -31.53 -13.16
N GLY B 40 27.01 -32.00 -11.93
CA GLY B 40 28.02 -31.83 -10.90
C GLY B 40 28.70 -33.13 -10.54
N LYS B 41 29.04 -33.30 -9.25
CA LYS B 41 29.76 -34.48 -8.79
C LYS B 41 28.82 -35.69 -8.70
N PRO B 42 29.25 -36.86 -9.19
CA PRO B 42 28.44 -38.07 -8.98
C PRO B 42 28.25 -38.35 -7.50
N ARG B 43 27.13 -38.98 -7.17
CA ARG B 43 26.78 -39.18 -5.77
C ARG B 43 25.86 -40.40 -5.65
N LYS B 44 25.76 -40.90 -4.43
CA LYS B 44 24.87 -42.02 -4.12
C LYS B 44 23.48 -41.50 -3.77
N THR B 45 22.46 -42.21 -4.24
CA THR B 45 21.08 -41.87 -3.96
C THR B 45 20.31 -43.13 -3.59
N PRO B 46 19.25 -43.01 -2.77
CA PRO B 46 18.49 -44.21 -2.39
C PRO B 46 18.05 -45.04 -3.59
N GLY B 47 18.41 -46.32 -3.59
CA GLY B 47 18.04 -47.20 -4.67
C GLY B 47 18.56 -46.78 -6.03
N ASP B 48 19.57 -45.90 -6.06
CA ASP B 48 20.16 -45.38 -7.29
C ASP B 48 19.12 -44.69 -8.18
N LYS B 49 18.01 -44.23 -7.59
CA LYS B 49 16.99 -43.51 -8.33
C LYS B 49 17.18 -42.02 -8.17
N PRO B 50 16.63 -41.21 -9.08
CA PRO B 50 16.67 -39.76 -8.87
C PRO B 50 16.08 -39.40 -7.52
N LEU B 51 16.74 -38.48 -6.81
CA LEU B 51 16.31 -38.05 -5.49
C LEU B 51 15.70 -36.66 -5.56
N ILE B 52 14.60 -36.46 -4.84
CA ILE B 52 13.89 -35.19 -4.78
C ILE B 52 14.16 -34.56 -3.43
N VAL B 53 14.71 -33.34 -3.44
CA VAL B 53 14.99 -32.58 -2.23
C VAL B 53 14.25 -31.27 -2.35
N GLU B 54 13.33 -31.02 -1.41
CA GLU B 54 12.41 -29.89 -1.51
C GLU B 54 12.70 -28.84 -0.44
N ASN B 55 12.60 -27.57 -0.84
CA ASN B 55 12.58 -26.43 0.07
C ASN B 55 13.71 -26.46 1.09
N THR B 56 13.38 -26.41 2.39
CA THR B 56 14.40 -26.19 3.40
C THR B 56 15.38 -27.35 3.52
N GLN B 57 15.04 -28.52 2.97
CA GLN B 57 16.00 -29.61 2.94
C GLN B 57 17.15 -29.34 2.00
N ILE B 58 16.97 -28.41 1.05
CA ILE B 58 18.04 -28.06 0.14
C ILE B 58 19.22 -27.47 0.89
N GLU B 59 18.96 -26.62 1.89
CA GLU B 59 20.04 -25.99 2.63
C GLU B 59 20.84 -27.00 3.43
N ARG B 60 20.22 -28.10 3.86
CA ARG B 60 20.97 -29.15 4.53
C ARG B 60 21.96 -29.81 3.58
N TRP B 61 21.57 -30.02 2.32
CA TRP B 61 22.49 -30.56 1.34
C TRP B 61 23.61 -29.58 0.99
N ILE B 62 23.32 -28.27 1.02
CA ILE B 62 24.35 -27.28 0.74
C ILE B 62 25.39 -27.30 1.86
N ASN B 63 24.95 -27.30 3.11
CA ASN B 63 25.88 -27.31 4.24
C ASN B 63 26.84 -28.50 4.16
N ASN B 64 26.39 -29.63 3.62
CA ASN B 64 27.20 -30.82 3.53
C ASN B 64 28.02 -30.91 2.25
N GLY B 65 28.01 -29.86 1.43
CA GLY B 65 28.94 -29.75 0.32
C GLY B 65 28.34 -29.80 -1.07
N LEU B 66 27.01 -29.84 -1.21
CA LEU B 66 26.43 -29.81 -2.54
C LEU B 66 26.56 -28.41 -3.13
N TRP B 67 26.96 -28.35 -4.40
CA TRP B 67 27.18 -27.08 -5.08
C TRP B 67 25.89 -26.64 -5.78
N VAL B 68 25.38 -25.48 -5.38
CA VAL B 68 24.17 -24.90 -5.98
C VAL B 68 24.45 -23.42 -6.23
N PRO B 69 24.88 -23.03 -7.43
CA PRO B 69 25.26 -21.63 -7.65
C PRO B 69 24.04 -20.71 -7.67
N ALA B 70 24.25 -19.50 -7.17
CA ALA B 70 23.19 -18.49 -7.11
C ALA B 70 23.02 -17.84 -8.48
N LEU B 71 21.82 -17.95 -9.03
CA LEU B 71 21.47 -17.28 -10.28
C LEU B 71 20.63 -16.05 -9.96
N GLU B 72 21.11 -14.88 -10.36
CA GLU B 72 20.48 -13.61 -10.00
C GLU B 72 19.70 -13.05 -11.19
N PHE B 73 18.54 -12.49 -10.90
CA PHE B 73 17.81 -11.69 -11.87
C PHE B 73 18.42 -10.30 -11.89
N ILE B 74 19.05 -9.94 -13.01
CA ILE B 74 19.75 -8.66 -13.09
C ILE B 74 18.78 -7.50 -12.93
N ASN B 75 17.61 -7.59 -13.58
CA ASN B 75 16.67 -6.48 -13.63
C ASN B 75 15.49 -6.67 -12.69
N VAL B 76 15.62 -7.50 -11.67
CA VAL B 76 14.57 -7.60 -10.67
C VAL B 76 14.75 -6.49 -9.65
N VAL B 77 13.65 -5.85 -9.27
CA VAL B 77 13.65 -4.78 -8.29
C VAL B 77 13.30 -5.39 -6.94
N GLY B 78 14.28 -5.49 -6.05
CA GLY B 78 14.09 -6.10 -4.76
C GLY B 78 14.24 -7.61 -4.82
N SER B 79 14.10 -8.24 -3.66
CA SER B 79 14.19 -9.69 -3.55
C SER B 79 12.91 -10.31 -4.08
N PRO B 80 12.98 -11.19 -5.08
CA PRO B 80 11.75 -11.80 -5.60
C PRO B 80 11.14 -12.77 -4.60
N ASP B 81 9.82 -12.93 -4.68
CA ASP B 81 9.09 -13.85 -3.81
C ASP B 81 9.27 -15.26 -4.36
N THR B 82 9.99 -16.10 -3.63
CA THR B 82 10.22 -17.48 -4.02
C THR B 82 9.25 -18.39 -3.27
N GLY B 83 8.50 -19.20 -4.02
CA GLY B 83 7.58 -20.15 -3.42
C GLY B 83 8.26 -21.48 -3.15
N ASN B 84 7.73 -22.54 -3.72
CA ASN B 84 8.36 -23.85 -3.59
C ASN B 84 9.60 -23.92 -4.46
N LYS B 85 10.60 -24.66 -3.98
CA LYS B 85 11.80 -24.93 -4.75
C LYS B 85 12.19 -26.40 -4.54
N ARG B 86 12.92 -26.94 -5.52
N ARG B 86 12.93 -26.93 -5.52
CA ARG B 86 13.16 -28.37 -5.57
CA ARG B 86 13.17 -28.36 -5.57
C ARG B 86 14.51 -28.65 -6.24
C ARG B 86 14.52 -28.64 -6.23
N LEU B 87 15.21 -29.65 -5.72
CA LEU B 87 16.38 -30.22 -6.38
C LEU B 87 16.05 -31.66 -6.75
N MET B 88 16.36 -32.04 -7.97
CA MET B 88 16.35 -33.45 -8.37
C MET B 88 17.81 -33.85 -8.59
N LEU B 89 18.32 -34.70 -7.72
CA LEU B 89 19.73 -35.11 -7.73
C LEU B 89 19.85 -36.51 -8.32
N PHE B 90 20.55 -36.61 -9.44
CA PHE B 90 20.76 -37.91 -10.08
C PHE B 90 22.08 -38.51 -9.62
N PRO B 91 22.22 -39.84 -9.73
CA PRO B 91 23.49 -40.45 -9.32
C PRO B 91 24.68 -40.04 -10.19
N ASP B 92 24.45 -39.83 -11.49
CA ASP B 92 25.53 -39.49 -12.40
C ASP B 92 26.07 -38.09 -12.20
N GLY B 93 25.54 -37.32 -11.26
CA GLY B 93 26.00 -35.97 -11.00
C GLY B 93 25.05 -34.89 -11.46
N ARG B 94 24.04 -35.23 -12.27
CA ARG B 94 23.09 -34.24 -12.75
C ARG B 94 22.34 -33.61 -11.59
N VAL B 95 22.08 -32.31 -11.70
CA VAL B 95 21.26 -31.58 -10.75
C VAL B 95 20.25 -30.77 -11.55
N ILE B 96 18.98 -30.84 -11.15
CA ILE B 96 17.93 -30.00 -11.72
C ILE B 96 17.33 -29.18 -10.58
N TYR B 97 17.41 -27.86 -10.71
CA TYR B 97 16.82 -26.94 -9.74
C TYR B 97 15.55 -26.35 -10.32
N ASN B 98 14.46 -26.43 -9.57
CA ASN B 98 13.16 -25.92 -10.00
C ASN B 98 12.58 -25.07 -8.88
N ALA B 99 12.17 -23.85 -9.22
CA ALA B 99 11.63 -22.95 -8.20
C ALA B 99 10.55 -22.07 -8.81
N ARG B 100 9.56 -21.75 -7.98
CA ARG B 100 8.52 -20.78 -8.32
C ARG B 100 8.95 -19.40 -7.86
N PHE B 101 8.72 -18.40 -8.70
CA PHE B 101 9.11 -17.04 -8.36
C PHE B 101 8.02 -16.05 -8.77
N LEU B 102 7.93 -14.96 -8.00
CA LEU B 102 7.16 -13.78 -8.35
C LEU B 102 8.01 -12.57 -8.00
N GLY B 103 8.26 -11.71 -8.98
CA GLY B 103 9.10 -10.55 -8.73
C GLY B 103 8.67 -9.34 -9.53
N SER B 104 9.09 -8.17 -9.05
CA SER B 104 8.97 -6.93 -9.79
C SER B 104 10.24 -6.73 -10.60
N PHE B 105 10.08 -6.49 -11.90
CA PHE B 105 11.20 -6.33 -12.81
C PHE B 105 11.17 -4.94 -13.44
N SER B 106 12.36 -4.44 -13.73
CA SER B 106 12.53 -3.12 -14.33
C SER B 106 12.96 -3.28 -15.79
N ASN B 107 12.67 -2.24 -16.56
CA ASN B 107 12.92 -2.26 -18.00
CA ASN B 107 13.04 -2.23 -17.98
C ASN B 107 12.78 -0.83 -18.50
N ASP B 108 13.25 -0.58 -19.72
CA ASP B 108 13.05 0.69 -20.38
C ASP B 108 11.71 0.65 -21.09
N MET B 109 10.79 1.53 -20.67
CA MET B 109 9.43 1.55 -21.18
C MET B 109 9.09 2.97 -21.64
N ASP B 110 8.56 3.08 -22.85
CA ASP B 110 8.17 4.36 -23.43
C ASP B 110 6.67 4.34 -23.67
N PHE B 111 5.95 5.22 -22.98
CA PHE B 111 4.49 5.27 -23.05
C PHE B 111 3.98 6.50 -23.79
N ARG B 112 4.83 7.14 -24.59
CA ARG B 112 4.42 8.38 -25.26
C ARG B 112 3.30 8.15 -26.26
N LEU B 113 3.24 6.97 -26.87
CA LEU B 113 2.17 6.64 -27.81
C LEU B 113 0.93 6.09 -27.12
N PHE B 114 0.88 6.16 -25.79
CA PHE B 114 -0.29 5.70 -25.06
C PHE B 114 -1.55 6.34 -25.63
N PRO B 115 -2.64 5.57 -25.79
CA PRO B 115 -2.84 4.16 -25.43
C PRO B 115 -2.48 3.15 -26.53
N PHE B 116 -1.68 3.57 -27.52
CA PHE B 116 -1.29 2.72 -28.63
C PHE B 116 0.17 2.29 -28.54
N ASP B 117 0.70 2.19 -27.32
CA ASP B 117 2.11 1.92 -27.12
C ASP B 117 2.40 0.43 -27.23
N ARG B 118 3.67 0.11 -27.51
CA ARG B 118 4.18 -1.25 -27.54
C ARG B 118 5.34 -1.37 -26.58
N GLN B 119 5.38 -2.46 -25.82
CA GLN B 119 6.40 -2.66 -24.81
C GLN B 119 7.15 -3.97 -25.05
N GLN B 120 8.32 -4.06 -24.43
CA GLN B 120 9.15 -5.26 -24.47
C GLN B 120 9.49 -5.62 -23.02
N PHE B 121 8.80 -6.64 -22.50
CA PHE B 121 9.03 -7.11 -21.13
C PHE B 121 10.19 -8.10 -21.14
N VAL B 122 11.21 -7.83 -20.34
CA VAL B 122 12.43 -8.63 -20.37
C VAL B 122 12.73 -9.19 -18.99
N LEU B 123 13.37 -10.36 -18.99
CA LEU B 123 14.01 -10.91 -17.80
C LEU B 123 15.47 -11.17 -18.15
N GLU B 124 16.38 -10.71 -17.31
CA GLU B 124 17.81 -10.91 -17.51
C GLU B 124 18.35 -11.75 -16.37
N LEU B 125 19.04 -12.84 -16.71
CA LEU B 125 19.56 -13.79 -15.74
C LEU B 125 21.07 -13.91 -15.88
N GLU B 126 21.75 -14.05 -14.75
CA GLU B 126 23.22 -14.05 -14.76
C GLU B 126 23.70 -14.64 -13.45
N PRO B 127 24.76 -15.47 -13.46
CA PRO B 127 25.28 -15.98 -12.19
C PRO B 127 25.83 -14.86 -11.34
N PHE B 128 25.60 -14.95 -10.03
CA PHE B 128 25.96 -13.85 -9.14
C PHE B 128 27.45 -13.81 -8.83
N SER B 129 28.14 -14.95 -8.87
CA SER B 129 29.51 -15.01 -8.38
C SER B 129 30.48 -15.76 -9.29
N TYR B 130 30.01 -16.52 -10.27
CA TYR B 130 30.86 -17.35 -11.10
C TYR B 130 30.89 -16.82 -12.53
N ASN B 131 32.10 -16.61 -13.05
CA ASN B 131 32.28 -16.05 -14.38
C ASN B 131 32.10 -17.14 -15.44
N ASN B 132 32.15 -16.73 -16.70
CA ASN B 132 31.86 -17.67 -17.79
C ASN B 132 33.00 -18.67 -18.03
N GLN B 133 34.10 -18.59 -17.27
CA GLN B 133 35.10 -19.64 -17.26
C GLN B 133 34.78 -20.71 -16.22
N GLN B 134 33.91 -20.41 -15.27
CA GLN B 134 33.45 -21.35 -14.26
C GLN B 134 32.02 -21.83 -14.51
N LEU B 135 31.15 -20.97 -15.03
CA LEU B 135 29.74 -21.31 -15.20
C LEU B 135 29.21 -20.53 -16.40
N ARG B 136 28.69 -21.25 -17.40
CA ARG B 136 28.13 -20.63 -18.59
C ARG B 136 26.78 -21.25 -18.91
N PHE B 137 25.91 -20.44 -19.52
CA PHE B 137 24.63 -20.91 -20.01
C PHE B 137 24.79 -21.51 -21.40
N SER B 138 24.32 -22.74 -21.57
CA SER B 138 24.42 -23.43 -22.85
C SER B 138 23.20 -23.25 -23.73
N ASP B 139 22.01 -23.12 -23.13
CA ASP B 139 20.80 -22.88 -23.92
C ASP B 139 19.70 -22.38 -23.00
N ILE B 140 18.68 -21.78 -23.60
CA ILE B 140 17.58 -21.16 -22.87
C ILE B 140 16.28 -21.43 -23.60
N GLN B 141 15.33 -22.07 -22.94
CA GLN B 141 14.01 -22.34 -23.50
C GLN B 141 12.96 -21.56 -22.70
N VAL B 142 12.05 -20.90 -23.42
CA VAL B 142 11.02 -20.09 -22.79
C VAL B 142 9.65 -20.64 -23.18
N TYR B 143 8.74 -20.67 -22.21
CA TYR B 143 7.37 -21.11 -22.44
C TYR B 143 6.41 -20.09 -21.84
N THR B 144 5.32 -19.82 -22.54
CA THR B 144 4.37 -18.79 -22.14
C THR B 144 2.94 -19.35 -22.13
N GLU B 145 2.02 -18.50 -21.66
CA GLU B 145 0.63 -18.92 -21.50
C GLU B 145 -0.04 -19.12 -22.86
N ASN B 146 -0.88 -20.15 -22.94
CA ASN B 146 -1.71 -20.38 -24.12
C ASN B 146 -2.94 -19.50 -24.02
N ILE B 147 -3.00 -18.45 -24.85
CA ILE B 147 -4.10 -17.51 -24.81
C ILE B 147 -5.28 -18.07 -25.58
N ASP B 148 -6.48 -17.97 -25.00
CA ASP B 148 -7.69 -18.33 -25.71
C ASP B 148 -8.17 -17.15 -26.57
N ASN B 149 -8.60 -16.07 -25.91
CA ASN B 149 -9.08 -14.88 -26.60
C ASN B 149 -8.55 -13.66 -25.88
N GLU B 150 -7.77 -12.84 -26.58
CA GLU B 150 -7.09 -11.69 -26.00
C GLU B 150 -7.98 -10.45 -25.90
N GLU B 151 -9.27 -10.55 -26.22
CA GLU B 151 -10.13 -9.37 -26.22
C GLU B 151 -10.23 -8.75 -24.83
N ILE B 152 -10.26 -9.58 -23.79
CA ILE B 152 -10.43 -9.09 -22.43
C ILE B 152 -9.08 -8.81 -21.78
N ASP B 153 -8.00 -8.93 -22.55
CA ASP B 153 -6.66 -8.79 -22.01
C ASP B 153 -6.15 -7.36 -22.16
N GLU B 154 -5.52 -6.86 -21.10
CA GLU B 154 -4.95 -5.52 -21.12
C GLU B 154 -3.86 -5.41 -22.18
N TRP B 155 -3.07 -6.47 -22.36
CA TRP B 155 -1.98 -6.48 -23.32
C TRP B 155 -2.18 -7.63 -24.31
N TRP B 156 -1.79 -7.38 -25.56
CA TRP B 156 -1.88 -8.38 -26.63
C TRP B 156 -0.47 -8.80 -27.00
N ILE B 157 -0.13 -10.06 -26.71
CA ILE B 157 1.20 -10.57 -27.02
C ILE B 157 1.36 -10.71 -28.52
N ARG B 158 2.55 -10.40 -29.02
CA ARG B 158 2.85 -10.48 -30.45
C ARG B 158 4.15 -11.24 -30.64
N GLY B 159 4.10 -12.29 -31.45
CA GLY B 159 5.27 -13.11 -31.70
C GLY B 159 5.59 -14.04 -30.53
N LYS B 160 6.53 -14.95 -30.78
CA LYS B 160 7.01 -15.83 -29.74
C LYS B 160 8.10 -15.14 -28.93
N ALA B 161 8.33 -15.65 -27.72
CA ALA B 161 9.35 -15.08 -26.85
C ALA B 161 10.70 -15.12 -27.54
N SER B 162 11.44 -14.03 -27.43
CA SER B 162 12.79 -13.94 -27.96
C SER B 162 13.80 -14.20 -26.84
N THR B 163 14.95 -14.74 -27.21
CA THR B 163 15.97 -15.09 -26.23
C THR B 163 17.35 -14.77 -26.78
N HIS B 164 18.26 -14.48 -25.84
CA HIS B 164 19.66 -14.26 -26.18
C HIS B 164 20.54 -14.88 -25.09
N ILE B 165 21.72 -15.34 -25.51
CA ILE B 165 22.80 -15.66 -24.59
C ILE B 165 24.00 -14.81 -25.00
N SER B 166 24.63 -14.16 -24.02
CA SER B 166 25.68 -13.20 -24.32
C SER B 166 26.64 -13.14 -23.14
N ASP B 167 27.77 -12.47 -23.38
CA ASP B 167 28.81 -12.30 -22.37
C ASP B 167 28.84 -10.84 -21.93
N ILE B 168 28.85 -10.63 -20.62
CA ILE B 168 28.94 -9.30 -20.03
C ILE B 168 30.36 -9.15 -19.46
N ARG B 169 31.10 -8.18 -19.96
CA ARG B 169 32.49 -7.96 -19.55
C ARG B 169 32.54 -6.73 -18.65
N TYR B 170 33.06 -6.91 -17.45
CA TYR B 170 33.10 -5.85 -16.44
C TYR B 170 34.52 -5.32 -16.30
N ASP B 171 34.66 -3.99 -16.29
CA ASP B 171 35.96 -3.35 -16.27
C ASP B 171 36.48 -3.09 -14.86
N HIS B 172 35.67 -3.30 -13.82
CA HIS B 172 36.02 -2.89 -12.46
C HIS B 172 36.10 -4.06 -11.50
N LEU B 173 36.57 -5.22 -11.97
CA LEU B 173 36.79 -6.36 -11.10
C LEU B 173 38.21 -6.31 -10.55
N SER B 174 38.32 -6.28 -9.22
CA SER B 174 39.59 -6.05 -8.52
C SER B 174 40.73 -6.84 -9.14
N SER B 175 40.71 -8.16 -8.98
CA SER B 175 41.73 -8.99 -9.60
C SER B 175 41.68 -8.87 -11.11
N VAL B 176 42.82 -9.07 -11.76
CA VAL B 176 42.93 -8.92 -13.20
C VAL B 176 43.62 -10.14 -13.81
N GLN B 177 42.96 -11.31 -13.72
CA GLN B 177 43.47 -12.51 -14.37
C GLN B 177 42.96 -12.57 -15.82
N PRO B 178 43.75 -13.13 -16.73
CA PRO B 178 43.34 -13.14 -18.14
C PRO B 178 42.01 -13.85 -18.36
N ASN B 179 41.07 -13.12 -18.94
CA ASN B 179 39.77 -13.67 -19.33
C ASN B 179 39.01 -14.24 -18.13
N GLN B 180 38.94 -13.44 -17.06
CA GLN B 180 38.24 -13.83 -15.85
C GLN B 180 37.26 -12.76 -15.39
N ASN B 181 36.82 -11.89 -16.29
CA ASN B 181 35.93 -10.78 -15.94
C ASN B 181 34.68 -10.76 -16.79
N GLU B 182 34.27 -11.89 -17.34
CA GLU B 182 33.09 -12.02 -18.19
C GLU B 182 32.10 -13.00 -17.57
N PHE B 183 30.82 -12.66 -17.61
CA PHE B 183 29.77 -13.50 -17.06
C PHE B 183 28.75 -13.81 -18.15
N SER B 184 28.23 -15.04 -18.12
CA SER B 184 27.20 -15.45 -19.06
C SER B 184 25.86 -14.87 -18.67
N ARG B 185 25.11 -14.36 -19.65
CA ARG B 185 23.83 -13.71 -19.40
C ARG B 185 22.75 -14.27 -20.31
N ILE B 186 21.60 -14.59 -19.73
CA ILE B 186 20.40 -14.96 -20.48
C ILE B 186 19.48 -13.74 -20.52
N THR B 187 18.95 -13.46 -21.69
CA THR B 187 17.98 -12.39 -21.89
C THR B 187 16.77 -12.97 -22.60
N VAL B 188 15.59 -12.77 -22.02
CA VAL B 188 14.32 -13.15 -22.64
C VAL B 188 13.47 -11.89 -22.80
N ARG B 189 12.82 -11.77 -23.95
CA ARG B 189 12.00 -10.61 -24.27
C ARG B 189 10.61 -11.07 -24.67
N ILE B 190 9.60 -10.41 -24.13
CA ILE B 190 8.20 -10.63 -24.51
C ILE B 190 7.65 -9.34 -25.08
N ASP B 191 7.16 -9.40 -26.32
CA ASP B 191 6.64 -8.23 -27.00
C ASP B 191 5.12 -8.22 -26.88
N ALA B 192 4.57 -7.03 -26.64
CA ALA B 192 3.13 -6.89 -26.45
C ALA B 192 2.69 -5.51 -26.90
N VAL B 193 1.41 -5.43 -27.26
CA VAL B 193 0.76 -4.17 -27.62
C VAL B 193 -0.41 -3.97 -26.66
N ARG B 194 -0.60 -2.73 -26.23
CA ARG B 194 -1.69 -2.41 -25.33
C ARG B 194 -3.03 -2.57 -26.04
N ASN B 195 -4.01 -3.11 -25.34
CA ASN B 195 -5.38 -3.14 -25.85
C ASN B 195 -5.99 -1.75 -25.69
N PRO B 196 -6.14 -0.98 -26.77
CA PRO B 196 -6.64 0.40 -26.64
C PRO B 196 -8.15 0.55 -26.71
N SER B 197 -8.91 -0.54 -26.64
CA SER B 197 -10.36 -0.45 -26.80
C SER B 197 -10.97 0.45 -25.74
N TYR B 198 -10.61 0.23 -24.47
CA TYR B 198 -11.21 1.00 -23.38
C TYR B 198 -10.89 2.47 -23.50
N TYR B 199 -9.66 2.81 -23.89
CA TYR B 199 -9.25 4.20 -24.00
C TYR B 199 -9.80 4.89 -25.23
N LEU B 200 -10.13 4.13 -26.28
CA LEU B 200 -10.71 4.73 -27.48
C LEU B 200 -12.17 5.09 -27.28
N TRP B 201 -12.95 4.19 -26.68
CA TRP B 201 -14.39 4.39 -26.55
C TRP B 201 -14.78 5.23 -25.34
N SER B 202 -13.96 5.28 -24.31
CA SER B 202 -14.31 5.99 -23.08
C SER B 202 -13.54 7.28 -22.86
N PHE B 203 -12.40 7.47 -23.54
CA PHE B 203 -11.58 8.65 -23.33
C PHE B 203 -11.46 9.50 -24.59
N ILE B 204 -11.01 8.94 -25.71
CA ILE B 204 -10.74 9.76 -26.88
C ILE B 204 -12.06 10.22 -27.53
N LEU B 205 -13.04 9.33 -27.61
CA LEU B 205 -14.29 9.70 -28.27
C LEU B 205 -15.03 10.80 -27.52
N PRO B 206 -15.31 10.69 -26.22
CA PRO B 206 -16.00 11.80 -25.54
C PRO B 206 -15.24 13.12 -25.64
N LEU B 207 -13.90 13.07 -25.59
CA LEU B 207 -13.13 14.29 -25.68
C LEU B 207 -13.27 14.95 -27.05
N GLY B 208 -13.44 14.15 -28.11
CA GLY B 208 -13.70 14.71 -29.42
C GLY B 208 -15.08 15.35 -29.52
N LEU B 209 -16.07 14.76 -28.85
CA LEU B 209 -17.40 15.35 -28.83
C LEU B 209 -17.42 16.65 -28.03
N ILE B 210 -16.65 16.70 -26.94
CA ILE B 210 -16.61 17.92 -26.12
C ILE B 210 -15.93 19.04 -26.89
N ILE B 211 -14.80 18.75 -27.54
CA ILE B 211 -14.09 19.78 -28.30
C ILE B 211 -14.93 20.24 -29.49
N ALA B 212 -15.53 19.29 -30.21
CA ALA B 212 -16.37 19.64 -31.35
C ALA B 212 -17.55 20.50 -30.93
N ALA B 213 -18.22 20.10 -29.85
CA ALA B 213 -19.35 20.88 -29.35
C ALA B 213 -18.94 22.32 -28.99
N SER B 214 -17.70 22.52 -28.56
CA SER B 214 -17.26 23.86 -28.21
C SER B 214 -17.29 24.78 -29.42
N TRP B 215 -17.16 24.23 -30.63
CA TRP B 215 -17.23 25.02 -31.84
C TRP B 215 -18.63 25.56 -32.13
N SER B 216 -19.64 25.15 -31.38
CA SER B 216 -20.99 25.65 -31.60
C SER B 216 -21.18 27.06 -31.07
N VAL B 217 -20.23 27.58 -30.29
CA VAL B 217 -20.37 28.95 -29.77
C VAL B 217 -20.49 29.94 -30.91
N PHE B 218 -19.88 29.65 -32.06
CA PHE B 218 -19.94 30.55 -33.21
C PHE B 218 -21.32 30.57 -33.87
N TRP B 219 -22.23 29.69 -33.45
CA TRP B 219 -23.60 29.68 -33.94
C TRP B 219 -24.55 30.43 -33.02
N LEU B 220 -24.09 30.89 -31.86
CA LEU B 220 -24.89 31.75 -31.01
C LEU B 220 -24.97 33.15 -31.60
N GLU B 221 -26.05 33.86 -31.27
CA GLU B 221 -26.40 35.08 -31.98
C GLU B 221 -25.78 36.34 -31.40
N SER B 222 -25.61 36.41 -30.09
CA SER B 222 -25.06 37.60 -29.44
C SER B 222 -23.65 37.34 -28.94
N PHE B 223 -22.82 38.39 -28.98
CA PHE B 223 -21.47 38.30 -28.44
C PHE B 223 -21.50 37.84 -26.98
N SER B 224 -22.39 38.42 -26.17
CA SER B 224 -22.47 38.02 -24.77
C SER B 224 -22.75 36.54 -24.61
N GLU B 225 -23.51 35.94 -25.54
CA GLU B 225 -23.79 34.52 -25.45
C GLU B 225 -22.57 33.69 -25.83
N ARG B 226 -21.82 34.13 -26.84
CA ARG B 226 -20.66 33.35 -27.28
C ARG B 226 -19.56 33.33 -26.23
N LEU B 227 -19.42 34.40 -25.45
CA LEU B 227 -18.34 34.49 -24.47
C LEU B 227 -18.66 33.68 -23.22
N GLN B 228 -19.85 33.88 -22.65
CA GLN B 228 -20.20 33.19 -21.40
C GLN B 228 -20.32 31.68 -21.61
N THR B 229 -20.71 31.25 -22.82
CA THR B 229 -20.81 29.81 -23.07
C THR B 229 -19.43 29.17 -23.20
N SER B 230 -18.47 29.89 -23.77
CA SER B 230 -17.12 29.36 -23.87
C SER B 230 -16.59 28.98 -22.49
N PHE B 231 -16.89 29.79 -21.47
CA PHE B 231 -16.46 29.47 -20.11
C PHE B 231 -17.10 28.18 -19.61
N THR B 232 -18.32 27.87 -20.05
CA THR B 232 -18.90 26.56 -19.75
C THR B 232 -18.14 25.47 -20.50
N CYS B 233 -17.70 25.76 -21.73
CA CYS B 233 -16.86 24.81 -22.46
C CYS B 233 -15.50 24.65 -21.80
N MET B 234 -14.88 25.77 -21.42
CA MET B 234 -13.62 25.71 -20.70
C MET B 234 -13.77 24.88 -19.43
N LEU B 235 -14.87 25.08 -18.69
CA LEU B 235 -15.13 24.32 -17.48
C LEU B 235 -15.41 22.86 -17.77
N THR B 236 -15.89 22.54 -18.97
CA THR B 236 -16.16 21.15 -19.33
C THR B 236 -14.87 20.39 -19.61
N VAL B 237 -13.85 21.06 -20.15
CA VAL B 237 -12.57 20.41 -20.39
C VAL B 237 -11.83 20.21 -19.07
N VAL B 238 -11.83 21.22 -18.20
CA VAL B 238 -11.26 21.06 -16.87
C VAL B 238 -11.91 19.88 -16.15
N ALA B 239 -13.24 19.80 -16.21
CA ALA B 239 -13.94 18.66 -15.62
C ALA B 239 -13.42 17.36 -16.22
N TYR B 240 -13.21 17.33 -17.53
CA TYR B 240 -12.74 16.12 -18.18
C TYR B 240 -11.29 15.84 -17.85
N ALA B 241 -10.49 16.89 -17.64
CA ALA B 241 -9.09 16.69 -17.28
C ALA B 241 -8.96 15.95 -15.97
N PHE B 242 -9.81 16.29 -15.00
N PHE B 242 -9.81 16.24 -14.99
CA PHE B 242 -9.81 15.62 -13.71
CA PHE B 242 -9.69 15.53 -13.71
C PHE B 242 -10.25 14.16 -13.86
C PHE B 242 -10.59 14.29 -13.64
N TYR B 243 -11.21 13.91 -14.75
CA TYR B 243 -11.69 12.55 -14.96
C TYR B 243 -10.60 11.71 -15.61
N THR B 244 -9.88 12.32 -16.55
CA THR B 244 -8.72 11.68 -17.16
C THR B 244 -7.65 11.35 -16.12
N SER B 245 -7.14 12.38 -15.44
CA SER B 245 -6.03 12.20 -14.51
C SER B 245 -6.28 11.08 -13.52
N ASN B 246 -7.49 11.01 -12.97
CA ASN B 246 -7.80 10.06 -11.92
C ASN B 246 -7.74 8.61 -12.40
N ILE B 247 -7.64 8.38 -13.70
CA ILE B 247 -7.68 7.03 -14.26
C ILE B 247 -6.44 6.71 -15.09
N LEU B 248 -5.93 7.67 -15.84
CA LEU B 248 -4.78 7.41 -16.70
C LEU B 248 -3.52 7.24 -15.85
N PRO B 249 -2.52 6.54 -16.38
CA PRO B 249 -1.29 6.33 -15.62
C PRO B 249 -0.42 7.58 -15.54
N ARG B 250 0.25 7.73 -14.40
CA ARG B 250 1.15 8.85 -14.21
C ARG B 250 2.39 8.69 -15.08
N LEU B 251 2.84 9.80 -15.66
CA LEU B 251 3.96 9.79 -16.59
C LEU B 251 4.72 11.10 -16.47
N PRO B 252 6.01 11.11 -16.78
CA PRO B 252 6.76 12.37 -16.86
C PRO B 252 6.67 13.06 -18.21
N TYR B 253 5.79 12.62 -19.09
CA TYR B 253 5.59 13.25 -20.38
C TYR B 253 4.11 13.16 -20.75
N THR B 254 3.71 13.97 -21.72
CA THR B 254 2.34 13.98 -22.19
C THR B 254 2.10 12.82 -23.15
N THR B 255 0.90 12.26 -23.10
CA THR B 255 0.49 11.21 -24.02
C THR B 255 -0.38 11.81 -25.12
N VAL B 256 -0.96 10.96 -25.95
CA VAL B 256 -1.89 11.43 -26.98
C VAL B 256 -3.10 12.10 -26.35
N ILE B 257 -3.65 11.49 -25.31
CA ILE B 257 -4.82 12.05 -24.63
C ILE B 257 -4.49 13.38 -23.98
N ASP B 258 -3.29 13.50 -23.40
CA ASP B 258 -2.90 14.75 -22.77
C ASP B 258 -2.81 15.87 -23.79
N GLN B 259 -2.36 15.56 -25.01
CA GLN B 259 -2.28 16.58 -26.05
C GLN B 259 -3.65 16.99 -26.56
N MET B 260 -4.61 16.06 -26.57
CA MET B 260 -5.97 16.41 -26.94
C MET B 260 -6.58 17.36 -25.91
N ILE B 261 -6.36 17.09 -24.62
CA ILE B 261 -6.81 18.00 -23.58
C ILE B 261 -6.22 19.39 -23.80
N ILE B 262 -4.92 19.46 -24.10
CA ILE B 262 -4.27 20.74 -24.34
C ILE B 262 -4.87 21.41 -25.58
N ALA B 263 -5.17 20.61 -26.61
CA ALA B 263 -5.74 21.17 -27.85
C ALA B 263 -7.13 21.76 -27.60
N GLY B 264 -7.91 21.13 -26.71
CA GLY B 264 -9.21 21.68 -26.37
C GLY B 264 -9.12 23.00 -25.63
N TYR B 265 -8.16 23.10 -24.70
CA TYR B 265 -7.92 24.38 -24.03
C TYR B 265 -7.59 25.47 -25.05
N GLY B 266 -6.62 25.20 -25.92
CA GLY B 266 -6.23 26.21 -26.91
C GLY B 266 -7.38 26.62 -27.80
N SER B 267 -8.12 25.64 -28.33
CA SER B 267 -9.26 25.94 -29.19
C SER B 267 -10.25 26.88 -28.48
N ILE B 268 -10.74 26.46 -27.31
CA ILE B 268 -11.67 27.28 -26.55
C ILE B 268 -11.08 28.65 -26.28
N PHE B 269 -9.81 28.71 -25.88
CA PHE B 269 -9.17 30.00 -25.62
C PHE B 269 -9.06 30.82 -26.90
N ALA B 270 -8.66 30.18 -28.01
CA ALA B 270 -8.59 30.88 -29.28
C ALA B 270 -9.97 31.39 -29.71
N ALA B 271 -11.03 30.66 -29.37
CA ALA B 271 -12.38 31.12 -29.71
C ALA B 271 -12.76 32.34 -28.88
N ILE B 272 -12.43 32.33 -27.58
CA ILE B 272 -12.67 33.52 -26.76
C ILE B 272 -12.02 34.74 -27.38
N LEU B 273 -10.78 34.60 -27.86
CA LEU B 273 -10.11 35.71 -28.53
C LEU B 273 -10.89 36.13 -29.78
N LEU B 274 -11.19 35.16 -30.66
CA LEU B 274 -11.89 35.47 -31.90
C LEU B 274 -13.23 36.13 -31.61
N ILE B 275 -13.95 35.64 -30.61
CA ILE B 275 -15.24 36.23 -30.24
C ILE B 275 -15.06 37.69 -29.84
N ILE B 276 -14.10 37.96 -28.95
CA ILE B 276 -13.85 39.34 -28.50
C ILE B 276 -13.37 40.19 -29.67
N PHE B 277 -12.42 39.66 -30.44
CA PHE B 277 -11.86 40.40 -31.57
C PHE B 277 -12.97 40.90 -32.50
N ALA B 278 -13.80 39.97 -32.97
CA ALA B 278 -14.85 40.34 -33.92
C ALA B 278 -15.78 41.40 -33.35
N HIS B 279 -16.03 41.37 -32.03
CA HIS B 279 -16.98 42.30 -31.43
C HIS B 279 -16.37 43.66 -31.11
N HIS B 280 -15.04 43.77 -31.07
CA HIS B 280 -14.37 45.04 -30.84
C HIS B 280 -13.38 45.37 -31.95
N ARG B 281 -13.25 44.52 -32.96
CA ARG B 281 -12.27 44.74 -34.03
C ARG B 281 -12.43 46.12 -34.65
N GLN B 282 -13.64 46.44 -35.12
CA GLN B 282 -13.85 47.68 -35.85
C GLN B 282 -13.62 48.92 -34.99
N ALA B 283 -13.48 48.77 -33.67
CA ALA B 283 -13.12 49.86 -32.78
C ALA B 283 -14.04 51.05 -32.94
N ASN B 284 -15.30 50.80 -33.34
CA ASN B 284 -16.27 51.86 -33.54
C ASN B 284 -17.54 51.70 -32.69
N GLY B 285 -17.81 50.51 -32.15
CA GLY B 285 -18.97 50.25 -31.34
C GLY B 285 -20.01 49.39 -32.03
N VAL B 286 -20.04 49.40 -33.36
CA VAL B 286 -20.95 48.57 -34.12
C VAL B 286 -20.18 47.38 -34.69
N GLU B 287 -19.11 46.98 -34.00
CA GLU B 287 -18.29 45.88 -34.46
C GLU B 287 -19.12 44.60 -34.59
N ASP B 288 -19.59 44.31 -35.80
CA ASP B 288 -20.40 43.14 -36.07
C ASP B 288 -19.83 42.41 -37.29
N ASP B 289 -18.58 41.95 -37.15
CA ASP B 289 -17.89 41.26 -38.23
C ASP B 289 -18.52 39.89 -38.46
N LEU B 290 -19.78 39.87 -38.90
CA LEU B 290 -20.46 38.61 -39.15
C LEU B 290 -19.68 37.71 -40.09
N LEU B 291 -18.90 38.31 -40.99
CA LEU B 291 -18.10 37.51 -41.92
C LEU B 291 -17.12 36.62 -41.18
N ILE B 292 -16.41 37.16 -40.19
CA ILE B 292 -15.49 36.35 -39.42
C ILE B 292 -16.25 35.50 -38.41
N GLN B 293 -17.33 36.06 -37.84
CA GLN B 293 -18.21 35.23 -37.02
C GLN B 293 -18.74 34.07 -37.81
N ARG B 294 -18.88 34.23 -39.12
CA ARG B 294 -19.12 33.07 -39.99
C ARG B 294 -17.83 32.30 -40.24
N SER B 295 -17.12 31.94 -39.17
CA SER B 295 -16.02 31.00 -39.21
C SER B 295 -16.40 29.75 -38.42
N ARG B 296 -17.67 29.40 -38.53
CA ARG B 296 -18.17 28.18 -37.93
C ARG B 296 -17.63 26.99 -38.68
N LEU B 297 -17.18 27.22 -39.91
CA LEU B 297 -16.49 26.18 -40.66
C LEU B 297 -14.98 26.38 -40.67
N ALA B 298 -14.51 27.62 -40.61
CA ALA B 298 -13.10 27.90 -40.70
C ALA B 298 -12.36 27.62 -39.40
N PHE B 299 -13.05 27.69 -38.27
CA PHE B 299 -12.41 27.47 -36.99
C PHE B 299 -12.18 25.98 -36.78
N PRO B 300 -13.18 25.11 -37.02
CA PRO B 300 -12.90 23.66 -36.96
C PRO B 300 -11.89 23.21 -37.98
N LEU B 301 -11.85 23.83 -39.17
CA LEU B 301 -10.85 23.47 -40.17
C LEU B 301 -9.47 24.01 -39.81
N GLY B 302 -9.41 25.20 -39.21
CA GLY B 302 -8.14 25.68 -38.69
C GLY B 302 -7.61 24.81 -37.57
N PHE B 303 -8.52 24.35 -36.70
CA PHE B 303 -8.14 23.39 -35.67
C PHE B 303 -7.60 22.11 -36.29
N LEU B 304 -8.39 21.47 -37.15
CA LEU B 304 -7.96 20.23 -37.79
C LEU B 304 -6.66 20.41 -38.55
N ALA B 305 -6.41 21.60 -39.07
CA ALA B 305 -5.16 21.85 -39.78
C ALA B 305 -3.98 21.82 -38.83
N ILE B 306 -4.07 22.57 -37.72
CA ILE B 306 -2.97 22.64 -36.77
C ILE B 306 -2.70 21.27 -36.15
N GLY B 307 -3.75 20.49 -35.93
CA GLY B 307 -3.58 19.19 -35.33
C GLY B 307 -2.91 18.18 -36.25
N SER B 308 -3.10 18.33 -37.56
CA SER B 308 -2.48 17.41 -38.50
C SER B 308 -0.96 17.42 -38.40
N VAL B 309 -0.38 18.57 -38.09
CA VAL B 309 1.07 18.70 -37.94
C VAL B 309 1.51 18.10 -36.61
N PRO C 1 11.54 -55.11 -0.44
CA PRO C 1 10.11 -55.29 -0.21
C PRO C 1 9.33 -53.99 -0.36
N VAL C 2 9.94 -53.02 -1.03
CA VAL C 2 9.37 -51.67 -1.15
C VAL C 2 7.99 -51.74 -1.77
N ASP C 3 7.26 -50.61 -1.71
CA ASP C 3 5.97 -50.46 -2.39
C ASP C 3 6.13 -49.32 -3.39
N ALA C 4 6.14 -49.66 -4.67
CA ALA C 4 6.36 -48.69 -5.74
C ALA C 4 5.07 -48.12 -6.31
N ARG C 5 3.92 -48.52 -5.76
CA ARG C 5 2.66 -47.96 -6.24
C ARG C 5 2.55 -46.48 -5.84
N PRO C 6 1.79 -45.70 -6.59
CA PRO C 6 1.61 -44.29 -6.22
C PRO C 6 0.94 -44.16 -4.86
N VAL C 7 1.30 -43.11 -4.14
CA VAL C 7 0.67 -42.81 -2.85
C VAL C 7 -0.63 -42.07 -3.12
N ASP C 8 -1.74 -42.65 -2.67
CA ASP C 8 -3.05 -42.01 -2.79
C ASP C 8 -3.20 -40.96 -1.70
N VAL C 9 -3.53 -39.73 -2.11
CA VAL C 9 -3.66 -38.60 -1.19
C VAL C 9 -5.10 -38.09 -1.28
N SER C 10 -5.78 -38.09 -0.13
CA SER C 10 -7.13 -37.54 -0.01
C SER C 10 -7.01 -36.11 0.52
N VAL C 11 -7.75 -35.19 -0.09
CA VAL C 11 -7.65 -33.76 0.24
C VAL C 11 -9.02 -33.24 0.65
N SER C 12 -9.04 -32.39 1.67
CA SER C 12 -10.22 -31.63 2.05
C SER C 12 -9.82 -30.15 2.12
N ILE C 13 -10.63 -29.29 1.53
CA ILE C 13 -10.38 -27.85 1.54
C ILE C 13 -11.55 -27.16 2.23
N PHE C 14 -11.25 -26.44 3.31
CA PHE C 14 -12.25 -25.64 4.03
C PHE C 14 -12.03 -24.18 3.64
N ILE C 15 -13.00 -23.60 2.93
CA ILE C 15 -12.91 -22.22 2.48
C ILE C 15 -13.61 -21.33 3.51
N ASN C 16 -12.84 -20.50 4.20
CA ASN C 16 -13.41 -19.57 5.17
C ASN C 16 -14.04 -18.36 4.49
N LYS C 17 -13.36 -17.81 3.48
CA LYS C 17 -13.75 -16.50 2.96
C LYS C 17 -13.10 -16.29 1.60
N ILE C 18 -13.88 -15.70 0.68
CA ILE C 18 -13.39 -15.23 -0.61
C ILE C 18 -13.72 -13.76 -0.71
N TYR C 19 -12.73 -12.93 -1.04
CA TYR C 19 -12.91 -11.48 -0.98
C TYR C 19 -11.75 -10.83 -1.75
N GLY C 20 -11.64 -9.52 -1.60
CA GLY C 20 -10.52 -8.78 -2.15
C GLY C 20 -10.31 -8.97 -3.64
N VAL C 21 -11.39 -9.09 -4.40
CA VAL C 21 -11.25 -9.16 -5.85
C VAL C 21 -10.49 -7.95 -6.35
N ASN C 22 -9.47 -8.19 -7.17
CA ASN C 22 -8.75 -7.14 -7.87
C ASN C 22 -9.03 -7.34 -9.35
N THR C 23 -9.79 -6.42 -9.95
CA THR C 23 -10.32 -6.65 -11.28
C THR C 23 -9.23 -6.55 -12.35
N LEU C 24 -8.37 -5.54 -12.27
CA LEU C 24 -7.34 -5.38 -13.29
C LEU C 24 -6.37 -6.56 -13.29
N GLU C 25 -5.98 -7.03 -12.11
CA GLU C 25 -5.08 -8.16 -12.01
C GLU C 25 -5.80 -9.50 -12.12
N GLN C 26 -7.13 -9.50 -12.08
CA GLN C 26 -7.92 -10.73 -12.12
C GLN C 26 -7.47 -11.70 -11.02
N THR C 27 -7.41 -11.17 -9.80
CA THR C 27 -7.05 -11.97 -8.63
C THR C 27 -8.12 -11.84 -7.56
N TYR C 28 -8.00 -12.68 -6.54
CA TYR C 28 -8.90 -12.68 -5.40
C TYR C 28 -8.19 -13.40 -4.26
N LYS C 29 -8.65 -13.13 -3.05
CA LYS C 29 -8.04 -13.69 -1.85
C LYS C 29 -8.90 -14.81 -1.30
N VAL C 30 -8.25 -15.87 -0.81
CA VAL C 30 -8.94 -17.01 -0.22
C VAL C 30 -8.25 -17.35 1.09
N ASP C 31 -9.05 -17.41 2.16
CA ASP C 31 -8.60 -17.85 3.47
C ASP C 31 -9.28 -19.18 3.78
N GLY C 32 -8.51 -20.15 4.27
CA GLY C 32 -9.10 -21.43 4.57
C GLY C 32 -8.09 -22.40 5.11
N TYR C 33 -8.50 -23.67 5.15
CA TYR C 33 -7.67 -24.77 5.58
C TYR C 33 -7.54 -25.78 4.45
N ILE C 34 -6.36 -26.41 4.37
CA ILE C 34 -6.13 -27.51 3.44
C ILE C 34 -5.72 -28.72 4.27
N VAL C 35 -6.39 -29.85 4.04
CA VAL C 35 -6.13 -31.09 4.77
C VAL C 35 -5.78 -32.15 3.76
N ALA C 36 -4.62 -32.77 3.93
CA ALA C 36 -4.14 -33.83 3.04
C ALA C 36 -3.83 -35.07 3.87
N GLN C 37 -4.28 -36.22 3.39
CA GLN C 37 -4.16 -37.47 4.13
C GLN C 37 -3.64 -38.57 3.22
N TRP C 38 -2.68 -39.35 3.72
CA TRP C 38 -2.16 -40.50 3.01
C TRP C 38 -1.74 -41.54 4.04
N THR C 39 -1.50 -42.76 3.58
CA THR C 39 -1.12 -43.88 4.43
C THR C 39 0.31 -44.28 4.12
N GLY C 40 1.18 -44.23 5.13
CA GLY C 40 2.55 -44.68 5.02
C GLY C 40 2.79 -45.96 5.79
N LYS C 41 4.07 -46.19 6.10
CA LYS C 41 4.43 -47.38 6.87
C LYS C 41 4.05 -47.20 8.33
N PRO C 42 3.47 -48.23 8.98
CA PRO C 42 3.12 -48.09 10.40
C PRO C 42 4.30 -47.65 11.24
N ARG C 43 4.02 -47.17 12.45
CA ARG C 43 5.07 -46.70 13.35
C ARG C 43 4.59 -46.84 14.78
N LYS C 44 5.53 -46.76 15.70
CA LYS C 44 5.20 -46.73 17.13
C LYS C 44 5.09 -45.29 17.58
N THR C 45 4.08 -45.01 18.38
CA THR C 45 3.82 -43.67 18.90
C THR C 45 3.71 -43.73 20.42
N PRO C 46 3.86 -42.59 21.10
CA PRO C 46 3.69 -42.58 22.56
C PRO C 46 2.32 -43.09 22.97
N GLY C 47 2.29 -44.23 23.66
CA GLY C 47 1.04 -44.77 24.16
C GLY C 47 0.15 -45.37 23.10
N ASP C 48 0.69 -45.70 21.93
CA ASP C 48 -0.09 -46.28 20.85
C ASP C 48 -1.29 -45.40 20.51
N LYS C 49 -1.09 -44.09 20.60
CA LYS C 49 -2.10 -43.10 20.30
C LYS C 49 -1.60 -42.17 19.19
N PRO C 50 -2.51 -41.46 18.52
CA PRO C 50 -2.06 -40.54 17.46
C PRO C 50 -1.14 -39.47 18.01
N LEU C 51 -0.09 -39.16 17.25
CA LEU C 51 0.92 -38.21 17.65
C LEU C 51 0.74 -36.90 16.88
N ILE C 52 0.72 -35.79 17.61
CA ILE C 52 0.57 -34.46 17.03
C ILE C 52 1.93 -33.78 17.01
N VAL C 53 2.25 -33.17 15.87
CA VAL C 53 3.50 -32.42 15.68
C VAL C 53 3.13 -31.10 15.03
N GLU C 54 3.44 -29.98 15.69
CA GLU C 54 3.01 -28.66 15.25
C GLU C 54 4.18 -27.85 14.71
N ASN C 55 3.93 -27.15 13.60
CA ASN C 55 4.78 -26.06 13.11
C ASN C 55 6.26 -26.43 13.00
N THR C 56 7.12 -25.79 13.80
CA THR C 56 8.56 -25.98 13.64
C THR C 56 8.95 -27.44 13.82
N GLN C 57 8.31 -28.14 14.75
CA GLN C 57 8.68 -29.53 15.01
C GLN C 57 8.52 -30.39 13.77
N ILE C 58 7.65 -30.00 12.84
CA ILE C 58 7.49 -30.78 11.61
C ILE C 58 8.83 -30.88 10.89
N GLU C 59 9.62 -29.81 10.90
CA GLU C 59 10.90 -29.82 10.20
C GLU C 59 11.83 -30.87 10.77
N ARG C 60 11.79 -31.11 12.08
CA ARG C 60 12.66 -32.11 12.69
C ARG C 60 12.32 -33.50 12.16
N TRP C 61 11.03 -33.77 11.91
CA TRP C 61 10.63 -35.09 11.43
C TRP C 61 11.02 -35.29 9.98
N ILE C 62 10.95 -34.24 9.17
CA ILE C 62 11.38 -34.36 7.77
C ILE C 62 12.88 -34.66 7.70
N ASN C 63 13.67 -34.06 8.59
CA ASN C 63 15.10 -34.35 8.63
C ASN C 63 15.36 -35.82 8.98
N ASN C 64 14.48 -36.42 9.77
CA ASN C 64 14.61 -37.83 10.15
C ASN C 64 14.10 -38.78 9.08
N GLY C 65 13.68 -38.27 7.92
CA GLY C 65 13.25 -39.11 6.82
C GLY C 65 11.75 -39.18 6.59
N LEU C 66 10.94 -38.49 7.40
CA LEU C 66 9.50 -38.51 7.19
C LEU C 66 9.15 -37.79 5.88
N TRP C 67 8.39 -38.48 5.04
CA TRP C 67 8.03 -37.94 3.73
C TRP C 67 6.82 -37.02 3.88
N VAL C 68 7.02 -35.74 3.58
CA VAL C 68 5.93 -34.76 3.63
C VAL C 68 5.98 -33.94 2.35
N PRO C 69 5.24 -34.31 1.31
CA PRO C 69 5.42 -33.67 0.00
C PRO C 69 4.83 -32.29 -0.07
N ALA C 70 5.50 -31.43 -0.83
CA ALA C 70 5.00 -30.07 -1.07
C ALA C 70 3.89 -30.09 -2.10
N LEU C 71 2.75 -29.48 -1.75
CA LEU C 71 1.62 -29.36 -2.66
C LEU C 71 1.47 -27.90 -3.03
N GLU C 72 1.65 -27.59 -4.32
CA GLU C 72 1.65 -26.21 -4.77
C GLU C 72 0.26 -25.78 -5.22
N PHE C 73 -0.11 -24.55 -4.87
CA PHE C 73 -1.27 -23.91 -5.47
C PHE C 73 -0.84 -23.39 -6.84
N ILE C 74 -1.35 -24.01 -7.91
CA ILE C 74 -0.93 -23.65 -9.25
C ILE C 74 -1.29 -22.20 -9.56
N ASN C 75 -2.46 -21.74 -9.10
CA ASN C 75 -2.96 -20.43 -9.46
C ASN C 75 -2.84 -19.43 -8.31
N VAL C 76 -1.96 -19.68 -7.35
CA VAL C 76 -1.67 -18.69 -6.32
C VAL C 76 -0.69 -17.67 -6.89
N VAL C 77 -0.74 -16.45 -6.37
CA VAL C 77 0.15 -15.38 -6.78
C VAL C 77 1.07 -15.11 -5.61
N GLY C 78 2.36 -15.41 -5.78
CA GLY C 78 3.32 -15.30 -4.71
C GLY C 78 3.18 -16.43 -3.71
N SER C 79 4.00 -16.36 -2.66
CA SER C 79 3.94 -17.37 -1.60
C SER C 79 2.71 -17.10 -0.74
N PRO C 80 1.81 -18.07 -0.57
CA PRO C 80 0.67 -17.85 0.32
C PRO C 80 1.10 -17.71 1.76
N ASP C 81 0.27 -17.03 2.54
CA ASP C 81 0.55 -16.78 3.95
C ASP C 81 0.06 -17.99 4.75
N THR C 82 0.96 -18.94 4.97
CA THR C 82 0.63 -20.15 5.73
C THR C 82 0.66 -19.83 7.21
N GLY C 83 -0.45 -20.07 7.89
CA GLY C 83 -0.51 -19.90 9.33
C GLY C 83 -0.08 -21.16 10.04
N ASN C 84 -0.83 -21.56 11.08
CA ASN C 84 -0.50 -22.79 11.78
C ASN C 84 -0.57 -23.97 10.82
N LYS C 85 0.31 -24.95 11.05
CA LYS C 85 0.30 -26.20 10.31
C LYS C 85 0.61 -27.33 11.29
N ARG C 86 0.14 -28.52 10.96
CA ARG C 86 0.23 -29.63 11.90
C ARG C 86 0.26 -30.95 11.15
N LEU C 87 0.90 -31.94 11.76
CA LEU C 87 0.88 -33.32 11.30
C LEU C 87 0.27 -34.19 12.39
N MET C 88 -0.48 -35.21 11.97
CA MET C 88 -1.00 -36.22 12.88
C MET C 88 -0.54 -37.59 12.38
N LEU C 89 0.24 -38.28 13.21
CA LEU C 89 0.83 -39.56 12.84
C LEU C 89 0.16 -40.68 13.64
N PHE C 90 -0.46 -41.62 12.94
CA PHE C 90 -1.14 -42.73 13.59
C PHE C 90 -0.26 -43.97 13.59
N PRO C 91 -0.45 -44.88 14.55
CA PRO C 91 0.39 -46.09 14.57
C PRO C 91 0.23 -46.95 13.32
N ASP C 92 -0.99 -47.04 12.79
CA ASP C 92 -1.25 -47.89 11.63
C ASP C 92 -0.63 -47.34 10.34
N GLY C 93 -0.05 -46.14 10.36
CA GLY C 93 0.64 -45.58 9.22
C GLY C 93 0.00 -44.36 8.62
N ARG C 94 -1.21 -43.98 9.04
CA ARG C 94 -1.86 -42.80 8.50
C ARG C 94 -1.04 -41.55 8.83
N VAL C 95 -1.03 -40.60 7.90
CA VAL C 95 -0.43 -39.29 8.08
C VAL C 95 -1.43 -38.25 7.57
N ILE C 96 -1.76 -37.28 8.41
CA ILE C 96 -2.65 -36.19 8.04
C ILE C 96 -1.89 -34.89 8.20
N TYR C 97 -1.87 -34.08 7.15
CA TYR C 97 -1.29 -32.74 7.16
C TYR C 97 -2.42 -31.73 7.08
N ASN C 98 -2.36 -30.71 7.94
CA ASN C 98 -3.40 -29.69 8.01
C ASN C 98 -2.74 -28.33 8.16
N ALA C 99 -3.27 -27.33 7.45
CA ALA C 99 -2.66 -26.01 7.46
C ALA C 99 -3.70 -24.94 7.15
N ARG C 100 -3.64 -23.84 7.90
CA ARG C 100 -4.35 -22.62 7.56
C ARG C 100 -3.56 -21.88 6.48
N PHE C 101 -4.27 -21.32 5.50
CA PHE C 101 -3.60 -20.57 4.44
C PHE C 101 -4.40 -19.33 4.08
N LEU C 102 -3.67 -18.28 3.68
CA LEU C 102 -4.25 -17.11 3.04
C LEU C 102 -3.41 -16.82 1.80
N GLY C 103 -4.07 -16.75 0.66
CA GLY C 103 -3.36 -16.50 -0.59
C GLY C 103 -4.20 -15.70 -1.56
N SER C 104 -3.51 -15.08 -2.51
CA SER C 104 -4.14 -14.42 -3.64
C SER C 104 -4.08 -15.35 -4.84
N PHE C 105 -5.23 -15.56 -5.49
CA PHE C 105 -5.34 -16.52 -6.57
C PHE C 105 -5.81 -15.82 -7.84
N SER C 106 -5.28 -16.27 -8.98
CA SER C 106 -5.61 -15.69 -10.27
C SER C 106 -6.56 -16.62 -11.03
N ASN C 107 -7.31 -16.03 -11.94
N ASN C 107 -7.28 -16.03 -11.98
CA ASN C 107 -8.19 -16.80 -12.81
CA ASN C 107 -8.30 -16.74 -12.74
C ASN C 107 -8.68 -15.88 -13.92
C ASN C 107 -8.69 -15.86 -13.91
N ASP C 108 -9.29 -16.47 -14.93
CA ASP C 108 -9.84 -15.74 -16.06
C ASP C 108 -11.18 -15.15 -15.63
N MET C 109 -11.23 -13.83 -15.46
CA MET C 109 -12.43 -13.14 -15.00
C MET C 109 -12.85 -12.14 -16.07
N ASP C 110 -14.16 -12.12 -16.36
CA ASP C 110 -14.73 -11.27 -17.41
C ASP C 110 -15.75 -10.36 -16.76
N PHE C 111 -15.46 -9.06 -16.72
CA PHE C 111 -16.30 -8.08 -16.05
C PHE C 111 -17.07 -7.20 -17.03
N ARG C 112 -17.19 -7.62 -18.29
CA ARG C 112 -17.84 -6.78 -19.29
C ARG C 112 -19.30 -6.53 -18.96
N LEU C 113 -19.99 -7.55 -18.44
CA LEU C 113 -21.39 -7.40 -18.04
C LEU C 113 -21.54 -6.76 -16.67
N PHE C 114 -20.46 -6.25 -16.08
CA PHE C 114 -20.55 -5.55 -14.81
C PHE C 114 -21.64 -4.48 -14.89
N PRO C 115 -22.48 -4.32 -13.84
CA PRO C 115 -22.45 -4.98 -12.54
C PRO C 115 -23.28 -6.26 -12.43
N PHE C 116 -23.59 -6.90 -13.57
CA PHE C 116 -24.40 -8.12 -13.59
C PHE C 116 -23.56 -9.33 -13.96
N ASP C 117 -22.28 -9.33 -13.60
CA ASP C 117 -21.36 -10.37 -14.00
C ASP C 117 -21.40 -11.55 -13.05
N ARG C 118 -21.09 -12.73 -13.58
CA ARG C 118 -20.90 -13.94 -12.80
C ARG C 118 -19.46 -14.40 -12.95
N GLN C 119 -18.88 -14.93 -11.88
CA GLN C 119 -17.49 -15.33 -11.87
C GLN C 119 -17.33 -16.74 -11.34
N GLN C 120 -16.25 -17.39 -11.75
CA GLN C 120 -15.86 -18.71 -11.28
C GLN C 120 -14.53 -18.56 -10.53
N PHE C 121 -14.60 -18.59 -9.20
CA PHE C 121 -13.39 -18.57 -8.38
C PHE C 121 -12.83 -19.98 -8.27
N VAL C 122 -11.56 -20.15 -8.64
CA VAL C 122 -10.97 -21.46 -8.83
C VAL C 122 -9.76 -21.63 -7.93
N LEU C 123 -9.61 -22.83 -7.38
CA LEU C 123 -8.39 -23.26 -6.71
C LEU C 123 -7.82 -24.47 -7.45
N GLU C 124 -6.55 -24.39 -7.82
CA GLU C 124 -5.88 -25.49 -8.51
C GLU C 124 -4.70 -25.95 -7.66
N LEU C 125 -4.68 -27.25 -7.36
CA LEU C 125 -3.70 -27.84 -6.47
C LEU C 125 -2.98 -28.98 -7.18
N GLU C 126 -1.67 -29.07 -6.97
CA GLU C 126 -0.87 -30.08 -7.66
C GLU C 126 0.40 -30.31 -6.85
N PRO C 127 0.92 -31.54 -6.82
CA PRO C 127 2.22 -31.75 -6.15
C PRO C 127 3.32 -31.02 -6.90
N PHE C 128 4.24 -30.44 -6.14
CA PHE C 128 5.32 -29.66 -6.75
C PHE C 128 6.40 -30.52 -7.37
N SER C 129 6.62 -31.73 -6.84
CA SER C 129 7.79 -32.53 -7.24
C SER C 129 7.47 -33.97 -7.64
N TYR C 130 6.27 -34.47 -7.36
CA TYR C 130 5.98 -35.89 -7.49
C TYR C 130 4.94 -36.09 -8.58
N ASN C 131 5.28 -36.86 -9.60
CA ASN C 131 4.35 -37.18 -10.68
C ASN C 131 3.31 -38.19 -10.18
N ASN C 132 2.33 -38.48 -11.05
CA ASN C 132 1.24 -39.36 -10.66
C ASN C 132 1.65 -40.83 -10.57
N GLN C 133 2.91 -41.16 -10.86
CA GLN C 133 3.42 -42.49 -10.53
C GLN C 133 3.86 -42.57 -9.07
N GLN C 134 4.15 -41.43 -8.46
CA GLN C 134 4.56 -41.37 -7.06
C GLN C 134 3.49 -40.80 -6.14
N LEU C 135 2.69 -39.86 -6.63
CA LEU C 135 1.68 -39.20 -5.81
C LEU C 135 0.50 -38.84 -6.68
N ARG C 136 -0.68 -39.39 -6.37
CA ARG C 136 -1.90 -39.10 -7.11
C ARG C 136 -3.03 -38.78 -6.15
N PHE C 137 -3.85 -37.81 -6.52
CA PHE C 137 -4.99 -37.42 -5.69
C PHE C 137 -6.14 -38.40 -5.90
N SER C 138 -6.68 -38.91 -4.79
CA SER C 138 -7.76 -39.89 -4.84
C SER C 138 -9.14 -39.28 -4.67
N ASP C 139 -9.27 -38.19 -3.92
CA ASP C 139 -10.57 -37.55 -3.79
C ASP C 139 -10.39 -36.14 -3.25
N ILE C 140 -11.42 -35.31 -3.44
CA ILE C 140 -11.41 -33.92 -3.03
C ILE C 140 -12.79 -33.56 -2.51
N GLN C 141 -12.85 -33.00 -1.32
CA GLN C 141 -14.08 -32.51 -0.71
C GLN C 141 -13.89 -31.06 -0.29
N VAL C 142 -14.92 -30.25 -0.48
CA VAL C 142 -14.85 -28.82 -0.22
C VAL C 142 -15.99 -28.43 0.69
N TYR C 143 -15.68 -27.70 1.75
CA TYR C 143 -16.68 -27.20 2.70
C TYR C 143 -16.58 -25.69 2.74
N THR C 144 -17.70 -25.00 2.62
CA THR C 144 -17.75 -23.55 2.56
C THR C 144 -18.44 -22.99 3.80
N GLU C 145 -18.63 -21.68 3.80
CA GLU C 145 -19.22 -20.98 4.94
C GLU C 145 -20.74 -21.14 4.95
N ASN C 146 -21.31 -21.20 6.16
CA ASN C 146 -22.75 -21.20 6.33
C ASN C 146 -23.25 -19.75 6.32
N ILE C 147 -24.12 -19.44 5.36
CA ILE C 147 -24.57 -18.07 5.12
C ILE C 147 -25.91 -17.85 5.83
N ASP C 148 -26.05 -16.70 6.47
CA ASP C 148 -27.31 -16.31 7.11
C ASP C 148 -28.18 -15.55 6.12
N ASN C 149 -27.77 -14.33 5.76
CA ASN C 149 -28.49 -13.50 4.80
C ASN C 149 -27.49 -12.98 3.77
N GLU C 150 -27.84 -13.14 2.50
CA GLU C 150 -26.95 -12.79 1.40
C GLU C 150 -27.13 -11.36 0.90
N GLU C 151 -28.17 -10.65 1.36
CA GLU C 151 -28.39 -9.29 0.89
C GLU C 151 -27.25 -8.35 1.27
N ILE C 152 -26.48 -8.68 2.31
CA ILE C 152 -25.37 -7.83 2.74
C ILE C 152 -24.07 -8.16 2.05
N ASP C 153 -23.98 -9.31 1.38
CA ASP C 153 -22.73 -9.77 0.78
C ASP C 153 -22.58 -9.29 -0.64
N GLU C 154 -21.33 -9.01 -1.04
CA GLU C 154 -21.05 -8.51 -2.37
C GLU C 154 -21.36 -9.57 -3.43
N TRP C 155 -21.14 -10.84 -3.12
CA TRP C 155 -21.33 -11.93 -4.07
C TRP C 155 -22.29 -12.96 -3.50
N TRP C 156 -23.02 -13.62 -4.39
CA TRP C 156 -23.99 -14.65 -4.03
C TRP C 156 -23.56 -15.97 -4.64
N ILE C 157 -23.39 -16.99 -3.81
CA ILE C 157 -22.85 -18.27 -4.25
C ILE C 157 -24.00 -19.12 -4.76
N ARG C 158 -24.02 -19.36 -6.07
CA ARG C 158 -25.08 -20.12 -6.71
C ARG C 158 -24.57 -21.54 -6.99
N GLY C 159 -25.07 -22.49 -6.22
CA GLY C 159 -24.73 -23.89 -6.40
C GLY C 159 -23.59 -24.32 -5.48
N LYS C 160 -23.49 -25.64 -5.30
CA LYS C 160 -22.43 -26.20 -4.49
C LYS C 160 -21.09 -26.12 -5.22
N ALA C 161 -20.02 -26.33 -4.47
CA ALA C 161 -18.68 -26.26 -5.04
C ALA C 161 -18.42 -27.44 -5.97
N SER C 162 -17.96 -27.15 -7.18
CA SER C 162 -17.61 -28.18 -8.15
C SER C 162 -16.14 -28.56 -7.98
N THR C 163 -15.84 -29.83 -8.25
CA THR C 163 -14.49 -30.35 -8.09
C THR C 163 -14.13 -31.22 -9.29
N HIS C 164 -12.83 -31.30 -9.56
CA HIS C 164 -12.30 -32.15 -10.60
C HIS C 164 -10.97 -32.74 -10.14
N ILE C 165 -10.65 -33.93 -10.64
CA ILE C 165 -9.34 -34.54 -10.47
C ILE C 165 -8.89 -35.00 -11.85
N SER C 166 -7.84 -34.38 -12.38
CA SER C 166 -7.36 -34.65 -13.72
C SER C 166 -5.86 -34.87 -13.68
N ASP C 167 -5.30 -35.17 -14.84
CA ASP C 167 -3.86 -35.36 -15.00
C ASP C 167 -3.31 -34.30 -15.94
N ILE C 168 -2.15 -33.75 -15.57
CA ILE C 168 -1.47 -32.74 -16.36
C ILE C 168 -0.18 -33.37 -16.90
N ARG C 169 -0.04 -33.38 -18.23
CA ARG C 169 1.12 -33.97 -18.89
C ARG C 169 1.98 -32.86 -19.43
N TYR C 170 3.26 -32.86 -19.04
CA TYR C 170 4.20 -31.81 -19.39
C TYR C 170 5.18 -32.32 -20.44
N ASP C 171 5.26 -31.62 -21.57
CA ASP C 171 6.16 -32.02 -22.63
C ASP C 171 7.61 -31.73 -22.27
N HIS C 172 7.86 -30.62 -21.56
CA HIS C 172 9.23 -30.20 -21.30
C HIS C 172 10.00 -31.19 -20.44
N LEU C 173 9.32 -32.12 -19.78
CA LEU C 173 10.01 -33.14 -18.97
C LEU C 173 10.51 -34.26 -19.86
N GLN C 177 12.48 -40.99 -17.62
CA GLN C 177 11.86 -42.25 -18.00
C GLN C 177 10.46 -41.99 -18.56
N PRO C 178 9.94 -42.92 -19.35
CA PRO C 178 8.57 -42.77 -19.85
C PRO C 178 7.55 -42.82 -18.72
N ASN C 179 6.44 -42.11 -18.91
CA ASN C 179 5.33 -42.08 -17.97
C ASN C 179 5.69 -41.37 -16.67
N GLN C 180 6.68 -40.48 -16.69
CA GLN C 180 7.07 -39.71 -15.52
C GLN C 180 6.80 -38.22 -15.69
N ASN C 181 6.06 -37.83 -16.73
CA ASN C 181 5.84 -36.43 -17.06
C ASN C 181 4.41 -35.98 -16.78
N GLU C 182 3.73 -36.65 -15.84
CA GLU C 182 2.31 -36.45 -15.62
C GLU C 182 2.04 -36.25 -14.14
N PHE C 183 1.36 -35.15 -13.80
CA PHE C 183 1.08 -34.79 -12.41
C PHE C 183 -0.42 -34.79 -12.16
N SER C 184 -0.81 -35.22 -10.96
CA SER C 184 -2.21 -35.23 -10.56
C SER C 184 -2.61 -33.85 -10.06
N ARG C 185 -3.77 -33.37 -10.53
CA ARG C 185 -4.23 -32.02 -10.21
C ARG C 185 -5.67 -32.05 -9.68
N ILE C 186 -5.89 -31.27 -8.62
CA ILE C 186 -7.23 -31.00 -8.10
C ILE C 186 -7.65 -29.62 -8.56
N THR C 187 -8.92 -29.50 -8.96
CA THR C 187 -9.51 -28.21 -9.31
C THR C 187 -10.81 -28.04 -8.54
N VAL C 188 -10.94 -26.90 -7.86
CA VAL C 188 -12.16 -26.53 -7.17
C VAL C 188 -12.72 -25.29 -7.86
N ARG C 189 -14.04 -25.20 -7.95
CA ARG C 189 -14.70 -24.07 -8.59
C ARG C 189 -15.89 -23.63 -7.77
N ILE C 190 -15.94 -22.33 -7.46
CA ILE C 190 -17.04 -21.72 -6.71
C ILE C 190 -17.71 -20.71 -7.63
N ASP C 191 -18.92 -21.00 -8.07
CA ASP C 191 -19.66 -20.09 -8.93
C ASP C 191 -20.34 -19.03 -8.08
N ALA C 192 -20.22 -17.78 -8.50
CA ALA C 192 -20.79 -16.66 -7.76
C ALA C 192 -21.38 -15.65 -8.74
N VAL C 193 -22.29 -14.82 -8.21
CA VAL C 193 -22.95 -13.77 -8.98
C VAL C 193 -22.87 -12.49 -8.16
N ARG C 194 -22.55 -11.38 -8.81
CA ARG C 194 -22.41 -10.12 -8.11
C ARG C 194 -23.77 -9.60 -7.64
N ASN C 195 -23.75 -8.81 -6.58
CA ASN C 195 -24.94 -8.15 -6.06
C ASN C 195 -25.14 -6.82 -6.78
N PRO C 196 -26.01 -6.76 -7.79
CA PRO C 196 -26.15 -5.51 -8.57
C PRO C 196 -26.91 -4.40 -7.83
N SER C 197 -27.39 -4.65 -6.62
CA SER C 197 -28.22 -3.67 -5.92
C SER C 197 -27.52 -2.31 -5.85
N TYR C 198 -26.36 -2.26 -5.20
CA TYR C 198 -25.69 -0.98 -4.98
C TYR C 198 -25.49 -0.21 -6.28
N TYR C 199 -25.15 -0.93 -7.35
CA TYR C 199 -24.83 -0.27 -8.62
C TYR C 199 -26.07 0.18 -9.37
N LEU C 200 -27.22 -0.44 -9.13
CA LEU C 200 -28.45 -0.03 -9.80
C LEU C 200 -29.00 1.26 -9.22
N TRP C 201 -28.96 1.41 -7.90
CA TRP C 201 -29.60 2.54 -7.22
C TRP C 201 -28.70 3.77 -7.15
N SER C 202 -27.40 3.59 -6.93
CA SER C 202 -26.51 4.72 -6.74
C SER C 202 -25.82 5.16 -8.02
N PHE C 203 -25.79 4.31 -9.05
CA PHE C 203 -25.06 4.61 -10.28
C PHE C 203 -25.94 4.63 -11.51
N ILE C 204 -26.65 3.53 -11.79
CA ILE C 204 -27.44 3.45 -13.02
C ILE C 204 -28.64 4.37 -12.95
N LEU C 205 -29.42 4.29 -11.88
CA LEU C 205 -30.64 5.11 -11.78
C LEU C 205 -30.32 6.60 -11.86
N PRO C 206 -29.44 7.17 -11.05
CA PRO C 206 -29.12 8.60 -11.22
C PRO C 206 -28.64 8.95 -12.61
N LEU C 207 -27.94 8.03 -13.28
CA LEU C 207 -27.47 8.31 -14.63
C LEU C 207 -28.63 8.35 -15.62
N GLY C 208 -29.67 7.54 -15.39
CA GLY C 208 -30.84 7.61 -16.26
C GLY C 208 -31.58 8.92 -16.12
N LEU C 209 -31.83 9.35 -14.88
CA LEU C 209 -32.49 10.64 -14.66
C LEU C 209 -31.71 11.77 -15.33
N ILE C 210 -30.37 11.67 -15.34
CA ILE C 210 -29.55 12.69 -15.98
C ILE C 210 -29.77 12.68 -17.49
N ILE C 211 -29.66 11.51 -18.12
CA ILE C 211 -29.86 11.43 -19.56
C ILE C 211 -31.28 11.87 -19.91
N ALA C 212 -32.27 11.30 -19.22
CA ALA C 212 -33.65 11.72 -19.44
C ALA C 212 -33.82 13.21 -19.24
N ALA C 213 -33.30 13.74 -18.12
CA ALA C 213 -33.40 15.17 -17.87
C ALA C 213 -32.80 15.99 -19.00
N SER C 214 -31.79 15.45 -19.69
CA SER C 214 -31.20 16.19 -20.80
C SER C 214 -32.13 16.26 -22.02
N TRP C 215 -33.08 15.35 -22.12
CA TRP C 215 -34.08 15.42 -23.19
C TRP C 215 -35.02 16.60 -23.03
N SER C 216 -35.03 17.25 -21.87
CA SER C 216 -35.94 18.36 -21.62
C SER C 216 -35.52 19.64 -22.33
N VAL C 217 -34.33 19.67 -22.94
CA VAL C 217 -33.91 20.86 -23.67
C VAL C 217 -34.83 21.16 -24.82
N PHE C 218 -35.54 20.15 -25.34
CA PHE C 218 -36.47 20.36 -26.44
C PHE C 218 -37.71 21.15 -26.02
N TRP C 219 -37.96 21.25 -24.72
CA TRP C 219 -39.11 21.98 -24.21
C TRP C 219 -38.82 23.44 -23.92
N LEU C 220 -37.63 23.92 -24.24
CA LEU C 220 -37.29 25.33 -24.08
C LEU C 220 -37.70 26.10 -25.33
N GLU C 221 -38.12 27.34 -25.12
CA GLU C 221 -38.76 28.15 -26.17
C GLU C 221 -37.81 29.20 -26.73
N SER C 222 -36.58 28.79 -27.05
CA SER C 222 -35.59 29.70 -27.61
C SER C 222 -34.35 28.90 -27.98
N PHE C 223 -33.80 29.18 -29.16
CA PHE C 223 -32.56 28.53 -29.59
C PHE C 223 -31.45 28.75 -28.57
N SER C 224 -31.28 29.99 -28.11
CA SER C 224 -30.22 30.29 -27.16
C SER C 224 -30.36 29.42 -25.91
N GLU C 225 -31.58 29.29 -25.40
CA GLU C 225 -31.80 28.49 -24.20
C GLU C 225 -31.56 27.01 -24.46
N ARG C 226 -31.91 26.54 -25.66
CA ARG C 226 -31.76 25.12 -25.97
C ARG C 226 -30.28 24.74 -26.09
N LEU C 227 -29.49 25.58 -26.74
CA LEU C 227 -28.08 25.25 -26.97
C LEU C 227 -27.23 25.45 -25.72
N GLN C 228 -27.56 26.44 -24.89
CA GLN C 228 -26.76 26.71 -23.69
C GLN C 228 -27.02 25.66 -22.61
N THR C 229 -28.29 25.34 -22.37
CA THR C 229 -28.62 24.32 -21.36
C THR C 229 -28.01 22.97 -21.73
N SER C 230 -27.91 22.67 -23.02
CA SER C 230 -27.28 21.42 -23.45
C SER C 230 -25.85 21.32 -22.92
N PHE C 231 -25.14 22.45 -22.87
CA PHE C 231 -23.76 22.44 -22.37
C PHE C 231 -23.72 22.12 -20.89
N THR C 232 -24.68 22.64 -20.11
CA THR C 232 -24.77 22.27 -18.71
C THR C 232 -25.07 20.79 -18.57
N CYS C 233 -25.90 20.23 -19.48
CA CYS C 233 -26.16 18.80 -19.48
C CYS C 233 -24.88 18.02 -19.76
N MET C 234 -24.17 18.37 -20.82
CA MET C 234 -22.87 17.77 -21.11
C MET C 234 -21.97 17.84 -19.88
N LEU C 235 -21.87 19.01 -19.26
CA LEU C 235 -21.05 19.15 -18.07
C LEU C 235 -21.53 18.23 -16.95
N THR C 236 -22.83 17.94 -16.91
CA THR C 236 -23.36 17.07 -15.86
C THR C 236 -23.02 15.61 -16.10
N VAL C 237 -22.93 15.19 -17.37
CA VAL C 237 -22.50 13.82 -17.66
C VAL C 237 -21.03 13.64 -17.33
N VAL C 238 -20.20 14.64 -17.66
CA VAL C 238 -18.77 14.57 -17.37
C VAL C 238 -18.56 14.54 -15.86
N ALA C 239 -19.23 15.43 -15.13
CA ALA C 239 -19.14 15.41 -13.68
C ALA C 239 -19.56 14.06 -13.12
N TYR C 240 -20.45 13.35 -13.82
CA TYR C 240 -20.89 12.04 -13.36
C TYR C 240 -19.91 10.95 -13.72
N ALA C 241 -19.24 11.07 -14.87
CA ALA C 241 -18.21 10.10 -15.23
C ALA C 241 -17.08 10.05 -14.22
N PHE C 242 -16.74 11.20 -13.63
CA PHE C 242 -15.73 11.23 -12.58
C PHE C 242 -16.22 10.50 -11.34
N TYR C 243 -17.44 10.81 -10.89
CA TYR C 243 -17.98 10.15 -9.71
C TYR C 243 -17.96 8.64 -9.86
N THR C 244 -18.29 8.13 -11.05
CA THR C 244 -18.32 6.69 -11.26
C THR C 244 -16.91 6.11 -11.29
N SER C 245 -16.02 6.67 -12.12
CA SER C 245 -14.67 6.13 -12.24
C SER C 245 -13.96 6.11 -10.89
N ASN C 246 -14.28 7.06 -10.00
CA ASN C 246 -13.65 7.14 -8.70
C ASN C 246 -14.04 6.00 -7.77
N ILE C 247 -15.03 5.18 -8.14
CA ILE C 247 -15.56 4.16 -7.25
C ILE C 247 -15.55 2.79 -7.93
N LEU C 248 -15.95 2.76 -9.21
CA LEU C 248 -16.06 1.50 -9.92
C LEU C 248 -14.68 0.94 -10.23
N PRO C 249 -14.57 -0.37 -10.45
CA PRO C 249 -13.26 -0.99 -10.61
C PRO C 249 -12.63 -0.67 -11.96
N ARG C 250 -11.30 -0.66 -11.97
CA ARG C 250 -10.53 -0.41 -13.18
C ARG C 250 -10.48 -1.68 -14.04
N LEU C 251 -10.60 -1.50 -15.35
CA LEU C 251 -10.66 -2.61 -16.29
C LEU C 251 -9.99 -2.18 -17.59
N PRO C 252 -9.59 -3.13 -18.42
CA PRO C 252 -9.10 -2.80 -19.78
C PRO C 252 -10.17 -2.75 -20.85
N TYR C 253 -11.46 -2.74 -20.47
CA TYR C 253 -12.55 -2.69 -21.43
C TYR C 253 -13.70 -1.92 -20.79
N THR C 254 -14.72 -1.63 -21.61
CA THR C 254 -15.89 -0.92 -21.11
C THR C 254 -16.87 -1.88 -20.44
N THR C 255 -17.64 -1.35 -19.50
CA THR C 255 -18.67 -2.09 -18.81
C THR C 255 -20.04 -1.67 -19.35
N VAL C 256 -21.11 -2.04 -18.63
CA VAL C 256 -22.44 -1.60 -19.00
C VAL C 256 -22.63 -0.13 -18.62
N ILE C 257 -22.10 0.28 -17.47
CA ILE C 257 -22.23 1.66 -17.04
C ILE C 257 -21.44 2.59 -17.95
N ASP C 258 -20.25 2.14 -18.40
CA ASP C 258 -19.46 2.97 -19.30
C ASP C 258 -20.19 3.24 -20.61
N GLN C 259 -20.99 2.27 -21.09
CA GLN C 259 -21.72 2.47 -22.34
C GLN C 259 -22.86 3.45 -22.16
N MET C 260 -23.58 3.37 -21.04
CA MET C 260 -24.59 4.37 -20.72
C MET C 260 -23.99 5.78 -20.79
N ILE C 261 -22.85 5.97 -20.13
CA ILE C 261 -22.18 7.26 -20.12
C ILE C 261 -21.89 7.71 -21.56
N ILE C 262 -21.37 6.79 -22.38
CA ILE C 262 -21.14 7.13 -23.79
C ILE C 262 -22.45 7.46 -24.47
N ALA C 263 -23.51 6.69 -24.19
CA ALA C 263 -24.81 7.00 -24.76
C ALA C 263 -25.25 8.41 -24.37
N GLY C 264 -25.01 8.80 -23.12
CA GLY C 264 -25.33 10.15 -22.70
C GLY C 264 -24.58 11.20 -23.50
N TYR C 265 -23.26 11.04 -23.62
CA TYR C 265 -22.47 11.93 -24.46
C TYR C 265 -23.05 12.03 -25.87
N GLY C 266 -23.40 10.87 -26.45
CA GLY C 266 -23.93 10.86 -27.80
C GLY C 266 -25.28 11.54 -27.90
N SER C 267 -26.15 11.29 -26.92
CA SER C 267 -27.46 11.94 -26.92
C SER C 267 -27.32 13.46 -26.88
N ILE C 268 -26.57 13.98 -25.92
CA ILE C 268 -26.44 15.42 -25.77
C ILE C 268 -25.75 16.03 -26.99
N PHE C 269 -24.76 15.32 -27.54
CA PHE C 269 -24.08 15.84 -28.73
C PHE C 269 -25.01 15.83 -29.93
N ALA C 270 -25.79 14.75 -30.10
CA ALA C 270 -26.75 14.69 -31.18
C ALA C 270 -27.79 15.80 -31.07
N ALA C 271 -28.30 16.03 -29.86
CA ALA C 271 -29.27 17.09 -29.66
C ALA C 271 -28.68 18.45 -30.03
N ILE C 272 -27.40 18.67 -29.73
CA ILE C 272 -26.77 19.94 -30.08
C ILE C 272 -26.76 20.14 -31.58
N LEU C 273 -26.52 19.07 -32.35
CA LEU C 273 -26.53 19.19 -33.80
C LEU C 273 -27.94 19.46 -34.32
N LEU C 274 -28.94 18.84 -33.68
CA LEU C 274 -30.32 19.07 -34.10
C LEU C 274 -30.78 20.48 -33.76
N ILE C 275 -30.37 21.00 -32.60
CA ILE C 275 -30.76 22.35 -32.20
C ILE C 275 -30.21 23.38 -33.19
N ILE C 276 -28.98 23.19 -33.66
CA ILE C 276 -28.38 24.14 -34.57
C ILE C 276 -28.97 23.99 -35.96
N PHE C 277 -29.18 22.75 -36.41
CA PHE C 277 -29.71 22.53 -37.75
C PHE C 277 -31.10 23.15 -37.89
N ALA C 278 -31.98 22.86 -36.93
CA ALA C 278 -33.33 23.41 -36.98
C ALA C 278 -33.32 24.92 -37.11
N HIS C 279 -32.43 25.60 -36.37
CA HIS C 279 -32.46 27.05 -36.28
C HIS C 279 -31.72 27.72 -37.44
N HIS C 280 -30.71 27.05 -38.02
CA HIS C 280 -29.88 27.65 -39.05
C HIS C 280 -30.10 27.03 -40.42
N ARG C 281 -31.10 26.16 -40.57
CA ARG C 281 -31.45 25.64 -41.89
C ARG C 281 -32.52 26.48 -42.58
N GLN C 282 -33.43 27.08 -41.81
CA GLN C 282 -34.51 27.88 -42.36
C GLN C 282 -34.55 29.21 -41.61
N ALA C 283 -35.70 29.88 -41.67
CA ALA C 283 -35.89 31.15 -40.98
C ALA C 283 -37.36 31.36 -40.63
N ASP C 288 -41.23 27.48 -38.19
CA ASP C 288 -40.42 26.51 -38.94
C ASP C 288 -39.43 25.83 -38.02
N ASP C 289 -38.51 26.61 -37.46
CA ASP C 289 -37.54 26.07 -36.50
C ASP C 289 -38.25 25.43 -35.31
N LEU C 290 -39.18 26.16 -34.69
CA LEU C 290 -39.84 25.67 -33.49
C LEU C 290 -40.64 24.40 -33.74
N LEU C 291 -41.02 24.11 -34.99
CA LEU C 291 -41.88 22.97 -35.23
C LEU C 291 -41.09 21.66 -35.21
N ILE C 292 -39.88 21.64 -35.77
CA ILE C 292 -39.06 20.44 -35.68
C ILE C 292 -38.55 20.26 -34.27
N GLN C 293 -38.37 21.34 -33.51
CA GLN C 293 -38.03 21.23 -32.11
C GLN C 293 -39.12 20.53 -31.31
N ARG C 294 -40.31 20.32 -31.90
CA ARG C 294 -41.35 19.53 -31.26
C ARG C 294 -41.07 18.04 -31.45
N SER C 295 -39.79 17.68 -31.53
CA SER C 295 -39.35 16.29 -31.50
C SER C 295 -39.13 15.80 -30.07
N ARG C 296 -39.84 16.39 -29.11
CA ARG C 296 -39.67 16.01 -27.71
C ARG C 296 -39.94 14.53 -27.50
N LEU C 297 -40.79 13.93 -28.33
CA LEU C 297 -41.05 12.50 -28.28
C LEU C 297 -40.12 11.71 -29.19
N ALA C 298 -39.77 12.27 -30.35
CA ALA C 298 -38.98 11.52 -31.32
C ALA C 298 -37.58 11.22 -30.82
N PHE C 299 -37.00 12.12 -30.00
CA PHE C 299 -35.62 11.91 -29.56
C PHE C 299 -35.53 10.80 -28.53
N PRO C 300 -36.28 10.81 -27.43
CA PRO C 300 -36.17 9.71 -26.46
C PRO C 300 -36.42 8.35 -27.08
N LEU C 301 -37.27 8.25 -28.11
CA LEU C 301 -37.52 6.98 -28.75
C LEU C 301 -36.32 6.54 -29.58
N GLY C 302 -35.74 7.45 -30.35
CA GLY C 302 -34.54 7.12 -31.11
C GLY C 302 -33.39 6.68 -30.21
N PHE C 303 -33.25 7.33 -29.06
CA PHE C 303 -32.23 6.92 -28.10
C PHE C 303 -32.52 5.52 -27.57
N LEU C 304 -33.74 5.31 -27.06
CA LEU C 304 -34.12 3.98 -26.58
C LEU C 304 -34.09 2.96 -27.70
N ALA C 305 -34.44 3.38 -28.93
CA ALA C 305 -34.34 2.48 -30.07
C ALA C 305 -32.92 1.99 -30.26
N ILE C 306 -31.97 2.92 -30.45
CA ILE C 306 -30.57 2.53 -30.47
C ILE C 306 -30.20 1.83 -29.17
N GLY C 307 -30.70 2.36 -28.04
CA GLY C 307 -30.46 1.73 -26.76
C GLY C 307 -30.87 0.27 -26.72
N SER C 308 -31.80 -0.13 -27.59
CA SER C 308 -32.23 -1.53 -27.63
C SER C 308 -31.28 -2.38 -28.47
N VAL C 309 -30.91 -1.89 -29.67
CA VAL C 309 -30.00 -2.63 -30.52
C VAL C 309 -28.60 -2.73 -29.92
N LEU C 310 -28.30 -1.92 -28.90
CA LEU C 310 -27.05 -2.08 -28.16
C LEU C 310 -27.07 -3.33 -27.29
N VAL C 311 -28.26 -3.87 -27.01
CA VAL C 311 -28.40 -5.05 -26.16
C VAL C 311 -28.58 -6.27 -27.05
N ILE C 312 -27.60 -6.52 -27.92
CA ILE C 312 -27.62 -7.70 -28.77
C ILE C 312 -26.29 -8.44 -28.63
N ALA D 1 -7.26 -39.84 30.95
CA ALA D 1 -6.57 -38.65 31.44
C ALA D 1 -7.39 -37.40 31.20
N ARG D 2 -7.41 -36.51 32.19
CA ARG D 2 -8.18 -35.28 32.08
C ARG D 2 -7.47 -34.31 31.13
N PRO D 3 -8.22 -33.41 30.49
CA PRO D 3 -7.58 -32.40 29.63
C PRO D 3 -6.84 -31.36 30.45
N VAL D 4 -5.86 -30.74 29.79
CA VAL D 4 -5.12 -29.64 30.42
C VAL D 4 -6.02 -28.42 30.49
N ASP D 5 -6.18 -27.87 31.70
CA ASP D 5 -6.93 -26.64 31.89
C ASP D 5 -6.03 -25.44 31.56
N VAL D 6 -6.40 -24.70 30.53
CA VAL D 6 -5.61 -23.55 30.07
C VAL D 6 -6.41 -22.28 30.38
N SER D 7 -5.84 -21.44 31.24
CA SER D 7 -6.42 -20.14 31.55
C SER D 7 -5.83 -19.07 30.63
N VAL D 8 -6.71 -18.21 30.11
CA VAL D 8 -6.33 -17.25 29.07
C VAL D 8 -6.65 -15.85 29.54
N SER D 9 -5.77 -14.90 29.20
CA SER D 9 -6.00 -13.48 29.45
C SER D 9 -5.59 -12.73 28.20
N ILE D 10 -6.47 -11.88 27.70
CA ILE D 10 -6.23 -11.09 26.49
C ILE D 10 -6.28 -9.62 26.85
N PHE D 11 -5.18 -8.92 26.62
CA PHE D 11 -5.09 -7.47 26.80
C PHE D 11 -5.18 -6.81 25.42
N ILE D 12 -6.13 -5.89 25.27
CA ILE D 12 -6.38 -5.21 24.01
C ILE D 12 -5.86 -3.79 24.16
N ASN D 13 -4.80 -3.46 23.41
CA ASN D 13 -4.25 -2.11 23.42
C ASN D 13 -4.96 -1.17 22.45
N LYS D 14 -5.40 -1.69 21.30
CA LYS D 14 -5.86 -0.82 20.23
C LYS D 14 -6.68 -1.63 19.23
N ILE D 15 -7.80 -1.05 18.78
CA ILE D 15 -8.59 -1.58 17.68
C ILE D 15 -8.80 -0.45 16.70
N TYR D 16 -8.38 -0.65 15.45
CA TYR D 16 -8.33 0.42 14.46
C TYR D 16 -8.25 -0.19 13.07
N GLY D 17 -8.15 0.66 12.06
CA GLY D 17 -7.91 0.21 10.70
C GLY D 17 -9.03 -0.61 10.11
N VAL D 18 -10.28 -0.19 10.33
CA VAL D 18 -11.41 -0.90 9.76
C VAL D 18 -11.34 -0.84 8.24
N ASN D 19 -11.49 -1.99 7.60
CA ASN D 19 -11.61 -2.07 6.14
C ASN D 19 -13.06 -2.45 5.86
N THR D 20 -13.89 -1.45 5.54
CA THR D 20 -15.31 -1.68 5.35
C THR D 20 -15.57 -2.72 4.27
N LEU D 21 -14.84 -2.65 3.15
CA LEU D 21 -15.10 -3.54 2.04
C LEU D 21 -14.78 -4.99 2.41
N GLU D 22 -13.66 -5.21 3.10
CA GLU D 22 -13.24 -6.55 3.49
C GLU D 22 -13.81 -6.99 4.84
N GLN D 23 -14.45 -6.08 5.57
CA GLN D 23 -14.98 -6.37 6.91
C GLN D 23 -13.88 -6.91 7.82
N THR D 24 -12.82 -6.13 7.95
CA THR D 24 -11.68 -6.50 8.78
C THR D 24 -11.28 -5.31 9.65
N TYR D 25 -10.49 -5.61 10.67
CA TYR D 25 -10.02 -4.60 11.61
C TYR D 25 -8.76 -5.12 12.27
N LYS D 26 -7.88 -4.19 12.66
CA LYS D 26 -6.63 -4.55 13.31
C LYS D 26 -6.78 -4.51 14.82
N VAL D 27 -6.06 -5.40 15.49
CA VAL D 27 -6.10 -5.49 16.96
C VAL D 27 -4.67 -5.69 17.44
N ASP D 28 -4.18 -4.74 18.25
CA ASP D 28 -2.90 -4.87 18.93
C ASP D 28 -3.16 -5.24 20.39
N GLY D 29 -2.45 -6.25 20.88
CA GLY D 29 -2.66 -6.66 22.25
C GLY D 29 -1.66 -7.71 22.69
N TYR D 30 -1.85 -8.18 23.91
CA TYR D 30 -1.11 -9.30 24.45
C TYR D 30 -2.05 -10.48 24.65
N ILE D 31 -1.49 -11.69 24.55
CA ILE D 31 -2.23 -12.90 24.88
C ILE D 31 -1.41 -13.68 25.91
N VAL D 32 -2.06 -14.08 27.00
CA VAL D 32 -1.41 -14.84 28.07
C VAL D 32 -2.15 -16.15 28.22
N ALA D 33 -1.39 -17.25 28.26
CA ALA D 33 -1.94 -18.59 28.38
C ALA D 33 -1.20 -19.31 29.49
N GLN D 34 -1.94 -19.82 30.48
CA GLN D 34 -1.35 -20.44 31.66
C GLN D 34 -1.94 -21.83 31.84
N TRP D 35 -1.07 -22.80 32.11
CA TRP D 35 -1.51 -24.16 32.42
C TRP D 35 -0.48 -24.77 33.36
N THR D 36 -0.81 -25.95 33.89
CA THR D 36 0.04 -26.65 34.83
C THR D 36 0.54 -27.94 34.20
N GLY D 37 1.84 -28.06 34.05
CA GLY D 37 2.48 -29.29 33.62
C GLY D 37 3.05 -30.06 34.78
N LYS D 38 4.04 -30.90 34.48
CA LYS D 38 4.69 -31.65 35.54
C LYS D 38 5.72 -30.78 36.25
N PRO D 39 5.90 -30.96 37.57
CA PRO D 39 6.94 -30.21 38.27
C PRO D 39 8.30 -30.31 37.58
N ARG D 40 9.18 -29.34 37.82
CA ARG D 40 10.50 -29.35 37.20
C ARG D 40 11.47 -28.62 38.12
N LYS D 41 12.75 -28.85 37.87
CA LYS D 41 13.82 -28.17 38.60
C LYS D 41 14.26 -26.93 37.83
N THR D 42 14.46 -25.84 38.55
CA THR D 42 14.83 -24.56 37.96
C THR D 42 16.00 -23.98 38.74
N PRO D 43 16.75 -23.04 38.13
CA PRO D 43 17.85 -22.40 38.84
C PRO D 43 17.38 -21.80 40.16
N GLY D 44 18.08 -22.13 41.23
CA GLY D 44 17.71 -21.65 42.55
C GLY D 44 16.27 -21.94 42.93
N ASP D 45 15.66 -22.96 42.33
CA ASP D 45 14.27 -23.32 42.60
C ASP D 45 13.35 -22.10 42.50
N LYS D 46 13.67 -21.20 41.57
CA LYS D 46 12.90 -19.99 41.32
C LYS D 46 12.32 -20.03 39.92
N PRO D 47 11.32 -19.19 39.63
CA PRO D 47 10.74 -19.18 38.28
C PRO D 47 11.78 -18.86 37.23
N LEU D 48 11.68 -19.53 36.09
CA LEU D 48 12.62 -19.38 34.99
C LEU D 48 11.94 -18.69 33.81
N ILE D 49 12.57 -17.63 33.32
CA ILE D 49 12.06 -16.87 32.19
C ILE D 49 12.84 -17.27 30.95
N VAL D 50 12.11 -17.54 29.86
CA VAL D 50 12.70 -17.92 28.58
C VAL D 50 12.06 -17.07 27.50
N GLU D 51 12.89 -16.36 26.73
CA GLU D 51 12.41 -15.33 25.83
C GLU D 51 12.69 -15.68 24.37
N ASN D 52 11.71 -15.39 23.52
CA ASN D 52 11.88 -15.39 22.07
C ASN D 52 12.62 -16.62 21.55
N THR D 53 13.74 -16.42 20.87
CA THR D 53 14.40 -17.52 20.15
C THR D 53 14.73 -18.70 21.06
N GLN D 54 14.90 -18.46 22.37
CA GLN D 54 15.23 -19.54 23.29
C GLN D 54 14.05 -20.47 23.55
N ILE D 55 12.81 -20.00 23.34
CA ILE D 55 11.65 -20.88 23.49
C ILE D 55 11.82 -22.11 22.62
N GLU D 56 12.30 -21.93 21.39
CA GLU D 56 12.38 -23.04 20.44
C GLU D 56 13.25 -24.16 20.98
N ARG D 57 14.24 -23.85 21.81
CA ARG D 57 15.14 -24.87 22.32
C ARG D 57 14.46 -25.75 23.37
N TRP D 58 13.53 -25.19 24.15
CA TRP D 58 12.79 -25.99 25.11
C TRP D 58 11.76 -26.87 24.41
N ILE D 59 11.11 -26.36 23.37
CA ILE D 59 10.13 -27.16 22.64
C ILE D 59 10.81 -28.35 21.97
N ASN D 60 11.93 -28.09 21.30
CA ASN D 60 12.69 -29.18 20.69
C ASN D 60 13.12 -30.21 21.72
N ASN D 61 13.23 -29.84 22.99
CA ASN D 61 13.63 -30.76 24.04
C ASN D 61 12.44 -31.39 24.76
N GLY D 62 11.22 -31.14 24.31
CA GLY D 62 10.05 -31.82 24.82
C GLY D 62 9.01 -30.94 25.49
N LEU D 63 9.33 -29.70 25.83
CA LEU D 63 8.36 -28.84 26.50
C LEU D 63 7.11 -28.69 25.62
N TRP D 64 5.96 -29.08 26.17
CA TRP D 64 4.70 -29.01 25.46
C TRP D 64 4.21 -27.57 25.44
N VAL D 65 4.03 -27.01 24.25
CA VAL D 65 3.52 -25.65 24.09
C VAL D 65 2.51 -25.64 22.95
N PRO D 66 1.22 -25.86 23.22
CA PRO D 66 0.26 -25.99 22.12
C PRO D 66 0.06 -24.68 21.38
N ALA D 67 -0.22 -24.82 20.07
CA ALA D 67 -0.50 -23.67 19.22
C ALA D 67 -1.97 -23.31 19.35
N LEU D 68 -2.25 -22.06 19.72
CA LEU D 68 -3.60 -21.55 19.82
C LEU D 68 -3.86 -20.64 18.62
N GLU D 69 -4.87 -20.98 17.82
CA GLU D 69 -5.15 -20.26 16.59
C GLU D 69 -6.22 -19.21 16.82
N PHE D 70 -6.05 -18.05 16.20
CA PHE D 70 -7.11 -17.06 16.07
C PHE D 70 -8.00 -17.48 14.91
N ILE D 71 -9.21 -17.97 15.23
CA ILE D 71 -10.10 -18.47 14.18
C ILE D 71 -10.36 -17.38 13.14
N ASN D 72 -10.53 -16.14 13.57
CA ASN D 72 -10.98 -15.07 12.69
C ASN D 72 -9.87 -14.08 12.37
N VAL D 73 -8.62 -14.53 12.41
CA VAL D 73 -7.50 -13.69 11.99
C VAL D 73 -7.27 -13.89 10.51
N VAL D 74 -7.04 -12.79 9.79
CA VAL D 74 -6.77 -12.81 8.36
C VAL D 74 -5.26 -12.77 8.17
N GLY D 75 -4.70 -13.87 7.67
CA GLY D 75 -3.25 -13.99 7.53
C GLY D 75 -2.58 -14.23 8.86
N SER D 76 -1.28 -14.50 8.78
CA SER D 76 -0.50 -14.74 10.00
C SER D 76 -0.41 -13.45 10.81
N PRO D 77 -0.73 -13.47 12.10
CA PRO D 77 -0.58 -12.25 12.90
C PRO D 77 0.87 -11.88 13.07
N ASP D 78 1.10 -10.58 13.30
CA ASP D 78 2.43 -10.05 13.54
C ASP D 78 2.76 -10.27 15.01
N THR D 79 3.58 -11.27 15.30
CA THR D 79 3.92 -11.64 16.67
C THR D 79 5.25 -10.98 17.03
N GLY D 80 5.24 -10.18 18.09
CA GLY D 80 6.46 -9.56 18.58
C GLY D 80 7.10 -10.36 19.68
N ASN D 81 7.48 -9.69 20.77
CA ASN D 81 8.12 -10.39 21.88
C ASN D 81 7.20 -11.47 22.44
N LYS D 82 7.82 -12.58 22.87
CA LYS D 82 7.09 -13.64 23.54
C LYS D 82 8.02 -14.34 24.50
N ARG D 83 7.46 -14.80 25.62
CA ARG D 83 8.24 -15.44 26.66
C ARG D 83 7.47 -16.61 27.26
N LEU D 84 8.22 -17.50 27.89
CA LEU D 84 7.68 -18.51 28.79
C LEU D 84 8.14 -18.21 30.21
N MET D 85 7.30 -18.56 31.18
CA MET D 85 7.68 -18.51 32.58
C MET D 85 7.40 -19.89 33.17
N LEU D 86 8.46 -20.64 33.46
CA LEU D 86 8.35 -22.03 33.89
C LEU D 86 8.54 -22.10 35.39
N PHE D 87 7.49 -22.47 36.11
CA PHE D 87 7.55 -22.58 37.57
C PHE D 87 7.97 -23.99 37.96
N PRO D 88 8.64 -24.16 39.11
CA PRO D 88 9.05 -25.51 39.53
C PRO D 88 7.89 -26.41 39.85
N ASP D 89 6.75 -25.85 40.27
CA ASP D 89 5.57 -26.67 40.56
C ASP D 89 4.90 -27.21 39.30
N GLY D 90 5.39 -26.85 38.11
CA GLY D 90 4.84 -27.34 36.86
C GLY D 90 4.10 -26.28 36.07
N ARG D 91 3.68 -25.19 36.71
CA ARG D 91 2.97 -24.14 36.00
C ARG D 91 3.78 -23.63 34.82
N VAL D 92 3.08 -23.25 33.76
CA VAL D 92 3.68 -22.70 32.56
C VAL D 92 2.84 -21.51 32.13
N ILE D 93 3.49 -20.37 31.91
CA ILE D 93 2.81 -19.16 31.45
C ILE D 93 3.44 -18.76 30.11
N TYR D 94 2.63 -18.74 29.06
CA TYR D 94 3.04 -18.27 27.75
C TYR D 94 2.47 -16.88 27.51
N ASN D 95 3.34 -15.95 27.13
CA ASN D 95 2.96 -14.55 26.96
C ASN D 95 3.55 -14.03 25.66
N ALA D 96 2.72 -13.40 24.84
CA ALA D 96 3.17 -12.90 23.56
C ALA D 96 2.39 -11.66 23.17
N ARG D 97 3.10 -10.72 22.53
CA ARG D 97 2.48 -9.54 21.94
C ARG D 97 2.09 -9.85 20.50
N PHE D 98 0.91 -9.39 20.09
CA PHE D 98 0.44 -9.65 18.74
C PHE D 98 -0.21 -8.42 18.13
N LEU D 99 -0.08 -8.31 16.81
CA LEU D 99 -0.88 -7.41 16.00
C LEU D 99 -1.44 -8.22 14.85
N GLY D 100 -2.75 -8.26 14.73
CA GLY D 100 -3.40 -9.08 13.73
C GLY D 100 -4.56 -8.36 13.07
N SER D 101 -4.82 -8.75 11.83
CA SER D 101 -6.05 -8.37 11.14
C SER D 101 -7.11 -9.42 11.45
N PHE D 102 -8.26 -8.97 11.93
CA PHE D 102 -9.35 -9.85 12.31
C PHE D 102 -10.60 -9.51 11.53
N SER D 103 -11.41 -10.52 11.25
CA SER D 103 -12.63 -10.35 10.47
C SER D 103 -13.84 -10.76 11.28
N ASN D 104 -14.99 -10.23 10.86
CA ASN D 104 -16.29 -10.65 11.38
C ASN D 104 -17.36 -9.93 10.56
N ASP D 105 -18.61 -10.23 10.86
CA ASP D 105 -19.72 -9.63 10.12
C ASP D 105 -19.93 -8.19 10.55
N MET D 106 -19.92 -7.28 9.58
CA MET D 106 -20.03 -5.85 9.87
C MET D 106 -21.03 -5.24 8.90
N ASP D 107 -22.06 -4.58 9.45
CA ASP D 107 -23.13 -3.97 8.68
C ASP D 107 -23.06 -2.45 8.82
N PHE D 108 -22.80 -1.76 7.71
CA PHE D 108 -22.63 -0.32 7.69
C PHE D 108 -23.83 0.39 7.06
N ARG D 109 -25.01 -0.25 7.08
CA ARG D 109 -26.16 0.33 6.41
C ARG D 109 -26.73 1.53 7.13
N LEU D 110 -26.52 1.65 8.45
CA LEU D 110 -26.94 2.81 9.21
C LEU D 110 -25.82 3.84 9.36
N PHE D 111 -24.81 3.80 8.49
CA PHE D 111 -23.77 4.80 8.50
C PHE D 111 -24.39 6.20 8.39
N PRO D 112 -23.87 7.19 9.12
CA PRO D 112 -22.73 7.17 10.04
C PRO D 112 -23.10 6.82 11.48
N PHE D 113 -24.29 6.26 11.68
CA PHE D 113 -24.78 5.90 13.01
C PHE D 113 -24.68 4.40 13.28
N ASP D 114 -23.74 3.72 12.64
CA ASP D 114 -23.67 2.27 12.75
C ASP D 114 -22.99 1.85 14.04
N ARG D 115 -23.27 0.61 14.44
CA ARG D 115 -22.78 0.03 15.69
C ARG D 115 -22.16 -1.31 15.36
N GLN D 116 -20.93 -1.54 15.82
CA GLN D 116 -20.16 -2.71 15.45
C GLN D 116 -19.74 -3.50 16.68
N GLN D 117 -19.41 -4.77 16.44
CA GLN D 117 -18.97 -5.69 17.49
C GLN D 117 -17.65 -6.30 17.07
N PHE D 118 -16.56 -5.88 17.72
CA PHE D 118 -15.22 -6.34 17.38
C PHE D 118 -14.92 -7.63 18.13
N VAL D 119 -14.58 -8.69 17.40
CA VAL D 119 -14.52 -10.03 17.94
C VAL D 119 -13.12 -10.60 17.78
N LEU D 120 -12.69 -11.37 18.78
CA LEU D 120 -11.54 -12.25 18.68
C LEU D 120 -12.00 -13.66 19.04
N GLU D 121 -11.68 -14.63 18.18
CA GLU D 121 -12.02 -16.02 18.43
C GLU D 121 -10.74 -16.84 18.48
N LEU D 122 -10.54 -17.54 19.59
CA LEU D 122 -9.32 -18.27 19.87
C LEU D 122 -9.65 -19.74 20.07
N GLU D 123 -8.81 -20.62 19.54
CA GLU D 123 -9.11 -22.04 19.60
C GLU D 123 -7.81 -22.80 19.42
N PRO D 124 -7.61 -23.91 20.14
CA PRO D 124 -6.42 -24.73 19.89
C PRO D 124 -6.42 -25.24 18.46
N PHE D 125 -5.24 -25.28 17.85
CA PHE D 125 -5.18 -25.68 16.45
C PHE D 125 -5.25 -27.19 16.28
N SER D 126 -4.82 -27.96 17.26
CA SER D 126 -4.66 -29.40 17.10
C SER D 126 -5.24 -30.24 18.22
N TYR D 127 -5.42 -29.69 19.42
CA TYR D 127 -5.82 -30.46 20.59
C TYR D 127 -7.30 -30.24 20.86
N ASN D 128 -8.08 -31.32 20.83
CA ASN D 128 -9.51 -31.24 21.11
C ASN D 128 -9.74 -31.00 22.61
N ASN D 129 -11.01 -30.84 22.97
CA ASN D 129 -11.36 -30.46 24.34
C ASN D 129 -11.24 -31.62 25.32
N GLN D 130 -10.96 -32.83 24.83
CA GLN D 130 -10.56 -33.91 25.73
C GLN D 130 -9.08 -33.84 26.09
N GLN D 131 -8.31 -33.04 25.36
CA GLN D 131 -6.87 -32.89 25.58
C GLN D 131 -6.50 -31.50 26.10
N LEU D 132 -7.19 -30.47 25.63
CA LEU D 132 -6.93 -29.09 26.04
C LEU D 132 -8.25 -28.34 26.06
N ARG D 133 -8.60 -27.78 27.21
CA ARG D 133 -9.83 -27.01 27.35
C ARG D 133 -9.52 -25.68 28.03
N PHE D 134 -10.17 -24.62 27.56
CA PHE D 134 -10.02 -23.30 28.17
C PHE D 134 -10.88 -23.26 29.44
N SER D 135 -10.24 -23.05 30.58
CA SER D 135 -10.94 -23.04 31.85
C SER D 135 -11.55 -21.68 32.19
N ASP D 136 -10.97 -20.59 31.69
CA ASP D 136 -11.49 -19.26 31.96
C ASP D 136 -10.81 -18.26 31.04
N ILE D 137 -11.41 -17.08 30.95
CA ILE D 137 -10.93 -16.02 30.06
C ILE D 137 -11.23 -14.68 30.71
N GLN D 138 -10.23 -13.79 30.72
CA GLN D 138 -10.38 -12.43 31.21
C GLN D 138 -9.82 -11.46 30.18
N VAL D 139 -10.49 -10.32 30.03
CA VAL D 139 -10.13 -9.32 29.04
C VAL D 139 -9.89 -8.00 29.74
N TYR D 140 -8.86 -7.26 29.28
CA TYR D 140 -8.52 -5.95 29.81
C TYR D 140 -8.36 -4.99 28.63
N THR D 141 -9.02 -3.84 28.71
CA THR D 141 -9.06 -2.88 27.61
C THR D 141 -8.48 -1.55 28.07
N GLU D 142 -8.40 -0.61 27.14
CA GLU D 142 -7.80 0.69 27.41
C GLU D 142 -8.69 1.53 28.30
N ASN D 143 -8.07 2.20 29.27
CA ASN D 143 -8.76 3.20 30.08
C ASN D 143 -8.82 4.50 29.28
N ILE D 144 -10.01 4.89 28.86
CA ILE D 144 -10.17 6.05 27.98
C ILE D 144 -10.24 7.31 28.82
N ASP D 145 -9.42 8.31 28.45
CA ASP D 145 -9.52 9.63 29.07
C ASP D 145 -10.80 10.32 28.60
N ASN D 146 -10.84 10.71 27.32
CA ASN D 146 -12.04 11.27 26.71
C ASN D 146 -12.14 10.74 25.29
N GLU D 147 -13.35 10.34 24.90
CA GLU D 147 -13.57 9.69 23.61
C GLU D 147 -13.93 10.68 22.49
N GLU D 148 -14.04 11.97 22.80
CA GLU D 148 -14.41 12.95 21.78
C GLU D 148 -13.41 12.98 20.64
N ILE D 149 -12.15 12.59 20.89
CA ILE D 149 -11.13 12.58 19.84
C ILE D 149 -11.01 11.22 19.16
N ASP D 150 -11.83 10.24 19.55
CA ASP D 150 -11.70 8.89 19.04
C ASP D 150 -12.74 8.61 17.96
N GLU D 151 -12.39 7.72 17.04
CA GLU D 151 -13.27 7.39 15.94
C GLU D 151 -14.42 6.47 16.37
N TRP D 152 -14.17 5.60 17.34
CA TRP D 152 -15.17 4.67 17.83
C TRP D 152 -15.36 4.86 19.33
N TRP D 153 -16.60 4.74 19.78
CA TRP D 153 -16.96 4.92 21.18
C TRP D 153 -17.28 3.56 21.77
N ILE D 154 -16.43 3.09 22.67
CA ILE D 154 -16.63 1.78 23.29
C ILE D 154 -17.82 1.85 24.25
N ARG D 155 -18.64 0.81 24.24
CA ARG D 155 -19.86 0.76 25.06
C ARG D 155 -19.89 -0.56 25.80
N GLY D 156 -19.60 -0.51 27.10
CA GLY D 156 -19.63 -1.68 27.95
C GLY D 156 -18.27 -2.36 28.05
N LYS D 157 -18.12 -3.16 29.09
CA LYS D 157 -16.91 -3.95 29.25
C LYS D 157 -16.92 -5.11 28.26
N ALA D 158 -15.73 -5.64 27.99
CA ALA D 158 -15.59 -6.73 27.05
C ALA D 158 -16.46 -7.92 27.47
N SER D 159 -17.15 -8.51 26.49
CA SER D 159 -17.95 -9.70 26.71
C SER D 159 -17.13 -10.93 26.33
N THR D 160 -17.31 -12.02 27.10
CA THR D 160 -16.55 -13.23 26.88
C THR D 160 -17.48 -14.44 26.80
N HIS D 161 -17.01 -15.49 26.15
CA HIS D 161 -17.73 -16.75 26.05
C HIS D 161 -16.71 -17.87 25.92
N ILE D 162 -17.03 -19.02 26.52
CA ILE D 162 -16.28 -20.25 26.31
C ILE D 162 -17.27 -21.31 25.88
N SER D 163 -17.09 -21.83 24.67
CA SER D 163 -18.02 -22.79 24.09
C SER D 163 -17.24 -23.97 23.52
N ASP D 164 -17.97 -24.91 22.92
CA ASP D 164 -17.38 -26.08 22.29
C ASP D 164 -17.84 -26.14 20.84
N ILE D 165 -16.89 -26.23 19.92
CA ILE D 165 -17.17 -26.33 18.50
C ILE D 165 -17.08 -27.80 18.12
N ARG D 166 -18.18 -28.35 17.59
CA ARG D 166 -18.23 -29.75 17.18
C ARG D 166 -18.13 -29.82 15.66
N TYR D 167 -17.15 -30.57 15.17
CA TYR D 167 -16.92 -30.69 13.73
C TYR D 167 -17.42 -32.04 13.24
N ASP D 168 -18.28 -32.01 12.24
CA ASP D 168 -18.88 -33.23 11.70
C ASP D 168 -17.96 -33.99 10.76
N HIS D 169 -16.84 -33.39 10.33
N HIS D 169 -16.85 -33.39 10.34
CA HIS D 169 -15.96 -34.02 9.37
CA HIS D 169 -15.95 -33.98 9.36
C HIS D 169 -14.69 -34.57 10.01
C HIS D 169 -14.80 -34.74 10.00
N LEU D 170 -14.71 -34.79 11.32
CA LEU D 170 -13.69 -35.55 12.03
C LEU D 170 -14.27 -36.85 12.56
N SER D 171 -15.13 -37.48 11.77
CA SER D 171 -15.91 -38.64 12.22
C SER D 171 -16.83 -38.23 13.36
N PRO D 175 -14.08 -41.38 19.02
CA PRO D 175 -15.48 -41.18 19.38
C PRO D 175 -15.79 -39.73 19.77
N ASN D 176 -15.62 -39.38 21.05
CA ASN D 176 -15.85 -38.01 21.50
C ASN D 176 -14.58 -37.18 21.30
N GLN D 177 -14.07 -37.16 20.05
CA GLN D 177 -12.78 -36.55 19.76
C GLN D 177 -12.88 -35.47 18.69
N ASN D 178 -14.06 -34.88 18.49
CA ASN D 178 -14.25 -33.90 17.43
C ASN D 178 -14.83 -32.59 17.95
N GLU D 179 -14.61 -32.29 19.22
CA GLU D 179 -15.04 -31.03 19.82
C GLU D 179 -13.82 -30.24 20.28
N PHE D 180 -13.78 -28.96 19.95
CA PHE D 180 -12.68 -28.08 20.34
C PHE D 180 -13.20 -26.94 21.21
N SER D 181 -12.35 -26.50 22.14
CA SER D 181 -12.68 -25.40 23.03
C SER D 181 -12.39 -24.06 22.34
N ARG D 182 -13.34 -23.14 22.41
CA ARG D 182 -13.19 -21.85 21.75
C ARG D 182 -13.50 -20.70 22.70
N ILE D 183 -12.59 -19.75 22.77
CA ILE D 183 -12.82 -18.48 23.46
C ILE D 183 -13.35 -17.48 22.46
N THR D 184 -14.26 -16.63 22.92
CA THR D 184 -14.81 -15.55 22.10
C THR D 184 -14.85 -14.28 22.93
N VAL D 185 -14.24 -13.21 22.41
CA VAL D 185 -14.24 -11.90 23.04
C VAL D 185 -14.96 -10.95 22.11
N ARG D 186 -15.74 -10.03 22.69
CA ARG D 186 -16.50 -9.07 21.90
C ARG D 186 -16.40 -7.70 22.54
N ILE D 187 -16.03 -6.70 21.74
CA ILE D 187 -15.97 -5.31 22.16
C ILE D 187 -17.03 -4.55 21.38
N ASP D 188 -18.01 -3.98 22.08
CA ASP D 188 -19.07 -3.23 21.44
C ASP D 188 -18.65 -1.77 21.30
N ALA D 189 -18.95 -1.18 20.15
CA ALA D 189 -18.56 0.19 19.87
C ALA D 189 -19.57 0.83 18.93
N VAL D 190 -19.70 2.15 19.05
CA VAL D 190 -20.58 2.95 18.20
C VAL D 190 -19.73 3.99 17.49
N ARG D 191 -20.06 4.29 16.23
CA ARG D 191 -19.26 5.22 15.46
C ARG D 191 -19.46 6.64 15.98
N ASN D 192 -18.37 7.40 16.02
CA ASN D 192 -18.43 8.81 16.35
C ASN D 192 -18.97 9.56 15.14
N PRO D 193 -20.21 10.05 15.17
CA PRO D 193 -20.83 10.63 13.97
C PRO D 193 -20.66 12.13 13.80
N SER D 194 -19.99 12.81 14.73
CA SER D 194 -19.96 14.27 14.73
C SER D 194 -19.55 14.82 13.37
N TYR D 195 -18.39 14.40 12.86
CA TYR D 195 -17.91 14.93 11.59
C TYR D 195 -18.91 14.67 10.48
N TYR D 196 -19.41 13.44 10.36
CA TYR D 196 -20.33 13.11 9.28
C TYR D 196 -21.64 13.88 9.41
N LEU D 197 -22.03 14.24 10.63
CA LEU D 197 -23.27 14.99 10.82
C LEU D 197 -23.12 16.40 10.26
N TRP D 198 -22.01 17.07 10.57
CA TRP D 198 -21.86 18.50 10.30
C TRP D 198 -21.32 18.80 8.92
N SER D 199 -20.38 17.99 8.42
CA SER D 199 -19.74 18.28 7.14
C SER D 199 -20.35 17.52 5.97
N PHE D 200 -21.20 16.52 6.22
CA PHE D 200 -21.81 15.74 5.15
C PHE D 200 -23.32 15.81 5.15
N ILE D 201 -23.99 15.38 6.23
CA ILE D 201 -25.44 15.33 6.24
C ILE D 201 -26.03 16.73 6.18
N LEU D 202 -25.51 17.65 7.01
CA LEU D 202 -26.06 19.00 7.05
C LEU D 202 -25.90 19.72 5.72
N PRO D 203 -24.71 19.84 5.13
CA PRO D 203 -24.64 20.50 3.82
C PRO D 203 -25.50 19.83 2.76
N LEU D 204 -25.71 18.52 2.86
CA LEU D 204 -26.57 17.84 1.89
C LEU D 204 -28.02 18.28 2.04
N GLY D 205 -28.51 18.40 3.28
CA GLY D 205 -29.85 18.90 3.48
C GLY D 205 -30.04 20.29 2.93
N LEU D 206 -29.02 21.15 3.08
CA LEU D 206 -29.08 22.50 2.53
C LEU D 206 -29.13 22.47 1.00
N ILE D 207 -28.34 21.61 0.38
CA ILE D 207 -28.33 21.52 -1.09
C ILE D 207 -29.68 21.03 -1.59
N ILE D 208 -30.21 19.97 -0.97
CA ILE D 208 -31.48 19.42 -1.40
C ILE D 208 -32.62 20.40 -1.13
N ALA D 209 -32.58 21.08 0.01
CA ALA D 209 -33.60 22.08 0.31
C ALA D 209 -33.51 23.26 -0.66
N ALA D 210 -32.29 23.71 -0.96
CA ALA D 210 -32.12 24.87 -1.84
C ALA D 210 -32.59 24.58 -3.26
N SER D 211 -32.70 23.32 -3.67
CA SER D 211 -33.23 23.02 -4.99
C SER D 211 -34.72 23.31 -5.09
N TRP D 212 -35.42 23.42 -3.95
CA TRP D 212 -36.82 23.79 -3.95
C TRP D 212 -37.04 25.27 -4.22
N SER D 213 -35.97 26.07 -4.30
CA SER D 213 -36.12 27.49 -4.58
C SER D 213 -36.59 27.76 -5.99
N VAL D 214 -36.42 26.82 -6.92
CA VAL D 214 -36.81 27.04 -8.30
C VAL D 214 -38.29 27.42 -8.40
N PHE D 215 -39.10 26.92 -7.47
CA PHE D 215 -40.53 27.21 -7.51
C PHE D 215 -40.85 28.67 -7.26
N TRP D 216 -39.89 29.44 -6.72
CA TRP D 216 -40.09 30.86 -6.46
C TRP D 216 -39.62 31.74 -7.61
N LEU D 217 -39.28 31.15 -8.75
CA LEU D 217 -38.91 31.91 -9.94
C LEU D 217 -40.16 32.15 -10.78
N GLU D 218 -40.23 33.34 -11.38
CA GLU D 218 -41.45 33.79 -12.06
C GLU D 218 -41.35 33.63 -13.57
N SER D 219 -40.72 32.56 -14.04
CA SER D 219 -40.60 32.31 -15.48
C SER D 219 -40.28 30.85 -15.70
N PHE D 220 -41.08 30.18 -16.53
CA PHE D 220 -40.81 28.79 -16.88
C PHE D 220 -39.38 28.61 -17.38
N SER D 221 -38.82 29.65 -18.01
CA SER D 221 -37.43 29.60 -18.44
C SER D 221 -36.49 29.50 -17.25
N GLU D 222 -36.66 30.39 -16.27
CA GLU D 222 -35.80 30.39 -15.09
C GLU D 222 -35.90 29.08 -14.33
N ARG D 223 -37.12 28.58 -14.12
CA ARG D 223 -37.31 27.42 -13.27
C ARG D 223 -36.64 26.19 -13.85
N LEU D 224 -36.83 25.95 -15.15
CA LEU D 224 -36.29 24.74 -15.76
C LEU D 224 -34.78 24.80 -15.88
N GLN D 225 -34.23 25.95 -16.30
CA GLN D 225 -32.79 26.06 -16.45
C GLN D 225 -32.08 25.85 -15.12
N THR D 226 -32.58 26.48 -14.05
CA THR D 226 -31.95 26.37 -12.75
C THR D 226 -32.04 24.96 -12.18
N SER D 227 -33.02 24.16 -12.63
CA SER D 227 -33.10 22.78 -12.17
C SER D 227 -31.86 21.98 -12.56
N PHE D 228 -31.22 22.34 -13.68
CA PHE D 228 -30.00 21.64 -14.08
C PHE D 228 -28.82 22.03 -13.22
N THR D 229 -28.71 23.31 -12.86
CA THR D 229 -27.67 23.72 -11.94
C THR D 229 -27.80 22.99 -10.60
N CYS D 230 -29.04 22.67 -10.20
CA CYS D 230 -29.25 21.91 -8.97
C CYS D 230 -28.87 20.45 -9.16
N MET D 231 -29.39 19.82 -10.22
CA MET D 231 -28.96 18.47 -10.57
C MET D 231 -27.44 18.38 -10.57
N LEU D 232 -26.79 19.38 -11.17
CA LEU D 232 -25.34 19.39 -11.25
C LEU D 232 -24.70 19.58 -9.87
N THR D 233 -25.40 20.27 -8.96
CA THR D 233 -24.87 20.43 -7.60
C THR D 233 -24.92 19.12 -6.83
N VAL D 234 -25.97 18.33 -7.03
CA VAL D 234 -26.06 17.03 -6.37
C VAL D 234 -24.97 16.11 -6.89
N VAL D 235 -24.68 16.18 -8.20
CA VAL D 235 -23.59 15.39 -8.76
C VAL D 235 -22.25 15.86 -8.19
N ALA D 236 -22.02 17.18 -8.18
CA ALA D 236 -20.79 17.71 -7.61
C ALA D 236 -20.62 17.26 -6.16
N TYR D 237 -21.72 17.15 -5.43
CA TYR D 237 -21.67 16.64 -4.06
C TYR D 237 -21.48 15.13 -4.02
N ALA D 238 -21.86 14.43 -5.09
CA ALA D 238 -21.78 12.97 -5.09
C ALA D 238 -20.34 12.49 -4.98
N PHE D 239 -19.43 13.07 -5.77
CA PHE D 239 -18.05 12.64 -5.68
C PHE D 239 -17.33 13.23 -4.49
N TYR D 240 -17.93 14.19 -3.79
CA TYR D 240 -17.39 14.62 -2.50
C TYR D 240 -17.66 13.57 -1.43
N THR D 241 -18.86 12.99 -1.44
CA THR D 241 -19.15 11.88 -0.51
C THR D 241 -18.42 10.62 -0.93
N SER D 242 -18.38 10.33 -2.23
CA SER D 242 -17.74 9.11 -2.71
C SER D 242 -16.25 9.09 -2.38
N ASN D 243 -15.63 10.27 -2.33
CA ASN D 243 -14.20 10.36 -2.09
C ASN D 243 -13.82 10.18 -0.62
N ILE D 244 -14.80 10.24 0.30
CA ILE D 244 -14.53 10.24 1.73
C ILE D 244 -15.24 9.08 2.42
N LEU D 245 -16.55 8.94 2.17
CA LEU D 245 -17.31 7.87 2.81
C LEU D 245 -16.73 6.51 2.38
N PRO D 246 -16.88 5.48 3.23
CA PRO D 246 -16.23 4.21 2.93
C PRO D 246 -16.83 3.51 1.72
N ARG D 247 -16.02 2.66 1.09
CA ARG D 247 -16.46 1.86 -0.03
C ARG D 247 -17.26 0.67 0.49
N LEU D 248 -18.49 0.52 0.01
CA LEU D 248 -19.39 -0.53 0.48
C LEU D 248 -20.10 -1.16 -0.70
N PRO D 249 -20.51 -2.43 -0.57
CA PRO D 249 -21.26 -3.08 -1.65
C PRO D 249 -22.77 -2.85 -1.55
N TYR D 250 -23.18 -1.90 -0.74
CA TYR D 250 -24.59 -1.56 -0.58
C TYR D 250 -24.73 -0.10 -0.22
N THR D 251 -25.96 0.39 -0.25
CA THR D 251 -26.25 1.79 0.02
C THR D 251 -26.42 2.02 1.52
N THR D 252 -25.98 3.20 1.97
CA THR D 252 -26.12 3.63 3.34
C THR D 252 -27.30 4.60 3.44
N VAL D 253 -27.39 5.30 4.57
CA VAL D 253 -28.39 6.36 4.71
C VAL D 253 -28.07 7.51 3.77
N ILE D 254 -26.85 8.07 3.90
CA ILE D 254 -26.45 9.20 3.07
C ILE D 254 -26.72 8.89 1.59
N ASP D 255 -26.36 7.68 1.15
CA ASP D 255 -26.59 7.31 -0.24
C ASP D 255 -28.05 7.48 -0.63
N GLN D 256 -28.97 7.04 0.23
CA GLN D 256 -30.39 7.18 -0.06
C GLN D 256 -30.79 8.64 -0.15
N MET D 257 -30.31 9.48 0.77
CA MET D 257 -30.51 10.91 0.64
C MET D 257 -30.10 11.39 -0.75
N ILE D 258 -28.87 11.03 -1.16
CA ILE D 258 -28.38 11.46 -2.47
C ILE D 258 -29.33 11.02 -3.57
N ILE D 259 -29.86 9.80 -3.48
CA ILE D 259 -30.79 9.32 -4.49
C ILE D 259 -32.10 10.08 -4.42
N ALA D 260 -32.61 10.32 -3.21
CA ALA D 260 -33.81 11.14 -3.06
C ALA D 260 -33.60 12.53 -3.65
N GLY D 261 -32.40 13.08 -3.47
CA GLY D 261 -32.10 14.37 -4.09
C GLY D 261 -32.25 14.32 -5.60
N TYR D 262 -31.66 13.30 -6.24
CA TYR D 262 -31.78 13.15 -7.68
C TYR D 262 -33.24 13.13 -8.12
N GLY D 263 -34.07 12.36 -7.40
CA GLY D 263 -35.47 12.26 -7.78
C GLY D 263 -36.22 13.56 -7.57
N SER D 264 -35.99 14.22 -6.43
CA SER D 264 -36.68 15.47 -6.15
C SER D 264 -36.43 16.49 -7.26
N ILE D 265 -35.16 16.69 -7.64
CA ILE D 265 -34.84 17.64 -8.70
C ILE D 265 -35.45 17.18 -10.02
N PHE D 266 -35.37 15.88 -10.31
CA PHE D 266 -35.94 15.35 -11.54
C PHE D 266 -37.47 15.48 -11.54
N ALA D 267 -38.08 15.28 -10.37
CA ALA D 267 -39.52 15.51 -10.25
C ALA D 267 -39.88 16.94 -10.59
N ALA D 268 -39.15 17.91 -10.00
CA ALA D 268 -39.42 19.31 -10.27
C ALA D 268 -39.34 19.61 -11.76
N ILE D 269 -38.38 19.00 -12.46
CA ILE D 269 -38.27 19.22 -13.90
C ILE D 269 -39.57 18.80 -14.59
N LEU D 270 -40.14 17.67 -14.19
CA LEU D 270 -41.39 17.22 -14.79
C LEU D 270 -42.55 18.16 -14.43
N LEU D 271 -42.68 18.47 -13.14
CA LEU D 271 -43.76 19.36 -12.70
C LEU D 271 -43.66 20.72 -13.40
N ILE D 272 -42.45 21.28 -13.45
CA ILE D 272 -42.26 22.57 -14.12
C ILE D 272 -42.73 22.48 -15.58
N ILE D 273 -42.35 21.41 -16.27
CA ILE D 273 -42.80 21.23 -17.65
C ILE D 273 -44.29 20.94 -17.68
N PHE D 274 -44.77 20.11 -16.74
CA PHE D 274 -46.19 19.79 -16.71
C PHE D 274 -47.03 21.04 -16.47
N ALA D 275 -46.52 21.97 -15.65
CA ALA D 275 -47.26 23.20 -15.36
C ALA D 275 -47.31 24.11 -16.58
N HIS D 276 -46.30 24.06 -17.45
CA HIS D 276 -46.21 24.97 -18.58
C HIS D 276 -47.02 24.51 -19.78
N HIS D 277 -47.75 23.39 -19.68
CA HIS D 277 -48.52 22.90 -20.82
C HIS D 277 -49.82 22.20 -20.42
N ARG D 278 -50.32 22.42 -19.21
CA ARG D 278 -51.49 21.68 -18.72
C ARG D 278 -52.81 22.34 -19.13
N GLN D 279 -52.88 23.66 -19.13
CA GLN D 279 -54.11 24.37 -19.44
C GLN D 279 -53.99 25.15 -20.75
N ASP D 285 -49.66 27.97 -18.16
CA ASP D 285 -49.98 29.12 -17.34
C ASP D 285 -50.65 28.69 -16.04
N ASP D 286 -50.15 27.58 -15.48
CA ASP D 286 -50.71 27.04 -14.24
C ASP D 286 -49.84 27.43 -13.06
N LEU D 287 -49.90 28.73 -12.73
CA LEU D 287 -49.16 29.23 -11.56
C LEU D 287 -49.73 28.71 -10.25
N LEU D 288 -50.86 28.01 -10.28
CA LEU D 288 -51.39 27.40 -9.06
C LEU D 288 -50.59 26.16 -8.67
N ILE D 289 -50.31 25.29 -9.65
CA ILE D 289 -49.46 24.14 -9.36
C ILE D 289 -48.01 24.58 -9.18
N GLN D 290 -47.59 25.63 -9.88
CA GLN D 290 -46.28 26.22 -9.62
C GLN D 290 -46.17 26.69 -8.17
N ARG D 291 -47.29 26.85 -7.47
CA ARG D 291 -47.30 27.10 -6.04
C ARG D 291 -47.18 25.80 -5.24
N SER D 292 -46.41 24.83 -5.74
CA SER D 292 -46.09 23.64 -4.99
C SER D 292 -44.87 23.86 -4.13
N ARG D 293 -44.68 25.11 -3.67
CA ARG D 293 -43.55 25.47 -2.84
C ARG D 293 -43.59 24.82 -1.47
N LEU D 294 -44.74 24.25 -1.08
CA LEU D 294 -44.87 23.51 0.17
C LEU D 294 -45.06 22.02 -0.04
N ALA D 295 -45.73 21.62 -1.13
CA ALA D 295 -45.93 20.20 -1.41
C ALA D 295 -44.59 19.49 -1.55
N PHE D 296 -43.71 20.02 -2.40
CA PHE D 296 -42.41 19.39 -2.60
C PHE D 296 -41.64 19.24 -1.30
N PRO D 297 -41.46 20.29 -0.48
CA PRO D 297 -40.84 20.08 0.84
C PRO D 297 -41.51 19.01 1.68
N LEU D 298 -42.85 19.01 1.74
CA LEU D 298 -43.55 18.03 2.56
C LEU D 298 -43.36 16.61 2.01
N GLY D 299 -43.53 16.44 0.71
CA GLY D 299 -43.37 15.12 0.12
C GLY D 299 -42.00 14.51 0.39
N PHE D 300 -40.96 15.34 0.38
CA PHE D 300 -39.61 14.83 0.58
C PHE D 300 -39.42 14.35 2.01
N LEU D 301 -39.78 15.19 2.99
CA LEU D 301 -39.60 14.80 4.39
C LEU D 301 -40.40 13.53 4.71
N ALA D 302 -41.60 13.41 4.15
CA ALA D 302 -42.40 12.20 4.35
C ALA D 302 -41.63 10.96 3.90
N ILE D 303 -41.22 10.94 2.63
CA ILE D 303 -40.47 9.81 2.11
C ILE D 303 -39.13 9.68 2.82
N GLY D 304 -38.60 10.79 3.34
CA GLY D 304 -37.32 10.74 4.03
C GLY D 304 -37.40 9.98 5.35
N SER D 305 -38.49 10.17 6.09
CA SER D 305 -38.66 9.44 7.35
C SER D 305 -38.78 7.95 7.10
N VAL D 306 -39.50 7.56 6.04
CA VAL D 306 -39.64 6.15 5.71
C VAL D 306 -38.30 5.53 5.35
N LEU D 307 -37.40 6.32 4.76
CA LEU D 307 -36.10 5.78 4.34
C LEU D 307 -35.32 5.20 5.51
N VAL D 308 -35.43 5.82 6.68
CA VAL D 308 -34.60 5.44 7.83
C VAL D 308 -35.40 4.54 8.76
N ILE D 309 -36.21 3.65 8.19
CA ILE D 309 -36.98 2.71 9.01
C ILE D 309 -36.12 1.59 9.57
N ARG D 310 -34.92 1.38 9.03
CA ARG D 310 -34.03 0.34 9.52
C ARG D 310 -33.38 0.75 10.83
N ASP E 1 17.83 -12.01 46.95
CA ASP E 1 19.09 -11.55 47.53
C ASP E 1 19.68 -10.39 46.74
N ALA E 2 19.92 -10.64 45.45
CA ALA E 2 20.61 -9.66 44.61
C ALA E 2 19.72 -8.49 44.28
N ARG E 3 20.34 -7.31 44.16
CA ARG E 3 19.62 -6.10 43.80
C ARG E 3 19.22 -6.15 42.33
N PRO E 4 18.34 -5.25 41.90
CA PRO E 4 17.97 -5.22 40.49
C PRO E 4 19.14 -4.79 39.61
N VAL E 5 19.14 -5.28 38.38
CA VAL E 5 20.15 -4.86 37.41
C VAL E 5 19.82 -3.45 36.94
N ASP E 6 20.77 -2.53 37.11
CA ASP E 6 20.59 -1.16 36.65
C ASP E 6 20.94 -1.05 35.17
N VAL E 7 20.02 -0.51 34.39
CA VAL E 7 20.19 -0.38 32.94
C VAL E 7 20.12 1.10 32.58
N SER E 8 21.16 1.58 31.91
CA SER E 8 21.21 2.95 31.41
C SER E 8 20.88 2.94 29.92
N VAL E 9 19.96 3.81 29.51
CA VAL E 9 19.46 3.80 28.14
C VAL E 9 19.73 5.16 27.50
N SER E 10 19.98 5.11 26.19
CA SER E 10 20.13 6.32 25.37
C SER E 10 19.39 6.09 24.06
N ILE E 11 18.57 7.07 23.66
CA ILE E 11 17.76 6.96 22.45
C ILE E 11 18.12 8.11 21.52
N PHE E 12 18.41 7.77 20.26
CA PHE E 12 18.73 8.75 19.22
C PHE E 12 17.57 8.73 18.22
N ILE E 13 16.84 9.85 18.13
CA ILE E 13 15.70 9.95 17.22
C ILE E 13 16.18 10.66 15.96
N ASN E 14 16.17 9.94 14.84
CA ASN E 14 16.57 10.52 13.57
C ASN E 14 15.42 11.28 12.91
N LYS E 15 14.21 10.76 12.98
CA LYS E 15 13.11 11.31 12.20
C LYS E 15 11.79 10.85 12.78
N ILE E 16 10.90 11.80 13.05
CA ILE E 16 9.50 11.53 13.34
C ILE E 16 8.70 11.99 12.13
N TYR E 17 7.98 11.07 11.50
CA TYR E 17 7.31 11.36 10.23
C TYR E 17 6.18 10.37 10.04
N GLY E 18 5.49 10.50 8.90
CA GLY E 18 4.44 9.55 8.55
C GLY E 18 3.26 9.55 9.50
N VAL E 19 2.89 10.72 10.04
CA VAL E 19 1.73 10.79 10.91
C VAL E 19 0.52 10.26 10.16
N ASN E 20 -0.26 9.42 10.85
CA ASN E 20 -1.55 8.95 10.36
C ASN E 20 -2.61 9.47 11.31
N THR E 21 -3.35 10.49 10.88
CA THR E 21 -4.24 11.19 11.80
C THR E 21 -5.34 10.28 12.34
N LEU E 22 -5.97 9.51 11.44
CA LEU E 22 -7.10 8.69 11.88
C LEU E 22 -6.65 7.55 12.78
N GLU E 23 -5.48 6.97 12.52
CA GLU E 23 -4.96 5.89 13.35
C GLU E 23 -4.18 6.41 14.55
N GLN E 24 -3.92 7.71 14.62
CA GLN E 24 -3.16 8.31 15.71
C GLN E 24 -1.82 7.60 15.89
N THR E 25 -1.13 7.43 14.77
CA THR E 25 0.18 6.80 14.76
C THR E 25 1.18 7.71 14.05
N TYR E 26 2.45 7.37 14.22
CA TYR E 26 3.54 8.13 13.64
C TYR E 26 4.75 7.23 13.59
N LYS E 27 5.60 7.45 12.58
CA LYS E 27 6.79 6.63 12.38
C LYS E 27 8.00 7.29 13.02
N VAL E 28 8.86 6.46 13.62
CA VAL E 28 10.05 6.93 14.32
C VAL E 28 11.22 6.05 13.90
N ASP E 29 12.27 6.68 13.35
CA ASP E 29 13.51 6.00 13.01
C ASP E 29 14.60 6.47 13.95
N GLY E 30 15.31 5.53 14.55
CA GLY E 30 16.37 5.91 15.47
C GLY E 30 17.16 4.72 15.97
N TYR E 31 17.98 5.00 16.98
CA TYR E 31 18.80 3.99 17.64
C TYR E 31 18.40 3.89 19.11
N ILE E 32 18.54 2.68 19.66
CA ILE E 32 18.40 2.45 21.09
C ILE E 32 19.71 1.87 21.60
N VAL E 33 20.18 2.41 22.74
CA VAL E 33 21.39 1.92 23.39
C VAL E 33 21.03 1.55 24.81
N ALA E 34 21.44 0.36 25.25
CA ALA E 34 21.18 -0.13 26.60
C ALA E 34 22.47 -0.67 27.18
N GLN E 35 22.85 -0.15 28.35
CA GLN E 35 24.08 -0.53 29.03
C GLN E 35 23.79 -1.07 30.42
N TRP E 36 24.46 -2.16 30.78
CA TRP E 36 24.41 -2.69 32.14
C TRP E 36 25.72 -3.42 32.41
N THR E 37 25.89 -3.84 33.65
CA THR E 37 27.11 -4.51 34.09
C THR E 37 26.80 -5.97 34.40
N GLY E 38 27.53 -6.88 33.76
CA GLY E 38 27.41 -8.29 34.02
C GLY E 38 28.58 -8.84 34.81
N LYS E 39 28.68 -10.16 34.83
CA LYS E 39 29.80 -10.80 35.49
C LYS E 39 31.08 -10.56 34.69
N PRO E 40 32.16 -10.11 35.33
CA PRO E 40 33.41 -9.90 34.58
C PRO E 40 33.78 -11.13 33.76
N ARG E 41 34.40 -10.89 32.62
CA ARG E 41 34.70 -11.94 31.66
C ARG E 41 36.05 -11.67 31.02
N LYS E 42 36.61 -12.72 30.42
CA LYS E 42 37.79 -12.60 29.60
C LYS E 42 37.39 -12.17 28.19
N THR E 43 38.24 -11.36 27.57
CA THR E 43 38.04 -10.93 26.20
C THR E 43 39.38 -10.96 25.48
N PRO E 44 39.38 -11.20 24.18
CA PRO E 44 40.65 -11.21 23.43
C PRO E 44 41.40 -9.89 23.61
N GLY E 45 42.65 -9.99 24.05
CA GLY E 45 43.48 -8.82 24.25
C GLY E 45 42.97 -7.89 25.33
N ASP E 46 41.99 -8.35 26.11
CA ASP E 46 41.39 -7.56 27.18
C ASP E 46 40.85 -6.22 26.67
N LYS E 47 40.49 -6.18 25.39
CA LYS E 47 39.80 -5.05 24.80
C LYS E 47 38.33 -5.38 24.62
N PRO E 48 37.47 -4.37 24.53
CA PRO E 48 36.04 -4.65 24.38
C PRO E 48 35.77 -5.53 23.17
N LEU E 49 34.83 -6.46 23.34
CA LEU E 49 34.48 -7.41 22.29
C LEU E 49 33.18 -6.99 21.63
N ILE E 50 33.09 -7.20 20.32
CA ILE E 50 31.97 -6.75 19.51
C ILE E 50 31.29 -7.97 18.89
N VAL E 51 29.97 -8.06 19.06
CA VAL E 51 29.16 -9.13 18.50
C VAL E 51 28.02 -8.49 17.73
N GLU E 52 27.85 -8.89 16.47
CA GLU E 52 26.91 -8.25 15.56
C GLU E 52 25.88 -9.24 15.04
N ASN E 53 24.61 -8.82 15.06
CA ASN E 53 23.52 -9.44 14.31
C ASN E 53 23.44 -10.93 14.66
N THR E 54 23.45 -11.84 13.68
CA THR E 54 23.16 -13.25 13.94
C THR E 54 24.11 -13.84 14.97
N GLN E 55 25.32 -13.29 15.11
CA GLN E 55 26.26 -13.81 16.09
C GLN E 55 25.77 -13.62 17.51
N ILE E 56 24.93 -12.61 17.75
CA ILE E 56 24.41 -12.38 19.10
C ILE E 56 23.69 -13.61 19.62
N GLU E 57 23.01 -14.33 18.73
CA GLU E 57 22.25 -15.50 19.15
C GLU E 57 23.16 -16.55 19.78
N ARG E 58 24.32 -16.79 19.17
CA ARG E 58 25.26 -17.78 19.71
C ARG E 58 25.66 -17.45 21.14
N TRP E 59 25.77 -16.16 21.47
CA TRP E 59 26.18 -15.77 22.81
C TRP E 59 25.06 -15.96 23.83
N ILE E 60 23.82 -15.65 23.44
CA ILE E 60 22.69 -15.91 24.32
C ILE E 60 22.56 -17.41 24.57
N ASN E 61 22.75 -18.22 23.53
CA ASN E 61 22.72 -19.66 23.69
C ASN E 61 23.82 -20.14 24.63
N ASN E 62 24.98 -19.49 24.62
CA ASN E 62 26.08 -19.85 25.51
C ASN E 62 25.94 -19.25 26.91
N GLY E 63 24.77 -18.74 27.26
CA GLY E 63 24.51 -18.29 28.62
C GLY E 63 24.52 -16.79 28.83
N LEU E 64 24.81 -15.99 27.80
CA LEU E 64 24.82 -14.55 27.97
C LEU E 64 23.40 -14.02 28.17
N TRP E 65 23.22 -13.16 29.17
CA TRP E 65 21.91 -12.61 29.49
C TRP E 65 21.70 -11.31 28.71
N VAL E 66 20.66 -11.29 27.89
CA VAL E 66 20.33 -10.10 27.09
C VAL E 66 18.83 -9.88 27.21
N PRO E 67 18.35 -9.07 28.15
CA PRO E 67 16.91 -8.94 28.34
C PRO E 67 16.23 -8.24 27.17
N ALA E 68 15.02 -8.68 26.86
CA ALA E 68 14.24 -8.09 25.79
C ALA E 68 13.54 -6.83 26.29
N LEU E 69 13.77 -5.72 25.60
CA LEU E 69 13.10 -4.46 25.90
C LEU E 69 12.05 -4.19 24.82
N GLU E 70 10.85 -3.84 25.27
CA GLU E 70 9.73 -3.66 24.35
C GLU E 70 9.31 -2.19 24.33
N PHE E 71 9.01 -1.70 23.13
CA PHE E 71 8.34 -0.41 22.97
C PHE E 71 6.87 -0.62 23.26
N ILE E 72 6.44 -0.22 24.45
CA ILE E 72 5.06 -0.44 24.88
C ILE E 72 4.08 0.08 23.83
N ASN E 73 4.36 1.25 23.25
CA ASN E 73 3.43 1.94 22.37
C ASN E 73 3.79 1.77 20.90
N VAL E 74 4.50 0.70 20.55
CA VAL E 74 4.79 0.42 19.15
C VAL E 74 3.66 -0.45 18.60
N VAL E 75 3.22 -0.13 17.39
CA VAL E 75 2.15 -0.85 16.72
C VAL E 75 2.79 -1.87 15.79
N GLY E 76 2.72 -3.15 16.16
CA GLY E 76 3.40 -4.19 15.42
C GLY E 76 4.87 -4.26 15.78
N SER E 77 5.52 -5.30 15.30
CA SER E 77 6.94 -5.48 15.57
C SER E 77 7.73 -4.39 14.86
N PRO E 78 8.64 -3.70 15.55
CA PRO E 78 9.47 -2.70 14.86
C PRO E 78 10.43 -3.36 13.88
N ASP E 79 10.83 -2.56 12.90
CA ASP E 79 11.77 -3.01 11.87
C ASP E 79 13.18 -2.74 12.39
N THR E 80 13.83 -3.79 12.89
CA THR E 80 15.15 -3.66 13.49
C THR E 80 16.21 -3.94 12.42
N GLY E 81 17.16 -3.02 12.28
CA GLY E 81 18.26 -3.20 11.36
C GLY E 81 19.44 -3.86 12.02
N ASN E 82 20.62 -3.25 11.91
CA ASN E 82 21.80 -3.79 12.56
C ASN E 82 21.67 -3.67 14.07
N LYS E 83 22.22 -4.66 14.78
CA LYS E 83 22.23 -4.67 16.23
C LYS E 83 23.56 -5.24 16.71
N ARG E 84 23.99 -4.78 17.88
CA ARG E 84 25.36 -4.98 18.31
C ARG E 84 25.42 -5.12 19.83
N LEU E 85 26.27 -6.05 20.29
CA LEU E 85 26.66 -6.14 21.68
C LEU E 85 28.13 -5.75 21.82
N MET E 86 28.44 -4.96 22.85
CA MET E 86 29.81 -4.64 23.21
C MET E 86 30.05 -5.16 24.63
N LEU E 87 30.93 -6.15 24.76
CA LEU E 87 31.21 -6.78 26.04
C LEU E 87 32.58 -6.33 26.53
N PHE E 88 32.62 -5.76 27.71
CA PHE E 88 33.87 -5.31 28.30
C PHE E 88 34.40 -6.33 29.30
N PRO E 89 35.72 -6.40 29.50
CA PRO E 89 36.25 -7.37 30.46
C PRO E 89 35.77 -7.13 31.88
N ASP E 90 35.47 -5.88 32.25
CA ASP E 90 34.99 -5.58 33.59
C ASP E 90 33.53 -5.97 33.80
N GLY E 91 32.83 -6.43 32.77
CA GLY E 91 31.46 -6.89 32.88
C GLY E 91 30.45 -6.05 32.14
N ARG E 92 30.76 -4.79 31.84
CA ARG E 92 29.82 -3.94 31.13
C ARG E 92 29.34 -4.60 29.85
N VAL E 93 28.05 -4.45 29.57
CA VAL E 93 27.43 -4.91 28.34
C VAL E 93 26.63 -3.75 27.76
N ILE E 94 26.89 -3.43 26.50
CA ILE E 94 26.21 -2.33 25.81
C ILE E 94 25.52 -2.91 24.59
N TYR E 95 24.19 -2.85 24.59
CA TYR E 95 23.38 -3.30 23.47
C TYR E 95 22.97 -2.10 22.63
N ASN E 96 23.17 -2.20 21.32
CA ASN E 96 22.87 -1.12 20.38
C ASN E 96 22.15 -1.68 19.18
N ALA E 97 21.11 -0.98 18.71
CA ALA E 97 20.33 -1.47 17.60
C ALA E 97 19.61 -0.32 16.90
N ARG E 98 19.51 -0.42 15.58
CA ARG E 98 18.73 0.51 14.77
C ARG E 98 17.29 0.02 14.73
N PHE E 99 16.34 0.94 14.82
CA PHE E 99 14.93 0.58 14.81
C PHE E 99 14.12 1.56 13.97
N LEU E 100 13.10 1.02 13.31
CA LEU E 100 12.05 1.82 12.67
C LEU E 100 10.72 1.20 13.05
N GLY E 101 9.88 1.97 13.73
CA GLY E 101 8.60 1.46 14.19
C GLY E 101 7.50 2.49 14.05
N SER E 102 6.27 1.98 14.00
CA SER E 102 5.09 2.80 14.08
C SER E 102 4.61 2.86 15.53
N PHE E 103 4.41 4.06 16.04
CA PHE E 103 4.06 4.28 17.43
C PHE E 103 2.71 4.95 17.52
N SER E 104 1.99 4.66 18.60
CA SER E 104 0.67 5.22 18.85
C SER E 104 0.72 6.14 20.06
N ASN E 105 -0.20 7.09 20.08
CA ASN E 105 -0.28 8.07 21.15
CA ASN E 105 -0.31 8.02 21.19
C ASN E 105 -1.56 8.86 20.98
N ASP E 106 -2.13 9.32 22.08
CA ASP E 106 -3.30 10.18 22.02
C ASP E 106 -2.95 11.47 21.28
N MET E 107 -3.58 11.69 20.14
CA MET E 107 -3.31 12.87 19.33
C MET E 107 -4.62 13.56 19.00
N ASP E 108 -4.70 14.85 19.33
CA ASP E 108 -5.89 15.67 19.13
C ASP E 108 -5.60 16.66 18.01
N PHE E 109 -6.24 16.47 16.87
CA PHE E 109 -6.07 17.34 15.70
C PHE E 109 -7.22 18.33 15.54
N ARG E 110 -7.94 18.64 16.63
CA ARG E 110 -9.12 19.50 16.51
C ARG E 110 -8.77 20.92 16.11
N LEU E 111 -7.58 21.40 16.47
CA LEU E 111 -7.15 22.75 16.13
C LEU E 111 -6.40 22.81 14.80
N PHE E 112 -6.39 21.74 14.04
CA PHE E 112 -5.75 21.74 12.73
C PHE E 112 -6.20 22.95 11.93
N PRO E 113 -5.30 23.62 11.20
CA PRO E 113 -3.87 23.32 11.02
C PRO E 113 -2.97 23.95 12.08
N PHE E 114 -3.52 24.27 13.25
CA PHE E 114 -2.79 24.90 14.34
C PHE E 114 -2.69 23.98 15.54
N ASP E 115 -2.55 22.68 15.31
CA ASP E 115 -2.53 21.70 16.38
C ASP E 115 -1.11 21.48 16.90
N ARG E 116 -1.02 21.06 18.15
CA ARG E 116 0.24 20.72 18.80
C ARG E 116 0.17 19.28 19.30
N GLN E 117 1.24 18.53 19.08
CA GLN E 117 1.27 17.11 19.39
C GLN E 117 2.46 16.80 20.28
N GLN E 118 2.35 15.68 20.99
CA GLN E 118 3.41 15.16 21.86
C GLN E 118 3.71 13.74 21.40
N PHE E 119 4.74 13.58 20.58
CA PHE E 119 5.17 12.26 20.14
C PHE E 119 5.98 11.61 21.24
N VAL E 120 5.59 10.38 21.62
CA VAL E 120 6.20 9.72 22.75
C VAL E 120 6.74 8.36 22.34
N LEU E 121 7.71 7.88 23.11
CA LEU E 121 8.21 6.52 23.03
C LEU E 121 8.23 5.96 24.45
N GLU E 122 7.66 4.78 24.64
CA GLU E 122 7.55 4.16 25.95
C GLU E 122 8.32 2.85 25.92
N LEU E 123 9.34 2.76 26.77
CA LEU E 123 10.23 1.59 26.82
C LEU E 123 10.03 0.87 28.15
N GLU E 124 9.94 -0.46 28.09
CA GLU E 124 9.66 -1.23 29.28
C GLU E 124 10.15 -2.65 29.07
N PRO E 125 10.82 -3.26 30.04
CA PRO E 125 11.21 -4.67 29.87
C PRO E 125 9.99 -5.54 29.67
N PHE E 126 10.16 -6.61 28.89
CA PHE E 126 9.04 -7.48 28.54
C PHE E 126 8.77 -8.54 29.59
N SER E 127 9.76 -8.92 30.39
CA SER E 127 9.63 -10.05 31.29
C SER E 127 10.15 -9.81 32.71
N TYR E 128 11.06 -8.87 32.91
CA TYR E 128 11.73 -8.71 34.20
C TYR E 128 11.16 -7.50 34.94
N ASN E 129 10.60 -7.77 36.13
CA ASN E 129 10.06 -6.70 36.97
C ASN E 129 11.19 -5.83 37.50
N ASN E 130 10.82 -4.78 38.23
CA ASN E 130 11.80 -3.82 38.74
C ASN E 130 12.51 -4.31 39.99
N GLN E 131 12.31 -5.56 40.40
CA GLN E 131 13.17 -6.20 41.38
C GLN E 131 14.31 -6.97 40.71
N GLN E 132 14.23 -7.17 39.40
CA GLN E 132 15.29 -7.82 38.63
C GLN E 132 15.99 -6.89 37.66
N LEU E 133 15.32 -5.81 37.23
CA LEU E 133 15.86 -4.92 36.20
C LEU E 133 15.14 -3.59 36.29
N ARG E 134 15.88 -2.51 36.54
CA ARG E 134 15.32 -1.17 36.58
C ARG E 134 16.15 -0.26 35.69
N PHE E 135 15.51 0.80 35.19
CA PHE E 135 16.19 1.78 34.36
C PHE E 135 16.80 2.86 35.25
N SER E 136 18.13 3.02 35.15
CA SER E 136 18.83 3.97 36.01
C SER E 136 18.74 5.40 35.45
N ASP E 137 18.90 5.57 34.15
CA ASP E 137 18.78 6.90 33.56
C ASP E 137 18.48 6.75 32.07
N ILE E 138 18.02 7.86 31.48
CA ILE E 138 17.65 7.91 30.06
C ILE E 138 18.20 9.20 29.47
N GLN E 139 18.91 9.08 28.35
CA GLN E 139 19.37 10.22 27.59
C GLN E 139 18.75 10.19 26.20
N VAL E 140 18.32 11.35 25.71
CA VAL E 140 17.67 11.46 24.41
C VAL E 140 18.45 12.48 23.58
N TYR E 141 18.71 12.13 22.31
CA TYR E 141 19.39 13.00 21.38
C TYR E 141 18.58 13.06 20.09
N THR E 142 18.29 14.27 19.63
CA THR E 142 17.44 14.49 18.46
C THR E 142 18.23 15.14 17.34
N GLU E 143 17.58 15.32 16.20
CA GLU E 143 18.23 15.86 15.01
C GLU E 143 18.53 17.35 15.17
N ASN E 144 19.64 17.77 14.55
CA ASN E 144 19.98 19.19 14.47
C ASN E 144 19.31 19.79 13.24
N ILE E 145 18.40 20.74 13.47
CA ILE E 145 17.59 21.31 12.40
C ILE E 145 18.26 22.56 11.87
N ASP E 146 18.35 22.66 10.55
CA ASP E 146 18.87 23.86 9.90
C ASP E 146 17.81 24.94 9.82
N ASN E 147 16.91 24.82 8.85
CA ASN E 147 15.80 25.76 8.67
C ASN E 147 14.50 24.99 8.62
N GLU E 148 13.55 25.36 9.48
CA GLU E 148 12.32 24.61 9.65
C GLU E 148 11.22 25.02 8.69
N GLU E 149 11.46 26.02 7.83
CA GLU E 149 10.43 26.44 6.87
C GLU E 149 10.02 25.30 5.95
N ILE E 150 10.95 24.41 5.62
CA ILE E 150 10.66 23.26 4.76
C ILE E 150 10.07 22.09 5.53
N ASP E 151 10.13 22.11 6.86
CA ASP E 151 9.72 20.97 7.67
C ASP E 151 8.25 21.08 8.06
N GLU E 152 7.54 19.96 7.93
CA GLU E 152 6.12 19.92 8.23
C GLU E 152 5.84 20.28 9.68
N TRP E 153 6.71 19.85 10.59
CA TRP E 153 6.56 20.08 12.02
C TRP E 153 7.71 20.91 12.54
N TRP E 154 7.40 21.80 13.49
CA TRP E 154 8.40 22.66 14.12
C TRP E 154 8.59 22.19 15.56
N ILE E 155 9.76 21.65 15.86
CA ILE E 155 10.03 21.14 17.20
C ILE E 155 10.15 22.33 18.17
N ARG E 156 9.70 22.11 19.41
CA ARG E 156 9.69 23.15 20.43
C ARG E 156 10.23 22.57 21.73
N GLY E 157 11.33 23.12 22.22
CA GLY E 157 11.89 22.67 23.49
C GLY E 157 12.74 21.43 23.33
N LYS E 158 13.37 21.05 24.43
CA LYS E 158 14.17 19.82 24.48
C LYS E 158 13.26 18.64 24.80
N ALA E 159 13.69 17.45 24.36
CA ALA E 159 12.92 16.25 24.62
C ALA E 159 12.81 15.99 26.12
N SER E 160 11.60 15.73 26.58
CA SER E 160 11.36 15.42 27.98
C SER E 160 11.47 13.91 28.20
N THR E 161 11.85 13.53 29.42
CA THR E 161 11.99 12.12 29.76
C THR E 161 11.36 11.86 31.13
N HIS E 162 11.01 10.60 31.35
CA HIS E 162 10.46 10.15 32.63
C HIS E 162 10.93 8.72 32.87
N ILE E 163 11.25 8.41 34.11
CA ILE E 163 11.42 7.03 34.57
C ILE E 163 10.40 6.82 35.69
N SER E 164 9.56 5.81 35.53
CA SER E 164 8.49 5.54 36.46
C SER E 164 8.34 4.03 36.63
N ASP E 165 7.40 3.64 37.50
CA ASP E 165 7.11 2.24 37.75
C ASP E 165 5.65 1.98 37.39
N ILE E 166 5.42 0.87 36.68
CA ILE E 166 4.08 0.46 36.28
C ILE E 166 3.72 -0.78 37.08
N ARG E 167 2.60 -0.70 37.80
CA ARG E 167 2.13 -1.79 38.65
C ARG E 167 0.91 -2.43 38.01
N TYR E 168 0.93 -3.75 37.89
CA TYR E 168 -0.12 -4.51 37.20
C TYR E 168 -0.90 -5.33 38.22
N ASP E 169 -2.22 -5.13 38.26
CA ASP E 169 -3.05 -5.86 39.20
C ASP E 169 -3.06 -7.35 38.94
N HIS E 170 -2.96 -7.76 37.68
CA HIS E 170 -3.09 -9.17 37.30
C HIS E 170 -1.86 -10.00 37.60
N LEU E 171 -0.80 -9.43 38.16
CA LEU E 171 0.43 -10.16 38.45
C LEU E 171 0.58 -10.51 39.93
N SER E 172 -0.52 -10.74 40.63
CA SER E 172 -0.46 -11.21 42.02
C SER E 172 -0.39 -12.74 42.04
N SER E 173 0.64 -13.26 41.38
CA SER E 173 0.82 -14.70 41.22
C SER E 173 2.28 -15.08 41.36
N PRO E 176 4.59 -12.25 45.39
CA PRO E 176 4.77 -11.56 46.68
C PRO E 176 4.83 -10.04 46.52
N ASN E 177 5.77 -9.56 45.69
CA ASN E 177 5.91 -8.13 45.43
C ASN E 177 6.71 -7.91 44.16
N GLN E 178 6.42 -8.69 43.12
CA GLN E 178 7.13 -8.63 41.84
C GLN E 178 6.16 -8.35 40.69
N ASN E 179 5.21 -7.44 40.93
CA ASN E 179 4.20 -7.10 39.93
C ASN E 179 4.42 -5.71 39.34
N GLU E 180 5.63 -5.17 39.48
CA GLU E 180 5.94 -3.81 39.04
C GLU E 180 7.02 -3.84 37.98
N PHE E 181 6.94 -2.92 37.03
CA PHE E 181 7.89 -2.82 35.94
C PHE E 181 8.34 -1.39 35.76
N SER E 182 9.62 -1.22 35.44
CA SER E 182 10.20 0.10 35.20
C SER E 182 9.91 0.52 33.76
N ARG E 183 9.57 1.80 33.57
CA ARG E 183 9.25 2.32 32.25
C ARG E 183 10.00 3.61 31.99
N ILE E 184 10.59 3.71 30.81
CA ILE E 184 11.12 4.97 30.29
C ILE E 184 10.06 5.57 29.38
N THR E 185 9.98 6.91 29.37
CA THR E 185 9.06 7.64 28.51
C THR E 185 9.81 8.82 27.92
N VAL E 186 9.84 8.90 26.58
CA VAL E 186 10.38 10.04 25.88
C VAL E 186 9.21 10.79 25.25
N ARG E 187 9.36 12.11 25.12
CA ARG E 187 8.29 12.93 24.56
C ARG E 187 8.89 14.06 23.74
N ILE E 188 8.42 14.20 22.50
CA ILE E 188 8.86 15.24 21.60
C ILE E 188 7.69 16.18 21.36
N ASP E 189 7.83 17.43 21.79
CA ASP E 189 6.81 18.44 21.56
C ASP E 189 7.05 19.12 20.21
N ALA E 190 5.98 19.28 19.44
CA ALA E 190 6.09 19.87 18.12
C ALA E 190 4.78 20.56 17.77
N VAL E 191 4.89 21.58 16.92
CA VAL E 191 3.73 22.28 16.38
C VAL E 191 3.74 22.13 14.86
N ARG E 192 2.55 22.13 14.28
CA ARG E 192 2.43 21.97 12.83
C ARG E 192 2.80 23.26 12.12
N ASN E 193 3.30 23.12 10.90
CA ASN E 193 3.60 24.26 10.04
C ASN E 193 2.33 24.63 9.27
N PRO E 194 1.63 25.71 9.64
CA PRO E 194 0.35 26.01 9.01
C PRO E 194 0.44 26.82 7.73
N SER E 195 1.62 27.32 7.38
CA SER E 195 1.75 28.21 6.23
C SER E 195 1.03 27.66 5.01
N TYR E 196 1.23 26.38 4.70
CA TYR E 196 0.60 25.79 3.53
C TYR E 196 -0.91 25.91 3.59
N TYR E 197 -1.50 25.61 4.74
CA TYR E 197 -2.96 25.59 4.88
C TYR E 197 -3.57 26.98 4.93
N LEU E 198 -2.82 27.99 5.36
CA LEU E 198 -3.34 29.35 5.35
C LEU E 198 -3.44 29.88 3.93
N TRP E 199 -2.39 29.73 3.14
CA TRP E 199 -2.34 30.36 1.81
C TRP E 199 -3.11 29.57 0.76
N SER E 200 -3.15 28.24 0.87
CA SER E 200 -3.78 27.41 -0.15
C SER E 200 -5.17 26.93 0.22
N PHE E 201 -5.57 27.02 1.49
CA PHE E 201 -6.88 26.54 1.92
C PHE E 201 -7.71 27.60 2.60
N ILE E 202 -7.20 28.25 3.64
CA ILE E 202 -8.00 29.21 4.38
C ILE E 202 -8.15 30.52 3.61
N LEU E 203 -7.09 30.95 2.90
CA LEU E 203 -7.19 32.20 2.15
C LEU E 203 -8.16 32.09 0.98
N PRO E 204 -8.03 31.11 0.07
CA PRO E 204 -9.03 31.02 -1.02
C PRO E 204 -10.45 30.86 -0.52
N LEU E 205 -10.65 30.04 0.51
CA LEU E 205 -12.00 29.84 1.03
C LEU E 205 -12.58 31.14 1.56
N GLY E 206 -11.73 32.00 2.12
CA GLY E 206 -12.20 33.32 2.54
C GLY E 206 -12.67 34.16 1.37
N LEU E 207 -11.87 34.21 0.30
CA LEU E 207 -12.25 34.98 -0.88
C LEU E 207 -13.54 34.45 -1.50
N ILE E 208 -13.80 33.15 -1.39
CA ILE E 208 -15.01 32.58 -1.97
C ILE E 208 -16.22 32.91 -1.11
N ILE E 209 -16.13 32.70 0.21
CA ILE E 209 -17.22 33.06 1.11
C ILE E 209 -17.52 34.55 0.97
N ALA E 210 -16.48 35.38 0.93
CA ALA E 210 -16.66 36.82 0.75
C ALA E 210 -17.31 37.12 -0.59
N ALA E 211 -16.81 36.49 -1.66
CA ALA E 211 -17.34 36.74 -2.99
C ALA E 211 -18.82 36.42 -3.08
N SER E 212 -19.28 35.41 -2.33
CA SER E 212 -20.70 35.05 -2.36
C SER E 212 -21.57 36.20 -1.88
N TRP E 213 -21.03 37.06 -1.02
CA TRP E 213 -21.79 38.18 -0.47
C TRP E 213 -22.13 39.25 -1.51
N SER E 214 -21.55 39.18 -2.71
CA SER E 214 -21.84 40.18 -3.73
C SER E 214 -23.17 39.95 -4.43
N VAL E 215 -23.90 38.88 -4.08
CA VAL E 215 -25.23 38.68 -4.67
C VAL E 215 -26.15 39.84 -4.31
N PHE E 216 -25.93 40.47 -3.15
CA PHE E 216 -26.73 41.61 -2.74
C PHE E 216 -26.44 42.86 -3.57
N TRP E 217 -25.54 42.80 -4.54
CA TRP E 217 -25.26 43.90 -5.44
C TRP E 217 -25.81 43.70 -6.84
N LEU E 218 -26.30 42.50 -7.16
CA LEU E 218 -27.06 42.30 -8.38
C LEU E 218 -28.44 42.93 -8.21
N GLU E 219 -28.95 43.52 -9.31
CA GLU E 219 -30.09 44.42 -9.20
C GLU E 219 -31.44 43.73 -9.46
N SER E 220 -31.46 42.62 -10.17
CA SER E 220 -32.70 41.87 -10.38
C SER E 220 -32.76 40.65 -9.47
N PHE E 221 -33.98 40.28 -9.08
CA PHE E 221 -34.15 39.14 -8.19
C PHE E 221 -33.72 37.83 -8.85
N SER E 222 -34.01 37.68 -10.13
CA SER E 222 -33.61 36.46 -10.84
C SER E 222 -32.09 36.33 -10.93
N GLU E 223 -31.35 37.43 -10.78
CA GLU E 223 -29.89 37.36 -10.81
C GLU E 223 -29.32 36.98 -9.45
N ARG E 224 -29.87 37.54 -8.37
CA ARG E 224 -29.36 37.23 -7.04
C ARG E 224 -29.47 35.74 -6.75
N LEU E 225 -30.64 35.15 -7.03
CA LEU E 225 -30.89 33.77 -6.67
C LEU E 225 -30.11 32.80 -7.53
N GLN E 226 -29.89 33.14 -8.80
CA GLN E 226 -29.18 32.23 -9.70
C GLN E 226 -27.67 32.27 -9.51
N THR E 227 -27.11 33.44 -9.20
CA THR E 227 -25.69 33.48 -8.84
C THR E 227 -25.44 32.79 -7.51
N SER E 228 -26.46 32.70 -6.65
CA SER E 228 -26.29 32.00 -5.38
C SER E 228 -26.00 30.52 -5.60
N PHE E 229 -26.62 29.93 -6.63
CA PHE E 229 -26.32 28.53 -6.95
C PHE E 229 -24.90 28.39 -7.49
N THR E 230 -24.45 29.34 -8.31
CA THR E 230 -23.06 29.34 -8.73
C THR E 230 -22.13 29.39 -7.53
N CYS E 231 -22.50 30.17 -6.52
CA CYS E 231 -21.69 30.25 -5.30
C CYS E 231 -21.78 28.95 -4.50
N MET E 232 -23.00 28.46 -4.26
CA MET E 232 -23.17 27.16 -3.63
C MET E 232 -22.33 26.10 -4.33
N LEU E 233 -22.31 26.11 -5.66
CA LEU E 233 -21.55 25.12 -6.41
C LEU E 233 -20.05 25.33 -6.26
N THR E 234 -19.62 26.57 -5.97
CA THR E 234 -18.21 26.85 -5.77
C THR E 234 -17.72 26.30 -4.42
N VAL E 235 -18.56 26.39 -3.38
CA VAL E 235 -18.19 25.82 -2.10
C VAL E 235 -18.15 24.30 -2.18
N VAL E 236 -19.12 23.70 -2.88
CA VAL E 236 -19.10 22.25 -3.08
C VAL E 236 -17.81 21.82 -3.77
N ALA E 237 -17.48 22.45 -4.90
CA ALA E 237 -16.23 22.14 -5.57
C ALA E 237 -15.03 22.37 -4.66
N TYR E 238 -15.12 23.34 -3.76
CA TYR E 238 -14.00 23.63 -2.87
C TYR E 238 -13.95 22.65 -1.71
N ALA E 239 -15.09 22.31 -1.13
CA ALA E 239 -15.11 21.31 -0.07
C ALA E 239 -14.47 20.01 -0.54
N PHE E 240 -14.60 19.69 -1.81
CA PHE E 240 -14.04 18.46 -2.36
C PHE E 240 -12.54 18.60 -2.60
N TYR E 241 -12.09 19.78 -3.03
CA TYR E 241 -10.66 20.06 -3.10
C TYR E 241 -9.99 19.84 -1.75
N THR E 242 -10.60 20.34 -0.67
CA THR E 242 -10.04 20.18 0.66
C THR E 242 -10.10 18.73 1.11
N SER E 243 -11.26 18.09 0.96
CA SER E 243 -11.42 16.71 1.38
C SER E 243 -10.39 15.79 0.76
N ASN E 244 -9.84 16.17 -0.39
CA ASN E 244 -8.88 15.34 -1.11
C ASN E 244 -7.44 15.52 -0.62
N ILE E 245 -7.19 16.53 0.21
CA ILE E 245 -5.84 16.86 0.68
C ILE E 245 -5.76 16.81 2.20
N LEU E 246 -6.66 17.50 2.90
CA LEU E 246 -6.59 17.57 4.34
C LEU E 246 -6.79 16.19 4.95
N PRO E 247 -6.26 15.96 6.15
CA PRO E 247 -6.28 14.60 6.71
C PRO E 247 -7.67 14.18 7.12
N ARG E 248 -7.88 12.87 7.18
CA ARG E 248 -9.14 12.30 7.62
C ARG E 248 -9.19 12.25 9.14
N LEU E 249 -10.28 12.72 9.70
CA LEU E 249 -10.45 12.83 11.16
C LEU E 249 -11.86 12.47 11.51
N PRO E 250 -12.12 12.05 12.77
CA PRO E 250 -13.48 11.79 13.23
C PRO E 250 -14.23 13.02 13.75
N TYR E 251 -13.70 14.22 13.52
CA TYR E 251 -14.32 15.45 13.99
C TYR E 251 -14.00 16.56 13.00
N THR E 252 -14.77 17.65 13.09
CA THR E 252 -14.55 18.78 12.21
C THR E 252 -13.36 19.61 12.67
N THR E 253 -12.73 20.29 11.72
CA THR E 253 -11.63 21.20 11.99
C THR E 253 -12.07 22.64 11.67
N VAL E 254 -11.12 23.56 11.82
CA VAL E 254 -11.39 24.96 11.52
C VAL E 254 -11.83 25.12 10.06
N ILE E 255 -11.12 24.46 9.15
CA ILE E 255 -11.45 24.57 7.73
C ILE E 255 -12.83 24.00 7.45
N ASP E 256 -13.15 22.85 8.06
CA ASP E 256 -14.46 22.25 7.85
C ASP E 256 -15.57 23.21 8.29
N GLN E 257 -15.41 23.82 9.47
CA GLN E 257 -16.41 24.78 9.93
C GLN E 257 -16.53 25.97 9.00
N MET E 258 -15.41 26.39 8.40
CA MET E 258 -15.46 27.43 7.37
C MET E 258 -16.27 26.97 6.16
N ILE E 259 -15.96 25.77 5.66
CA ILE E 259 -16.74 25.21 4.55
C ILE E 259 -18.21 25.19 4.92
N ILE E 260 -18.53 24.73 6.13
CA ILE E 260 -19.91 24.68 6.57
C ILE E 260 -20.50 26.08 6.64
N ALA E 261 -19.71 27.05 7.12
CA ALA E 261 -20.19 28.42 7.19
C ALA E 261 -20.47 28.97 5.80
N GLY E 262 -19.64 28.64 4.82
CA GLY E 262 -19.93 29.02 3.46
C GLY E 262 -21.28 28.52 2.99
N TYR E 263 -21.62 27.28 3.34
CA TYR E 263 -22.93 26.74 3.00
C TYR E 263 -24.04 27.54 3.67
N GLY E 264 -23.92 27.76 4.98
CA GLY E 264 -24.98 28.46 5.70
C GLY E 264 -25.17 29.89 5.22
N SER E 265 -24.07 30.60 4.96
CA SER E 265 -24.17 31.95 4.45
C SER E 265 -24.91 32.00 3.13
N ILE E 266 -24.53 31.13 2.18
CA ILE E 266 -25.19 31.10 0.87
C ILE E 266 -26.65 30.71 1.02
N PHE E 267 -26.93 29.72 1.89
CA PHE E 267 -28.31 29.28 2.08
C PHE E 267 -29.16 30.40 2.69
N ALA E 268 -28.67 31.01 3.77
CA ALA E 268 -29.40 32.12 4.38
C ALA E 268 -29.64 33.24 3.37
N ALA E 269 -28.62 33.59 2.59
CA ALA E 269 -28.79 34.61 1.56
C ALA E 269 -29.91 34.23 0.60
N ILE E 270 -29.98 32.97 0.20
CA ILE E 270 -31.04 32.52 -0.70
C ILE E 270 -32.41 32.74 -0.07
N LEU E 271 -32.51 32.60 1.25
CA LEU E 271 -33.78 32.87 1.92
C LEU E 271 -34.08 34.36 1.95
N LEU E 272 -33.08 35.19 2.28
CA LEU E 272 -33.31 36.63 2.32
C LEU E 272 -33.68 37.18 0.96
N ILE E 273 -33.19 36.56 -0.12
CA ILE E 273 -33.48 37.04 -1.47
C ILE E 273 -34.94 36.78 -1.82
N ILE E 274 -35.48 35.64 -1.41
CA ILE E 274 -36.86 35.30 -1.73
C ILE E 274 -37.82 36.02 -0.79
N PHE E 275 -37.52 36.00 0.52
CA PHE E 275 -38.36 36.69 1.48
C PHE E 275 -38.50 38.17 1.12
N ALA E 276 -37.39 38.83 0.77
CA ALA E 276 -37.44 40.22 0.38
C ALA E 276 -38.25 40.44 -0.88
N HIS E 277 -38.37 39.42 -1.73
CA HIS E 277 -39.09 39.58 -2.99
C HIS E 277 -40.61 39.56 -2.76
N HIS E 278 -41.09 38.58 -2.00
CA HIS E 278 -42.51 38.41 -1.74
C HIS E 278 -42.91 38.95 -0.36
N ARG E 279 -42.33 40.07 0.05
CA ARG E 279 -42.65 40.65 1.35
C ARG E 279 -41.88 41.97 1.52
N ASP E 286 -41.26 43.41 -4.24
CA ASP E 286 -39.93 43.71 -4.73
C ASP E 286 -39.21 44.67 -3.78
N ASP E 287 -39.19 44.32 -2.50
CA ASP E 287 -38.55 45.16 -1.48
C ASP E 287 -37.05 45.20 -1.73
N LEU E 288 -36.57 46.28 -2.35
CA LEU E 288 -35.14 46.51 -2.49
C LEU E 288 -34.55 47.20 -1.26
N LEU E 289 -35.38 47.57 -0.28
CA LEU E 289 -34.88 48.19 0.93
C LEU E 289 -34.00 47.22 1.72
N ILE E 290 -34.55 46.06 2.07
CA ILE E 290 -33.78 45.06 2.80
C ILE E 290 -32.63 44.52 1.95
N GLN E 291 -32.75 44.58 0.63
CA GLN E 291 -31.61 44.23 -0.24
C GLN E 291 -30.38 45.09 0.05
N ARG E 292 -30.54 46.20 0.77
CA ARG E 292 -29.42 46.99 1.25
C ARG E 292 -28.73 46.37 2.46
N SER E 293 -28.91 45.06 2.67
CA SER E 293 -28.15 44.30 3.66
C SER E 293 -26.76 43.92 3.16
N ARG E 294 -26.26 44.62 2.14
CA ARG E 294 -24.89 44.39 1.67
C ARG E 294 -23.91 44.47 2.83
N LEU E 295 -24.18 45.32 3.81
CA LEU E 295 -23.36 45.44 5.00
C LEU E 295 -23.92 44.67 6.19
N ALA E 296 -25.24 44.41 6.20
CA ALA E 296 -25.85 43.71 7.33
C ALA E 296 -25.53 42.22 7.30
N PHE E 297 -25.61 41.60 6.11
CA PHE E 297 -25.39 40.16 6.03
C PHE E 297 -23.96 39.79 6.36
N PRO E 298 -22.93 40.46 5.82
CA PRO E 298 -21.56 40.08 6.19
C PRO E 298 -21.25 40.29 7.67
N LEU E 299 -21.74 41.38 8.26
CA LEU E 299 -21.48 41.62 9.68
C LEU E 299 -22.13 40.55 10.55
N GLY E 300 -23.41 40.24 10.28
CA GLY E 300 -24.07 39.17 11.01
C GLY E 300 -23.35 37.84 10.90
N PHE E 301 -22.71 37.58 9.75
CA PHE E 301 -21.90 36.38 9.60
C PHE E 301 -20.70 36.42 10.55
N LEU E 302 -19.95 37.52 10.54
CA LEU E 302 -18.78 37.62 11.40
C LEU E 302 -19.17 37.62 12.87
N ALA E 303 -20.29 38.26 13.21
CA ALA E 303 -20.75 38.25 14.59
C ALA E 303 -21.02 36.82 15.08
N ILE E 304 -21.75 36.06 14.28
CA ILE E 304 -22.00 34.66 14.62
C ILE E 304 -20.72 33.86 14.59
N GLY E 305 -19.77 34.25 13.74
CA GLY E 305 -18.52 33.49 13.63
C GLY E 305 -17.77 33.39 14.95
N SER E 306 -17.68 34.52 15.67
CA SER E 306 -17.01 34.49 16.97
C SER E 306 -17.64 33.47 17.90
N VAL E 307 -18.97 33.41 17.92
CA VAL E 307 -19.69 32.44 18.73
C VAL E 307 -19.67 31.08 18.04
N GLN F 1 19.45 37.49 3.93
CA GLN F 1 20.36 38.55 4.43
C GLN F 1 21.16 38.07 5.64
N VAL F 2 22.36 37.56 5.39
CA VAL F 2 23.24 37.03 6.43
C VAL F 2 24.65 37.56 6.19
N GLN F 3 25.35 37.83 7.29
CA GLN F 3 26.73 38.29 7.25
C GLN F 3 27.57 37.43 8.18
N LEU F 4 28.73 36.99 7.69
CA LEU F 4 29.65 36.17 8.47
C LEU F 4 31.00 36.87 8.58
N GLN F 5 31.60 36.79 9.76
CA GLN F 5 32.90 37.42 10.03
C GLN F 5 33.77 36.46 10.82
N GLU F 6 34.92 36.09 10.27
CA GLU F 6 35.84 35.20 10.94
C GLU F 6 36.88 35.99 11.75
N SER F 7 37.60 35.29 12.61
CA SER F 7 38.67 35.87 13.40
C SER F 7 39.41 34.74 14.11
N GLY F 8 40.53 35.10 14.73
CA GLY F 8 41.35 34.16 15.47
C GLY F 8 42.55 33.63 14.72
N GLY F 9 42.69 33.96 13.44
CA GLY F 9 43.83 33.48 12.68
C GLY F 9 45.08 34.32 12.92
N GLY F 10 46.22 33.72 12.59
CA GLY F 10 47.48 34.39 12.78
C GLY F 10 48.63 33.46 12.47
N LEU F 11 49.83 33.90 12.85
CA LEU F 11 51.04 33.11 12.63
C LEU F 11 51.27 32.19 13.81
N VAL F 12 51.74 30.97 13.52
CA VAL F 12 51.95 29.97 14.55
C VAL F 12 52.99 28.99 14.04
N GLN F 13 53.72 28.37 14.97
CA GLN F 13 54.73 27.39 14.63
C GLN F 13 54.12 25.99 14.57
N ALA F 14 54.82 25.08 13.91
CA ALA F 14 54.37 23.69 13.82
C ALA F 14 54.12 23.15 15.22
N GLY F 15 52.95 22.55 15.42
CA GLY F 15 52.55 22.03 16.71
C GLY F 15 51.80 23.01 17.58
N GLY F 16 51.67 24.26 17.16
CA GLY F 16 50.95 25.25 17.92
C GLY F 16 49.45 25.12 17.76
N SER F 17 48.73 26.06 18.37
CA SER F 17 47.27 26.02 18.40
C SER F 17 46.70 27.39 18.05
N LEU F 18 45.53 27.37 17.43
CA LEU F 18 44.74 28.57 17.20
C LEU F 18 43.29 28.26 17.52
N ARG F 19 42.52 29.31 17.79
CA ARG F 19 41.08 29.18 18.03
C ARG F 19 40.38 30.19 17.14
N LEU F 20 39.68 29.71 16.13
CA LEU F 20 38.99 30.58 15.18
C LEU F 20 37.56 30.83 15.63
N SER F 21 37.08 32.06 15.41
CA SER F 21 35.72 32.45 15.73
C SER F 21 35.01 32.90 14.47
N CYS F 22 33.70 32.69 14.44
CA CYS F 22 32.85 33.18 13.36
C CYS F 22 31.57 33.72 13.96
N ALA F 23 31.27 34.98 13.65
CA ALA F 23 30.06 35.64 14.14
C ALA F 23 29.07 35.77 12.98
N ALA F 24 27.85 35.28 13.20
CA ALA F 24 26.79 35.35 12.20
C ALA F 24 25.80 36.44 12.57
N SER F 25 25.29 37.13 11.55
CA SER F 25 24.35 38.22 11.75
C SER F 25 23.32 38.21 10.63
N GLY F 26 22.08 38.56 10.96
CA GLY F 26 21.03 38.65 9.96
C GLY F 26 19.95 37.60 10.13
N ARG F 27 19.33 37.20 9.02
CA ARG F 27 18.26 36.21 9.03
C ARG F 27 18.89 34.81 9.15
N ILE F 28 19.18 34.43 10.39
CA ILE F 28 19.73 33.10 10.69
C ILE F 28 19.04 32.58 11.94
N PHE F 29 18.49 31.37 11.84
CA PHE F 29 17.71 30.79 12.93
C PHE F 29 18.52 29.83 13.81
N SER F 30 19.75 29.50 13.42
CA SER F 30 20.55 28.56 14.19
C SER F 30 21.95 28.51 13.61
N THR F 31 22.91 28.14 14.46
CA THR F 31 24.30 27.99 14.03
C THR F 31 24.59 26.63 13.40
N ASN F 32 23.60 25.75 13.30
CA ASN F 32 23.84 24.43 12.72
C ASN F 32 24.22 24.53 11.25
N VAL F 33 23.75 25.55 10.55
CA VAL F 33 24.03 25.70 9.13
C VAL F 33 25.47 26.14 8.88
N MET F 34 26.16 26.63 9.91
CA MET F 34 27.50 27.19 9.75
C MET F 34 28.52 26.06 9.63
N GLY F 35 29.49 26.28 8.76
CA GLY F 35 30.54 25.29 8.52
C GLY F 35 31.83 25.95 8.13
N TRP F 36 32.93 25.32 8.50
CA TRP F 36 34.27 25.85 8.25
C TRP F 36 34.85 25.23 6.99
N PHE F 37 35.45 26.08 6.15
CA PHE F 37 36.18 25.66 4.96
C PHE F 37 37.54 26.33 4.98
N ARG F 38 38.44 25.84 4.12
CA ARG F 38 39.75 26.44 3.97
C ARG F 38 40.19 26.32 2.51
N GLN F 39 40.94 27.32 2.06
CA GLN F 39 41.44 27.36 0.69
C GLN F 39 42.89 27.82 0.72
N ALA F 40 43.76 27.05 0.10
CA ALA F 40 45.17 27.37 0.01
C ALA F 40 45.46 28.06 -1.31
N PRO F 41 46.63 28.69 -1.44
CA PRO F 41 46.99 29.32 -2.73
C PRO F 41 47.07 28.29 -3.84
N GLY F 42 46.26 28.49 -4.88
CA GLY F 42 46.25 27.57 -6.00
C GLY F 42 45.67 26.21 -5.68
N LYS F 43 44.75 26.14 -4.72
CA LYS F 43 44.06 24.91 -4.38
C LYS F 43 42.56 25.18 -4.29
N GLU F 44 41.78 24.12 -4.41
CA GLU F 44 40.33 24.25 -4.34
C GLU F 44 39.88 24.35 -2.89
N ARG F 45 38.98 25.29 -2.62
CA ARG F 45 38.42 25.44 -1.28
C ARG F 45 37.83 24.11 -0.82
N GLU F 46 38.34 23.58 0.29
CA GLU F 46 37.98 22.26 0.78
C GLU F 46 37.25 22.35 2.11
N PHE F 47 36.43 21.34 2.38
CA PHE F 47 35.64 21.29 3.61
C PHE F 47 36.55 21.02 4.81
N VAL F 48 36.11 21.48 5.97
CA VAL F 48 36.86 21.26 7.21
C VAL F 48 35.94 20.63 8.25
N ALA F 49 34.89 21.34 8.65
CA ALA F 49 34.04 20.86 9.73
C ALA F 49 32.67 21.53 9.69
N THR F 50 31.67 20.82 10.20
CA THR F 50 30.33 21.35 10.40
C THR F 50 29.56 20.38 11.29
N VAL F 51 28.46 20.87 11.86
CA VAL F 51 27.68 20.03 12.77
C VAL F 51 27.15 18.80 12.05
N GLY F 52 26.90 17.74 12.83
CA GLY F 52 26.30 16.54 12.30
C GLY F 52 24.78 16.56 12.41
N ARG F 53 24.15 15.63 11.67
CA ARG F 53 22.70 15.60 11.62
C ARG F 53 22.08 15.27 12.97
N ILE F 54 22.63 14.28 13.67
CA ILE F 54 22.11 13.87 14.96
C ILE F 54 22.89 14.57 16.06
N GLY F 55 22.17 14.99 17.11
CA GLY F 55 22.78 15.68 18.23
C GLY F 55 23.95 14.94 18.83
N GLY F 56 25.04 15.66 19.10
CA GLY F 56 26.24 15.06 19.64
C GLY F 56 27.26 14.63 18.60
N SER F 57 26.96 14.78 17.31
CA SER F 57 27.86 14.36 16.25
C SER F 57 28.41 15.58 15.51
N THR F 58 29.58 15.41 14.92
CA THR F 58 30.23 16.48 14.17
C THR F 58 31.00 15.86 13.01
N VAL F 59 30.93 16.50 11.84
CA VAL F 59 31.60 16.01 10.63
C VAL F 59 32.94 16.71 10.50
N TYR F 60 33.99 15.93 10.22
CA TYR F 60 35.33 16.47 10.03
C TYR F 60 35.94 15.89 8.76
N ALA F 61 36.69 16.73 8.05
CA ALA F 61 37.43 16.26 6.88
C ALA F 61 38.43 15.18 7.30
N ASP F 62 38.89 14.41 6.31
CA ASP F 62 39.77 13.28 6.62
C ASP F 62 41.10 13.75 7.19
N PHE F 63 41.54 14.96 6.85
CA PHE F 63 42.84 15.44 7.30
C PHE F 63 42.81 16.02 8.71
N VAL F 64 41.64 16.14 9.33
CA VAL F 64 41.58 16.65 10.70
C VAL F 64 42.28 15.69 11.66
N LYS F 65 41.87 14.42 11.65
CA LYS F 65 42.51 13.39 12.46
C LYS F 65 42.49 13.76 13.94
N GLY F 66 41.31 14.16 14.42
CA GLY F 66 41.12 14.50 15.81
C GLY F 66 41.76 15.78 16.28
N ARG F 67 42.46 16.50 15.40
CA ARG F 67 43.20 17.69 15.82
C ARG F 67 42.31 18.91 16.05
N PHE F 68 41.23 19.05 15.29
CA PHE F 68 40.35 20.20 15.37
C PHE F 68 39.05 19.82 16.07
N THR F 69 38.36 20.82 16.61
CA THR F 69 37.11 20.59 17.31
C THR F 69 36.19 21.77 17.08
N LEU F 70 34.96 21.49 16.68
CA LEU F 70 33.96 22.50 16.40
C LEU F 70 32.99 22.62 17.57
N SER F 71 32.83 23.83 18.09
CA SER F 71 31.88 24.12 19.16
C SER F 71 31.12 25.39 18.80
N ARG F 72 30.08 25.68 19.59
CA ARG F 72 29.16 26.75 19.24
C ARG F 72 28.59 27.41 20.48
N ASP F 73 28.07 28.62 20.29
CA ASP F 73 27.29 29.34 21.31
C ASP F 73 26.06 29.87 20.57
N ASN F 74 24.98 29.10 20.60
CA ASN F 74 23.78 29.47 19.85
C ASN F 74 23.23 30.81 20.33
N ALA F 75 23.27 31.06 21.65
CA ALA F 75 22.69 32.29 22.17
C ALA F 75 23.31 33.52 21.52
N LYS F 76 24.62 33.47 21.22
CA LYS F 76 25.33 34.59 20.61
C LYS F 76 25.57 34.39 19.12
N ASN F 77 24.98 33.35 18.52
CA ASN F 77 25.12 33.07 17.09
C ASN F 77 26.59 33.04 16.68
N MET F 78 27.34 32.12 17.28
CA MET F 78 28.76 32.00 17.00
C MET F 78 29.18 30.54 17.05
N VAL F 79 30.19 30.23 16.24
CA VAL F 79 30.82 28.92 16.22
C VAL F 79 32.33 29.11 16.35
N TYR F 80 32.99 28.11 16.91
CA TYR F 80 34.42 28.17 17.16
C TYR F 80 35.09 26.91 16.62
N LEU F 81 36.28 27.07 16.04
CA LEU F 81 37.10 25.94 15.60
C LEU F 81 38.42 25.99 16.35
N GLN F 82 38.60 25.07 17.30
CA GLN F 82 39.85 24.93 18.03
C GLN F 82 40.79 24.05 17.20
N MET F 83 41.94 24.60 16.81
CA MET F 83 42.91 23.89 15.98
C MET F 83 44.16 23.63 16.81
N ASN F 84 44.43 22.34 17.07
CA ASN F 84 45.63 21.92 17.79
C ASN F 84 46.56 21.16 16.87
N SER F 85 47.81 21.03 17.30
CA SER F 85 48.82 20.25 16.60
C SER F 85 48.90 20.65 15.12
N LEU F 86 49.00 21.97 14.89
CA LEU F 86 49.01 22.48 13.53
C LEU F 86 50.29 22.06 12.80
N LYS F 87 50.16 21.81 11.51
CA LYS F 87 51.27 21.44 10.64
C LYS F 87 51.35 22.44 9.49
N PRO F 88 52.49 22.50 8.80
CA PRO F 88 52.58 23.43 7.65
C PRO F 88 51.50 23.19 6.62
N GLU F 89 50.98 21.97 6.52
CA GLU F 89 49.94 21.67 5.55
C GLU F 89 48.63 22.39 5.85
N ASP F 90 48.45 22.87 7.07
CA ASP F 90 47.23 23.58 7.44
C ASP F 90 47.26 25.05 7.08
N THR F 91 48.34 25.52 6.47
CA THR F 91 48.41 26.90 6.02
C THR F 91 47.37 27.14 4.94
N ALA F 92 46.50 28.11 5.15
CA ALA F 92 45.46 28.46 4.19
C ALA F 92 44.61 29.56 4.80
N VAL F 93 43.70 30.11 3.99
CA VAL F 93 42.67 31.00 4.47
C VAL F 93 41.47 30.15 4.89
N TYR F 94 40.97 30.37 6.10
CA TYR F 94 39.86 29.60 6.64
C TYR F 94 38.59 30.43 6.56
N TYR F 95 37.64 29.95 5.77
CA TYR F 95 36.39 30.65 5.51
C TYR F 95 35.25 30.05 6.31
N CYS F 96 34.32 30.91 6.71
CA CYS F 96 33.11 30.51 7.42
C CYS F 96 31.95 30.63 6.46
N GLY F 97 31.19 29.53 6.31
CA GLY F 97 30.07 29.51 5.39
C GLY F 97 28.81 29.09 6.08
N ALA F 98 27.68 29.51 5.51
CA ALA F 98 26.36 29.12 6.00
C ALA F 98 25.70 28.22 4.96
N ARG F 99 25.13 27.12 5.44
CA ARG F 99 24.53 26.12 4.56
C ARG F 99 23.19 26.64 4.06
N ILE F 100 23.11 26.94 2.75
CA ILE F 100 21.86 27.39 2.15
C ILE F 100 20.82 26.28 2.18
N GLY F 101 21.09 25.20 1.45
CA GLY F 101 20.18 24.08 1.41
C GLY F 101 20.88 22.81 0.95
N GLY F 102 20.37 22.20 -0.13
CA GLY F 102 20.91 20.94 -0.58
C GLY F 102 20.82 19.88 0.52
N SER F 103 21.48 18.76 0.26
CA SER F 103 21.55 17.68 1.24
C SER F 103 22.95 17.08 1.28
N ASP F 104 23.97 17.93 1.28
CA ASP F 104 25.37 17.48 1.35
C ASP F 104 26.15 18.59 2.04
N ARG F 105 26.23 18.51 3.37
CA ARG F 105 26.92 19.55 4.15
C ARG F 105 28.43 19.55 3.93
N LEU F 106 28.96 18.55 3.23
CA LEU F 106 30.39 18.54 2.90
C LEU F 106 30.69 19.24 1.58
N ALA F 107 29.66 19.69 0.86
CA ALA F 107 29.87 20.28 -0.46
C ALA F 107 29.91 21.80 -0.35
N PRO F 108 31.01 22.46 -0.71
CA PRO F 108 31.02 23.92 -0.65
C PRO F 108 29.92 24.58 -1.45
N GLU F 109 29.40 23.90 -2.49
CA GLU F 109 28.37 24.49 -3.34
C GLU F 109 27.06 24.70 -2.59
N ASN F 110 26.84 23.99 -1.49
CA ASN F 110 25.63 24.16 -0.70
C ASN F 110 25.78 25.21 0.40
N TYR F 111 26.82 26.05 0.31
CA TYR F 111 27.07 27.08 1.31
C TYR F 111 27.14 28.45 0.65
N GLY F 112 26.74 29.47 1.40
CA GLY F 112 26.79 30.83 0.92
C GLY F 112 27.08 31.84 2.01
N TYR F 113 26.91 33.13 1.69
CA TYR F 113 27.21 34.20 2.64
C TYR F 113 28.62 34.09 3.20
N TRP F 114 29.54 33.59 2.38
CA TRP F 114 30.93 33.41 2.80
C TRP F 114 31.46 34.68 3.45
N GLY F 115 32.40 34.52 4.37
CA GLY F 115 33.06 35.63 5.01
C GLY F 115 34.36 35.99 4.31
N GLN F 116 34.98 37.06 4.83
CA GLN F 116 36.27 37.48 4.28
C GLN F 116 37.35 36.45 4.54
N GLY F 117 37.27 35.77 5.67
CA GLY F 117 38.25 34.76 6.02
C GLY F 117 39.35 35.30 6.92
N THR F 118 39.99 34.39 7.64
CA THR F 118 41.13 34.69 8.48
C THR F 118 42.31 33.84 8.05
N GLN F 119 43.48 34.46 7.89
CA GLN F 119 44.66 33.75 7.44
C GLN F 119 45.23 32.89 8.56
N VAL F 120 45.61 31.67 8.21
CA VAL F 120 46.29 30.75 9.12
C VAL F 120 47.60 30.35 8.46
N THR F 121 48.72 30.71 9.08
CA THR F 121 50.04 30.37 8.59
C THR F 121 50.74 29.54 9.67
N VAL F 122 51.12 28.32 9.30
CA VAL F 122 51.87 27.43 10.18
C VAL F 122 53.27 27.36 9.61
N SER F 123 54.23 27.93 10.32
CA SER F 123 55.59 28.12 9.82
C SER F 123 56.43 26.89 10.12
N SER F 124 56.89 26.22 9.06
CA SER F 124 57.83 25.09 9.15
C SER F 124 57.77 24.26 7.87
N GLN G 3 23.39 10.04 -39.14
CA GLN G 3 24.16 9.34 -40.16
C GLN G 3 25.38 8.65 -39.54
N LEU G 4 25.55 7.37 -39.84
CA LEU G 4 26.66 6.57 -39.32
C LEU G 4 27.55 6.12 -40.47
N GLN G 5 28.85 6.07 -40.22
CA GLN G 5 29.84 5.69 -41.23
C GLN G 5 30.88 4.79 -40.59
N GLU G 6 30.99 3.55 -41.07
CA GLU G 6 31.98 2.62 -40.57
C GLU G 6 33.28 2.73 -41.37
N SER G 7 34.30 2.03 -40.90
CA SER G 7 35.60 1.96 -41.57
C SER G 7 36.46 0.95 -40.82
N GLY G 8 37.67 0.74 -41.31
CA GLY G 8 38.61 -0.19 -40.71
C GLY G 8 38.57 -1.59 -41.28
N GLY G 9 37.59 -1.90 -42.13
CA GLY G 9 37.51 -3.22 -42.71
C GLY G 9 38.74 -3.56 -43.54
N GLY G 10 38.77 -4.79 -44.01
CA GLY G 10 39.86 -5.26 -44.85
C GLY G 10 40.00 -6.76 -44.79
N LEU G 11 40.84 -7.27 -45.68
CA LEU G 11 41.14 -8.69 -45.74
C LEU G 11 42.30 -9.03 -44.81
N VAL G 12 42.23 -10.21 -44.19
CA VAL G 12 43.21 -10.60 -43.20
C VAL G 12 43.30 -12.13 -43.17
N GLN G 13 44.46 -12.63 -42.77
CA GLN G 13 44.64 -14.06 -42.63
C GLN G 13 44.11 -14.54 -41.27
N ALA G 14 43.79 -15.83 -41.21
CA ALA G 14 43.26 -16.41 -39.97
C ALA G 14 44.17 -16.10 -38.80
N GLY G 15 43.57 -15.65 -37.70
CA GLY G 15 44.32 -15.26 -36.53
C GLY G 15 44.75 -13.81 -36.50
N GLY G 16 44.46 -13.05 -37.55
CA GLY G 16 44.87 -11.67 -37.63
C GLY G 16 43.92 -10.73 -36.91
N SER G 17 44.16 -9.43 -37.10
CA SER G 17 43.46 -8.39 -36.38
C SER G 17 42.89 -7.36 -37.33
N LEU G 18 41.88 -6.65 -36.83
CA LEU G 18 41.36 -5.44 -37.47
C LEU G 18 40.87 -4.53 -36.36
N ARG G 19 40.66 -3.27 -36.71
CA ARG G 19 40.13 -2.29 -35.75
C ARG G 19 39.06 -1.48 -36.49
N LEU G 20 37.83 -1.98 -36.46
CA LEU G 20 36.73 -1.26 -37.05
C LEU G 20 36.49 0.04 -36.29
N SER G 21 36.04 1.06 -37.02
CA SER G 21 35.73 2.36 -36.45
C SER G 21 34.37 2.80 -36.95
N CYS G 22 33.60 3.46 -36.08
CA CYS G 22 32.29 3.99 -36.45
C CYS G 22 32.28 5.47 -36.09
N ALA G 23 32.00 6.31 -37.09
CA ALA G 23 31.95 7.75 -36.92
C ALA G 23 30.49 8.19 -36.87
N ALA G 24 30.10 8.84 -35.79
CA ALA G 24 28.75 9.35 -35.61
C ALA G 24 28.71 10.84 -35.92
N SER G 25 27.66 11.25 -36.62
CA SER G 25 27.49 12.66 -36.99
C SER G 25 26.00 12.99 -36.95
N GLY G 26 25.64 13.97 -36.13
CA GLY G 26 24.27 14.42 -36.05
C GLY G 26 23.74 14.53 -34.64
N ARG G 27 22.53 14.02 -34.41
CA ARG G 27 21.83 14.18 -33.14
C ARG G 27 21.86 12.88 -32.36
N ILE G 28 23.03 12.56 -31.81
CA ILE G 28 23.18 11.48 -30.84
C ILE G 28 23.71 12.08 -29.55
N PHE G 29 23.00 11.84 -28.44
CA PHE G 29 23.40 12.42 -27.17
C PHE G 29 24.80 11.99 -26.78
N SER G 30 25.11 10.71 -26.92
CA SER G 30 26.43 10.19 -26.60
C SER G 30 26.67 8.94 -27.43
N THR G 31 27.84 8.31 -27.20
CA THR G 31 28.20 7.10 -27.90
C THR G 31 27.61 5.84 -27.25
N ASN G 32 27.02 5.95 -26.06
CA ASN G 32 26.42 4.80 -25.41
C ASN G 32 25.38 4.11 -26.28
N VAL G 33 24.88 4.80 -27.31
CA VAL G 33 23.78 4.27 -28.11
C VAL G 33 24.24 3.39 -29.26
N MET G 34 25.50 3.47 -29.65
CA MET G 34 25.98 2.77 -30.84
C MET G 34 26.31 1.31 -30.53
N GLY G 35 26.00 0.44 -31.47
CA GLY G 35 26.29 -0.97 -31.33
C GLY G 35 26.72 -1.58 -32.64
N TRP G 36 27.63 -2.55 -32.55
CA TRP G 36 28.18 -3.22 -33.72
C TRP G 36 27.37 -4.45 -34.07
N PHE G 37 27.07 -4.62 -35.35
CA PHE G 37 26.38 -5.80 -35.88
C PHE G 37 27.14 -6.32 -37.09
N ARG G 38 26.78 -7.53 -37.53
CA ARG G 38 27.39 -8.09 -38.73
C ARG G 38 26.37 -8.95 -39.45
N GLN G 39 26.54 -9.08 -40.76
CA GLN G 39 25.63 -9.85 -41.60
C GLN G 39 26.43 -10.52 -42.70
N ALA G 40 26.38 -11.84 -42.75
CA ALA G 40 27.06 -12.60 -43.79
C ALA G 40 26.09 -12.95 -44.90
N PRO G 41 26.61 -13.34 -46.08
CA PRO G 41 25.71 -13.66 -47.20
C PRO G 41 24.71 -14.74 -46.82
N GLY G 42 23.44 -14.46 -47.05
CA GLY G 42 22.36 -15.39 -46.73
C GLY G 42 21.86 -15.31 -45.31
N LYS G 43 22.78 -15.29 -44.34
CA LYS G 43 22.40 -15.27 -42.94
C LYS G 43 21.84 -13.90 -42.55
N GLU G 44 21.08 -13.89 -41.46
CA GLU G 44 20.47 -12.67 -40.97
C GLU G 44 21.49 -11.85 -40.18
N ARG G 45 21.22 -10.55 -40.10
CA ARG G 45 22.09 -9.63 -39.36
C ARG G 45 22.04 -9.96 -37.87
N GLU G 46 23.20 -10.09 -37.25
CA GLU G 46 23.31 -10.53 -35.86
C GLU G 46 24.08 -9.53 -35.03
N PHE G 47 23.90 -9.62 -33.71
CA PHE G 47 24.51 -8.69 -32.77
C PHE G 47 25.95 -9.09 -32.47
N VAL G 48 26.80 -8.08 -32.28
CA VAL G 48 28.20 -8.30 -31.97
C VAL G 48 28.56 -7.69 -30.62
N ALA G 49 28.35 -6.38 -30.47
CA ALA G 49 28.79 -5.73 -29.24
C ALA G 49 28.14 -4.37 -29.08
N THR G 50 27.99 -3.95 -27.83
CA THR G 50 27.55 -2.60 -27.46
C THR G 50 27.81 -2.42 -25.98
N VAL G 51 27.59 -1.20 -25.49
CA VAL G 51 27.83 -0.90 -24.08
C VAL G 51 26.74 -1.54 -23.23
N GLY G 52 27.12 -1.90 -22.00
CA GLY G 52 26.16 -2.43 -21.05
C GLY G 52 25.38 -1.33 -20.35
N ARG G 53 24.35 -1.74 -19.61
CA ARG G 53 23.50 -0.78 -18.90
C ARG G 53 24.28 -0.06 -17.82
N ILE G 54 24.91 -0.80 -16.92
CA ILE G 54 25.64 -0.21 -15.80
C ILE G 54 27.06 0.12 -16.24
N GLY G 55 27.58 1.26 -15.75
CA GLY G 55 28.91 1.71 -16.11
C GLY G 55 30.00 0.66 -15.93
N GLY G 56 30.94 0.63 -16.87
CA GLY G 56 32.03 -0.33 -16.82
C GLY G 56 31.74 -1.66 -17.48
N SER G 57 30.50 -1.93 -17.83
CA SER G 57 30.11 -3.20 -18.42
C SER G 57 29.91 -3.06 -19.92
N THR G 58 30.20 -4.13 -20.66
CA THR G 58 30.00 -4.18 -22.10
C THR G 58 29.38 -5.53 -22.45
N VAL G 59 28.47 -5.51 -23.41
CA VAL G 59 27.73 -6.70 -23.84
C VAL G 59 28.37 -7.23 -25.12
N TYR G 60 28.79 -8.49 -25.11
CA TYR G 60 29.35 -9.13 -26.29
C TYR G 60 28.55 -10.37 -26.66
N ALA G 61 28.46 -10.63 -27.96
CA ALA G 61 27.79 -11.83 -28.45
C ALA G 61 28.57 -13.08 -28.02
N ASP G 62 27.85 -14.20 -27.95
CA ASP G 62 28.44 -15.42 -27.42
C ASP G 62 29.61 -15.92 -28.25
N PHE G 63 29.68 -15.57 -29.53
CA PHE G 63 30.78 -16.03 -30.37
C PHE G 63 32.04 -15.19 -30.23
N VAL G 64 31.96 -14.01 -29.60
CA VAL G 64 33.15 -13.17 -29.44
C VAL G 64 34.23 -13.92 -28.66
N LYS G 65 33.86 -14.50 -27.52
CA LYS G 65 34.78 -15.28 -26.72
C LYS G 65 36.04 -14.48 -26.35
N GLY G 66 35.83 -13.21 -26.01
CA GLY G 66 36.91 -12.36 -25.54
C GLY G 66 37.87 -11.86 -26.59
N ARG G 67 37.59 -12.12 -27.88
CA ARG G 67 38.51 -11.71 -28.93
C ARG G 67 38.36 -10.24 -29.29
N PHE G 68 37.13 -9.72 -29.25
CA PHE G 68 36.85 -8.36 -29.67
C PHE G 68 36.66 -7.45 -28.46
N THR G 69 36.96 -6.17 -28.64
CA THR G 69 36.80 -5.18 -27.59
C THR G 69 36.15 -3.93 -28.15
N LEU G 70 35.18 -3.39 -27.42
CA LEU G 70 34.50 -2.16 -27.79
C LEU G 70 35.07 -1.01 -26.97
N SER G 71 35.52 0.04 -27.65
CA SER G 71 36.02 1.24 -27.01
C SER G 71 35.35 2.45 -27.65
N ARG G 72 35.43 3.59 -26.96
CA ARG G 72 34.73 4.78 -27.40
C ARG G 72 35.57 6.01 -27.11
N ASP G 73 35.24 7.10 -27.80
CA ASP G 73 35.85 8.41 -27.60
C ASP G 73 34.71 9.42 -27.68
N ASN G 74 34.03 9.63 -26.54
CA ASN G 74 32.82 10.45 -26.54
C ASN G 74 33.06 11.84 -27.13
N ALA G 75 34.29 12.34 -27.05
CA ALA G 75 34.60 13.66 -27.62
C ALA G 75 34.47 13.63 -29.14
N LYS G 76 35.12 12.66 -29.78
CA LYS G 76 35.07 12.53 -31.24
C LYS G 76 33.81 11.84 -31.74
N ASN G 77 32.92 11.42 -30.85
CA ASN G 77 31.70 10.72 -31.23
C ASN G 77 32.00 9.52 -32.12
N MET G 78 32.87 8.64 -31.61
CA MET G 78 33.26 7.44 -32.35
C MET G 78 33.38 6.27 -31.39
N VAL G 79 33.25 5.08 -31.96
CA VAL G 79 33.44 3.83 -31.22
C VAL G 79 34.26 2.88 -32.11
N TYR G 80 35.14 2.12 -31.48
CA TYR G 80 36.06 1.24 -32.18
C TYR G 80 35.82 -0.20 -31.73
N LEU G 81 35.90 -1.13 -32.68
CA LEU G 81 35.81 -2.56 -32.39
C LEU G 81 37.17 -3.18 -32.73
N GLN G 82 38.02 -3.32 -31.72
CA GLN G 82 39.30 -3.98 -31.87
C GLN G 82 39.07 -5.48 -31.97
N MET G 83 39.26 -6.04 -33.17
CA MET G 83 39.03 -7.46 -33.41
C MET G 83 40.37 -8.19 -33.49
N ASN G 84 40.49 -9.28 -32.74
CA ASN G 84 41.68 -10.11 -32.72
C ASN G 84 41.31 -11.57 -32.96
N SER G 85 42.34 -12.38 -33.17
CA SER G 85 42.19 -13.83 -33.37
C SER G 85 41.05 -14.14 -34.35
N LEU G 86 40.96 -13.35 -35.41
CA LEU G 86 39.86 -13.52 -36.36
C LEU G 86 39.90 -14.91 -36.99
N LYS G 87 38.73 -15.37 -37.40
CA LYS G 87 38.55 -16.69 -37.98
C LYS G 87 37.70 -16.58 -39.23
N PRO G 88 37.77 -17.57 -40.13
CA PRO G 88 36.93 -17.53 -41.33
C PRO G 88 35.46 -17.33 -41.02
N GLU G 89 34.97 -17.83 -39.88
CA GLU G 89 33.57 -17.67 -39.52
C GLU G 89 33.23 -16.21 -39.23
N ASP G 90 34.22 -15.35 -39.00
CA ASP G 90 33.99 -13.94 -38.77
C ASP G 90 33.84 -13.14 -40.05
N THR G 91 33.94 -13.79 -41.22
CA THR G 91 33.81 -13.09 -42.49
C THR G 91 32.36 -12.65 -42.69
N ALA G 92 32.15 -11.34 -42.75
CA ALA G 92 30.82 -10.79 -42.98
C ALA G 92 30.95 -9.27 -43.10
N VAL G 93 29.83 -8.64 -43.45
CA VAL G 93 29.73 -7.18 -43.47
C VAL G 93 29.40 -6.71 -42.07
N TYR G 94 30.27 -5.89 -41.49
CA TYR G 94 30.09 -5.38 -40.13
C TYR G 94 29.44 -4.01 -40.18
N TYR G 95 28.22 -3.92 -39.65
CA TYR G 95 27.46 -2.67 -39.63
C TYR G 95 27.58 -1.99 -38.28
N CYS G 96 27.22 -0.71 -38.26
CA CYS G 96 27.19 0.09 -37.05
C CYS G 96 25.82 0.73 -36.94
N GLY G 97 25.07 0.39 -35.89
CA GLY G 97 23.72 0.87 -35.70
C GLY G 97 23.59 1.70 -34.44
N ALA G 98 22.46 2.41 -34.35
CA ALA G 98 22.14 3.26 -33.22
C ALA G 98 20.84 2.80 -32.59
N ARG G 99 20.88 2.52 -31.28
CA ARG G 99 19.68 2.13 -30.55
C ARG G 99 18.63 3.23 -30.61
N ILE G 100 17.37 2.81 -30.78
CA ILE G 100 16.26 3.76 -30.84
C ILE G 100 15.53 3.73 -29.50
N GLY G 101 14.98 2.58 -29.15
CA GLY G 101 14.25 2.44 -27.90
C GLY G 101 14.10 1.00 -27.45
N GLY G 102 12.86 0.58 -27.21
CA GLY G 102 12.61 -0.74 -26.67
C GLY G 102 13.48 -1.02 -25.46
N SER G 103 13.70 -2.29 -25.15
CA SER G 103 14.63 -2.67 -24.09
C SER G 103 15.28 -4.00 -24.48
N ASP G 104 16.20 -3.94 -25.44
CA ASP G 104 16.92 -5.14 -25.87
C ASP G 104 18.11 -4.68 -26.69
N ARG G 105 19.23 -4.42 -26.01
CA ARG G 105 20.45 -4.01 -26.68
C ARG G 105 20.90 -5.01 -27.72
N LEU G 106 20.47 -6.28 -27.61
CA LEU G 106 20.89 -7.33 -28.53
C LEU G 106 19.95 -7.51 -29.71
N ALA G 107 18.83 -6.80 -29.74
CA ALA G 107 17.84 -6.99 -30.79
C ALA G 107 18.10 -5.99 -31.92
N PRO G 108 18.39 -6.44 -33.14
CA PRO G 108 18.53 -5.48 -34.25
C PRO G 108 17.25 -4.70 -34.53
N GLU G 109 16.08 -5.25 -34.16
CA GLU G 109 14.83 -4.56 -34.40
C GLU G 109 14.81 -3.18 -33.74
N ASN G 110 15.58 -2.99 -32.67
CA ASN G 110 15.60 -1.75 -31.92
C ASN G 110 16.74 -0.83 -32.32
N TYR G 111 17.37 -1.08 -33.47
CA TYR G 111 18.47 -0.25 -33.96
C TYR G 111 18.11 0.32 -35.32
N GLY G 112 18.64 1.51 -35.60
CA GLY G 112 18.42 2.18 -36.86
C GLY G 112 19.62 3.00 -37.27
N TYR G 113 19.47 3.71 -38.39
CA TYR G 113 20.52 4.58 -38.92
C TYR G 113 21.76 3.78 -39.30
N TRP G 114 21.55 2.56 -39.79
CA TRP G 114 22.67 1.72 -40.17
C TRP G 114 23.52 2.42 -41.24
N GLY G 115 24.84 2.29 -41.11
CA GLY G 115 25.75 2.73 -42.14
C GLY G 115 25.78 1.75 -43.30
N GLN G 116 26.60 2.09 -44.30
CA GLN G 116 26.75 1.22 -45.46
C GLN G 116 27.43 -0.09 -45.11
N GLY G 117 28.10 -0.17 -43.97
CA GLY G 117 28.81 -1.36 -43.56
C GLY G 117 30.24 -1.38 -44.03
N THR G 118 30.99 -2.35 -43.52
CA THR G 118 32.38 -2.54 -43.91
C THR G 118 32.65 -4.04 -44.02
N GLN G 119 33.27 -4.44 -45.12
CA GLN G 119 33.53 -5.86 -45.37
C GLN G 119 34.75 -6.33 -44.60
N VAL G 120 34.62 -7.49 -43.97
CA VAL G 120 35.72 -8.16 -43.28
C VAL G 120 35.87 -9.54 -43.89
N THR G 121 37.08 -9.89 -44.31
CA THR G 121 37.34 -11.15 -45.00
C THR G 121 38.52 -11.84 -44.32
N VAL G 122 38.30 -13.07 -43.88
CA VAL G 122 39.34 -13.89 -43.26
C VAL G 122 39.50 -15.15 -44.10
N SER G 123 40.71 -15.38 -44.59
CA SER G 123 41.01 -16.52 -45.46
C SER G 123 42.10 -17.38 -44.85
N SER G 124 42.28 -18.56 -45.43
CA SER G 124 43.26 -19.52 -44.95
C SER G 124 44.39 -19.71 -45.97
N VAL H 2 -18.66 -19.91 -35.56
CA VAL H 2 -17.72 -21.02 -35.40
C VAL H 2 -18.45 -22.33 -35.60
N GLN H 3 -17.89 -23.20 -36.45
CA GLN H 3 -18.45 -24.51 -36.74
C GLN H 3 -17.36 -25.55 -36.56
N LEU H 4 -17.69 -26.62 -35.85
CA LEU H 4 -16.76 -27.72 -35.60
C LEU H 4 -17.32 -29.00 -36.22
N GLN H 5 -16.43 -29.83 -36.75
CA GLN H 5 -16.81 -31.09 -37.38
C GLN H 5 -15.81 -32.16 -36.95
N GLU H 6 -16.29 -33.17 -36.24
CA GLU H 6 -15.44 -34.26 -35.79
C GLU H 6 -15.32 -35.33 -36.88
N SER H 7 -14.30 -36.16 -36.75
CA SER H 7 -14.08 -37.23 -37.71
C SER H 7 -13.01 -38.17 -37.16
N GLY H 8 -13.00 -39.39 -37.68
CA GLY H 8 -12.01 -40.38 -37.32
C GLY H 8 -12.55 -41.55 -36.53
N GLY H 9 -13.82 -41.53 -36.15
CA GLY H 9 -14.40 -42.61 -35.37
C GLY H 9 -14.39 -43.94 -36.09
N GLY H 10 -15.19 -44.89 -35.59
CA GLY H 10 -15.30 -46.21 -36.18
C GLY H 10 -15.25 -47.28 -35.13
N LEU H 11 -15.17 -48.53 -35.57
CA LEU H 11 -15.14 -49.69 -34.69
C LEU H 11 -13.72 -50.21 -34.57
N VAL H 12 -13.40 -50.73 -33.39
CA VAL H 12 -12.08 -51.29 -33.12
C VAL H 12 -12.21 -52.26 -31.96
N GLN H 13 -11.27 -53.20 -31.87
CA GLN H 13 -11.23 -54.17 -30.79
C GLN H 13 -10.40 -53.64 -29.63
N ALA H 14 -10.56 -54.26 -28.46
CA ALA H 14 -9.82 -53.87 -27.29
C ALA H 14 -8.33 -53.88 -27.57
N GLY H 15 -7.65 -52.80 -27.18
CA GLY H 15 -6.23 -52.65 -27.44
C GLY H 15 -5.89 -52.04 -28.77
N GLY H 16 -6.89 -51.60 -29.54
CA GLY H 16 -6.65 -51.02 -30.86
C GLY H 16 -6.16 -49.59 -30.80
N SER H 17 -6.52 -48.82 -31.83
CA SER H 17 -6.08 -47.44 -31.94
C SER H 17 -6.97 -46.71 -32.93
N LEU H 18 -7.10 -45.40 -32.70
CA LEU H 18 -7.83 -44.52 -33.61
C LEU H 18 -7.16 -43.15 -33.57
N ARG H 19 -7.53 -42.31 -34.52
CA ARG H 19 -7.03 -40.92 -34.56
C ARG H 19 -8.20 -40.02 -34.93
N LEU H 20 -8.80 -39.39 -33.93
CA LEU H 20 -9.90 -38.46 -34.16
C LEU H 20 -9.38 -37.12 -34.63
N SER H 21 -10.18 -36.44 -35.44
CA SER H 21 -9.84 -35.13 -35.96
C SER H 21 -11.04 -34.20 -35.81
N CYS H 22 -10.76 -32.95 -35.44
CA CYS H 22 -11.79 -31.92 -35.29
C CYS H 22 -11.37 -30.71 -36.11
N ALA H 23 -12.14 -30.41 -37.16
CA ALA H 23 -11.86 -29.28 -38.04
C ALA H 23 -12.68 -28.09 -37.59
N ALA H 24 -12.01 -26.96 -37.38
CA ALA H 24 -12.66 -25.72 -36.97
C ALA H 24 -12.80 -24.79 -38.17
N SER H 25 -14.00 -24.27 -38.37
CA SER H 25 -14.29 -23.35 -39.47
C SER H 25 -15.09 -22.19 -38.93
N GLY H 26 -14.60 -20.97 -39.15
CA GLY H 26 -15.26 -19.78 -38.65
C GLY H 26 -14.30 -18.78 -38.04
N ARG H 27 -14.71 -18.12 -36.96
CA ARG H 27 -13.90 -17.10 -36.29
C ARG H 27 -13.35 -17.72 -35.00
N ILE H 28 -12.13 -18.23 -35.07
CA ILE H 28 -11.45 -18.79 -33.91
C ILE H 28 -10.09 -18.12 -33.76
N PHE H 29 -9.74 -17.76 -32.53
CA PHE H 29 -8.45 -17.13 -32.29
C PHE H 29 -7.30 -18.14 -32.37
N SER H 30 -7.57 -19.40 -32.03
CA SER H 30 -6.55 -20.44 -32.07
C SER H 30 -7.24 -21.77 -31.72
N THR H 31 -6.48 -22.85 -31.84
CA THR H 31 -6.96 -24.16 -31.45
C THR H 31 -6.80 -24.43 -29.96
N ASN H 32 -6.15 -23.52 -29.22
CA ASN H 32 -6.04 -23.69 -27.77
C ASN H 32 -7.42 -23.80 -27.13
N VAL H 33 -8.43 -23.20 -27.75
CA VAL H 33 -9.76 -23.10 -27.16
C VAL H 33 -10.60 -24.35 -27.37
N MET H 34 -10.09 -25.33 -28.12
CA MET H 34 -10.84 -26.53 -28.44
C MET H 34 -10.50 -27.65 -27.46
N GLY H 35 -11.50 -28.47 -27.15
CA GLY H 35 -11.33 -29.56 -26.22
C GLY H 35 -12.20 -30.73 -26.60
N TRP H 36 -11.69 -31.94 -26.32
CA TRP H 36 -12.41 -33.16 -26.62
C TRP H 36 -13.26 -33.59 -25.43
N PHE H 37 -14.49 -34.00 -25.72
CA PHE H 37 -15.41 -34.54 -24.73
C PHE H 37 -15.98 -35.84 -25.26
N ARG H 38 -16.69 -36.56 -24.39
CA ARG H 38 -17.34 -37.79 -24.80
C ARG H 38 -18.59 -37.99 -23.96
N GLN H 39 -19.54 -38.75 -24.51
CA GLN H 39 -20.80 -39.04 -23.82
C GLN H 39 -21.27 -40.42 -24.24
N ALA H 40 -21.23 -41.37 -23.31
CA ALA H 40 -21.78 -42.68 -23.56
C ALA H 40 -23.29 -42.68 -23.29
N PRO H 41 -24.01 -43.66 -23.84
CA PRO H 41 -25.45 -43.72 -23.56
C PRO H 41 -25.71 -43.84 -22.06
N GLY H 42 -26.54 -42.93 -21.54
CA GLY H 42 -26.88 -42.89 -20.14
C GLY H 42 -25.94 -42.10 -19.26
N LYS H 43 -24.69 -41.92 -19.68
CA LYS H 43 -23.72 -41.16 -18.91
C LYS H 43 -23.68 -39.71 -19.39
N GLU H 44 -23.32 -38.82 -18.46
CA GLU H 44 -23.16 -37.41 -18.81
C GLU H 44 -22.05 -37.22 -19.83
N ARG H 45 -22.06 -36.06 -20.49
CA ARG H 45 -20.96 -35.67 -21.35
C ARG H 45 -19.78 -35.26 -20.48
N GLU H 46 -18.67 -35.99 -20.60
CA GLU H 46 -17.53 -35.82 -19.70
C GLU H 46 -16.30 -35.36 -20.48
N PHE H 47 -15.46 -34.60 -19.77
CA PHE H 47 -14.24 -34.05 -20.35
C PHE H 47 -13.25 -35.16 -20.68
N VAL H 48 -12.49 -34.95 -21.77
CA VAL H 48 -11.48 -35.91 -22.19
C VAL H 48 -10.10 -35.24 -22.19
N ALA H 49 -9.95 -34.16 -22.97
CA ALA H 49 -8.64 -33.53 -23.07
C ALA H 49 -8.78 -32.13 -23.66
N THR H 50 -7.78 -31.30 -23.39
CA THR H 50 -7.64 -29.97 -23.96
C THR H 50 -6.27 -29.43 -23.58
N VAL H 51 -5.88 -28.34 -24.21
CA VAL H 51 -4.56 -27.76 -23.94
C VAL H 51 -4.50 -27.23 -22.52
N GLY H 52 -3.29 -27.17 -21.98
CA GLY H 52 -3.06 -26.59 -20.68
C GLY H 52 -2.84 -25.09 -20.74
N ARG H 53 -2.90 -24.45 -19.58
CA ARG H 53 -2.71 -23.01 -19.53
C ARG H 53 -1.30 -22.62 -19.93
N ILE H 54 -0.30 -23.38 -19.47
CA ILE H 54 1.10 -23.08 -19.76
C ILE H 54 1.56 -23.92 -20.94
N GLY H 55 2.47 -23.37 -21.74
CA GLY H 55 2.94 -24.06 -22.92
C GLY H 55 3.61 -25.39 -22.57
N GLY H 56 3.32 -26.40 -23.40
CA GLY H 56 3.85 -27.73 -23.18
C GLY H 56 3.00 -28.62 -22.30
N SER H 57 1.94 -28.09 -21.69
CA SER H 57 1.08 -28.85 -20.81
C SER H 57 -0.24 -29.16 -21.48
N THR H 58 -0.84 -30.28 -21.08
CA THR H 58 -2.13 -30.71 -21.60
C THR H 58 -2.92 -31.36 -20.48
N VAL H 59 -4.21 -31.07 -20.42
CA VAL H 59 -5.10 -31.59 -19.37
C VAL H 59 -5.81 -32.82 -19.90
N TYR H 60 -5.74 -33.92 -19.16
CA TYR H 60 -6.38 -35.17 -19.52
C TYR H 60 -7.28 -35.64 -18.39
N ALA H 61 -8.42 -36.21 -18.76
CA ALA H 61 -9.30 -36.81 -17.76
C ALA H 61 -8.56 -37.95 -17.06
N ASP H 62 -9.04 -38.26 -15.84
CA ASP H 62 -8.36 -39.27 -15.04
C ASP H 62 -8.36 -40.63 -15.71
N PHE H 63 -9.37 -40.92 -16.54
CA PHE H 63 -9.47 -42.23 -17.18
C PHE H 63 -8.54 -42.39 -18.37
N VAL H 64 -7.92 -41.31 -18.85
CA VAL H 64 -7.02 -41.43 -20.00
C VAL H 64 -5.84 -42.32 -19.65
N LYS H 65 -5.19 -42.05 -18.52
CA LYS H 65 -4.09 -42.88 -18.03
C LYS H 65 -2.96 -42.97 -19.07
N GLY H 66 -2.65 -41.85 -19.71
CA GLY H 66 -1.55 -41.78 -20.64
C GLY H 66 -1.80 -42.42 -21.99
N ARG H 67 -3.02 -42.91 -22.25
CA ARG H 67 -3.30 -43.61 -23.49
C ARG H 67 -3.53 -42.64 -24.65
N PHE H 68 -4.27 -41.57 -24.42
CA PHE H 68 -4.60 -40.62 -25.46
C PHE H 68 -3.58 -39.48 -25.46
N THR H 69 -3.45 -38.83 -26.62
CA THR H 69 -2.49 -37.74 -26.79
C THR H 69 -3.09 -36.69 -27.71
N LEU H 70 -3.15 -35.45 -27.23
CA LEU H 70 -3.72 -34.36 -27.99
C LEU H 70 -2.64 -33.63 -28.77
N SER H 71 -2.93 -33.30 -30.02
CA SER H 71 -2.02 -32.59 -30.89
C SER H 71 -2.81 -31.63 -31.76
N ARG H 72 -2.11 -30.69 -32.37
CA ARG H 72 -2.79 -29.60 -33.08
C ARG H 72 -1.95 -29.17 -34.28
N ASP H 73 -2.64 -28.70 -35.31
CA ASP H 73 -2.02 -28.09 -36.49
C ASP H 73 -2.69 -26.72 -36.66
N ASN H 74 -2.16 -25.71 -35.96
CA ASN H 74 -2.76 -24.39 -36.01
C ASN H 74 -2.90 -23.87 -37.44
N ALA H 75 -1.95 -24.22 -38.31
CA ALA H 75 -2.05 -23.82 -39.71
C ALA H 75 -3.35 -24.36 -40.32
N LYS H 76 -3.49 -25.68 -40.39
CA LYS H 76 -4.71 -26.29 -40.88
C LYS H 76 -5.89 -26.05 -39.95
N ASN H 77 -5.67 -25.47 -38.78
CA ASN H 77 -6.74 -25.15 -37.84
C ASN H 77 -7.46 -26.41 -37.38
N MET H 78 -6.68 -27.33 -36.82
CA MET H 78 -7.19 -28.64 -36.44
C MET H 78 -6.51 -29.12 -35.17
N VAL H 79 -7.20 -30.02 -34.48
CA VAL H 79 -6.66 -30.72 -33.32
C VAL H 79 -6.91 -32.21 -33.51
N TYR H 80 -5.96 -33.03 -33.08
CA TYR H 80 -6.03 -34.48 -33.23
C TYR H 80 -5.98 -35.14 -31.86
N LEU H 81 -6.63 -36.31 -31.76
CA LEU H 81 -6.63 -37.09 -30.53
C LEU H 81 -6.23 -38.52 -30.88
N GLN H 82 -4.97 -38.86 -30.63
CA GLN H 82 -4.45 -40.20 -30.91
C GLN H 82 -4.81 -41.11 -29.75
N MET H 83 -5.81 -41.97 -29.95
CA MET H 83 -6.28 -42.88 -28.92
C MET H 83 -5.63 -44.25 -29.11
N ASN H 84 -5.00 -44.75 -28.05
CA ASN H 84 -4.34 -46.05 -28.07
C ASN H 84 -4.84 -46.89 -26.90
N SER H 85 -4.56 -48.19 -26.98
CA SER H 85 -4.88 -49.14 -25.91
C SER H 85 -6.34 -48.98 -25.46
N LEU H 86 -7.24 -49.04 -26.44
CA LEU H 86 -8.65 -48.85 -26.15
C LEU H 86 -9.19 -49.95 -25.25
N LYS H 87 -10.32 -49.67 -24.61
CA LYS H 87 -11.00 -50.60 -23.74
C LYS H 87 -12.50 -50.49 -23.98
N PRO H 88 -13.27 -51.50 -23.58
CA PRO H 88 -14.73 -51.42 -23.78
C PRO H 88 -15.37 -50.20 -23.13
N GLU H 89 -14.83 -49.75 -22.00
CA GLU H 89 -15.43 -48.64 -21.28
C GLU H 89 -15.37 -47.33 -22.06
N ASP H 90 -14.52 -47.25 -23.09
CA ASP H 90 -14.34 -46.03 -23.84
C ASP H 90 -15.42 -45.81 -24.91
N THR H 91 -16.27 -46.80 -25.16
CA THR H 91 -17.32 -46.65 -26.16
C THR H 91 -18.19 -45.44 -25.81
N ALA H 92 -18.29 -44.50 -26.75
CA ALA H 92 -19.13 -43.32 -26.56
C ALA H 92 -19.14 -42.45 -27.81
N VAL H 93 -19.92 -41.38 -27.78
CA VAL H 93 -19.91 -40.37 -28.85
C VAL H 93 -18.95 -39.27 -28.43
N TYR H 94 -17.88 -39.08 -29.19
CA TYR H 94 -16.85 -38.11 -28.88
C TYR H 94 -17.14 -36.79 -29.60
N TYR H 95 -17.55 -35.78 -28.85
CA TYR H 95 -17.83 -34.47 -29.40
C TYR H 95 -16.58 -33.61 -29.39
N CYS H 96 -16.69 -32.41 -29.96
CA CYS H 96 -15.59 -31.45 -30.01
C CYS H 96 -16.17 -30.08 -29.70
N GLY H 97 -15.79 -29.50 -28.56
CA GLY H 97 -16.29 -28.23 -28.12
C GLY H 97 -15.22 -27.15 -28.18
N ALA H 98 -15.69 -25.91 -28.06
CA ALA H 98 -14.83 -24.73 -28.06
C ALA H 98 -15.09 -23.93 -26.79
N ARG H 99 -14.06 -23.72 -25.99
CA ARG H 99 -14.20 -23.00 -24.73
C ARG H 99 -14.80 -21.62 -25.00
N ILE H 100 -15.98 -21.38 -24.44
CA ILE H 100 -16.69 -20.12 -24.65
C ILE H 100 -16.43 -19.12 -23.53
N GLY H 101 -15.46 -19.40 -22.66
CA GLY H 101 -15.07 -18.48 -21.60
C GLY H 101 -14.92 -19.22 -20.29
N GLY H 102 -14.96 -18.46 -19.19
CA GLY H 102 -14.84 -19.01 -17.86
C GLY H 102 -13.47 -19.61 -17.61
N SER H 103 -13.18 -19.94 -16.36
CA SER H 103 -11.88 -20.52 -16.03
C SER H 103 -12.02 -21.94 -15.50
N ASP H 104 -12.68 -22.82 -16.26
CA ASP H 104 -12.74 -24.24 -15.92
C ASP H 104 -12.68 -25.00 -17.24
N ARG H 105 -11.46 -25.23 -17.73
CA ARG H 105 -11.27 -25.98 -18.96
C ARG H 105 -11.93 -27.35 -18.89
N LEU H 106 -12.05 -27.91 -17.68
CA LEU H 106 -12.66 -29.22 -17.49
C LEU H 106 -14.18 -29.18 -17.44
N ALA H 107 -14.78 -28.00 -17.54
CA ALA H 107 -16.22 -27.86 -17.37
C ALA H 107 -16.91 -27.81 -18.74
N PRO H 108 -17.78 -28.76 -19.08
CA PRO H 108 -18.50 -28.65 -20.35
C PRO H 108 -19.35 -27.40 -20.45
N GLU H 109 -19.86 -26.91 -19.32
CA GLU H 109 -20.70 -25.71 -19.33
C GLU H 109 -19.96 -24.50 -19.90
N ASN H 110 -18.62 -24.53 -19.91
CA ASN H 110 -17.83 -23.46 -20.48
C ASN H 110 -17.43 -23.73 -21.94
N TYR H 111 -18.13 -24.64 -22.61
CA TYR H 111 -17.85 -24.97 -24.01
C TYR H 111 -19.12 -24.82 -24.83
N GLY H 112 -18.93 -24.64 -26.13
CA GLY H 112 -20.05 -24.50 -27.03
C GLY H 112 -19.67 -24.85 -28.45
N TYR H 113 -20.55 -24.51 -29.38
CA TYR H 113 -20.34 -24.78 -30.80
C TYR H 113 -20.02 -26.26 -31.03
N TRP H 114 -20.64 -27.12 -30.24
CA TRP H 114 -20.40 -28.55 -30.35
C TRP H 114 -20.67 -29.03 -31.77
N GLY H 115 -19.97 -30.11 -32.16
CA GLY H 115 -20.16 -30.71 -33.46
C GLY H 115 -21.24 -31.79 -33.44
N GLN H 116 -21.41 -32.42 -34.60
CA GLN H 116 -22.37 -33.52 -34.71
C GLN H 116 -21.91 -34.76 -33.96
N GLY H 117 -20.62 -34.85 -33.64
CA GLY H 117 -20.10 -35.97 -32.87
C GLY H 117 -19.68 -37.13 -33.76
N THR H 118 -18.68 -37.87 -33.28
CA THR H 118 -18.20 -39.07 -33.94
C THR H 118 -18.36 -40.24 -32.99
N GLN H 119 -18.91 -41.34 -33.50
CA GLN H 119 -19.14 -42.52 -32.69
C GLN H 119 -17.89 -43.40 -32.65
N VAL H 120 -17.54 -43.86 -31.46
CA VAL H 120 -16.43 -44.78 -31.25
C VAL H 120 -16.94 -45.93 -30.40
N THR H 121 -16.67 -47.16 -30.82
CA THR H 121 -17.17 -48.35 -30.14
C THR H 121 -16.03 -49.36 -30.00
N VAL H 122 -15.85 -49.87 -28.80
CA VAL H 122 -14.81 -50.84 -28.49
C VAL H 122 -15.47 -52.14 -28.07
N SER H 123 -14.98 -53.25 -28.59
CA SER H 123 -15.53 -54.57 -28.28
C SER H 123 -14.57 -55.37 -27.42
N GLN I 3 -42.09 -15.56 13.26
CA GLN I 3 -42.65 -16.25 14.40
C GLN I 3 -42.00 -17.62 14.60
N LEU I 4 -41.73 -17.97 15.86
CA LEU I 4 -41.15 -19.25 16.22
C LEU I 4 -41.99 -19.90 17.31
N GLN I 5 -42.08 -21.23 17.24
CA GLN I 5 -42.83 -21.99 18.22
C GLN I 5 -42.02 -23.21 18.63
N GLU I 6 -41.83 -23.39 19.93
CA GLU I 6 -41.13 -24.54 20.48
C GLU I 6 -42.13 -25.62 20.88
N SER I 7 -41.59 -26.81 21.15
CA SER I 7 -42.37 -27.95 21.61
C SER I 7 -41.39 -29.07 21.91
N GLY I 8 -41.89 -30.10 22.59
CA GLY I 8 -41.07 -31.25 22.93
C GLY I 8 -40.59 -31.27 24.37
N GLY I 9 -40.87 -30.24 25.15
CA GLY I 9 -40.51 -30.22 26.54
C GLY I 9 -41.37 -31.16 27.35
N GLY I 10 -41.13 -31.15 28.65
CA GLY I 10 -41.90 -31.97 29.57
C GLY I 10 -41.06 -32.38 30.76
N LEU I 11 -41.57 -33.35 31.49
CA LEU I 11 -40.90 -33.89 32.66
C LEU I 11 -40.19 -35.18 32.26
N VAL I 12 -38.94 -35.32 32.71
CA VAL I 12 -38.13 -36.50 32.44
C VAL I 12 -37.29 -36.81 33.66
N GLN I 13 -36.98 -38.09 33.84
CA GLN I 13 -36.15 -38.54 34.95
C GLN I 13 -34.69 -38.26 34.67
N ALA I 14 -33.94 -37.91 35.70
CA ALA I 14 -32.51 -37.66 35.56
C ALA I 14 -31.85 -38.79 34.81
N GLY I 15 -31.21 -38.46 33.68
CA GLY I 15 -30.62 -39.44 32.80
C GLY I 15 -31.39 -39.69 31.52
N GLY I 16 -32.65 -39.25 31.45
CA GLY I 16 -33.47 -39.47 30.29
C GLY I 16 -33.18 -38.47 29.17
N SER I 17 -34.02 -38.53 28.13
CA SER I 17 -33.83 -37.75 26.93
C SER I 17 -35.10 -37.01 26.55
N LEU I 18 -34.93 -36.00 25.70
CA LEU I 18 -36.04 -35.24 25.13
C LEU I 18 -35.58 -34.70 23.78
N ARG I 19 -36.55 -34.45 22.90
CA ARG I 19 -36.27 -33.91 21.57
C ARG I 19 -37.10 -32.64 21.39
N LEU I 20 -36.48 -31.49 21.62
CA LEU I 20 -37.16 -30.21 21.42
C LEU I 20 -37.24 -29.90 19.93
N SER I 21 -38.34 -29.26 19.53
CA SER I 21 -38.58 -28.90 18.15
C SER I 21 -38.91 -27.43 18.07
N CYS I 22 -38.41 -26.76 17.03
CA CYS I 22 -38.66 -25.34 16.79
C CYS I 22 -39.16 -25.17 15.37
N ALA I 23 -40.45 -24.86 15.22
CA ALA I 23 -41.03 -24.57 13.92
C ALA I 23 -40.77 -23.11 13.55
N ALA I 24 -40.30 -22.88 12.34
CA ALA I 24 -40.00 -21.54 11.86
C ALA I 24 -40.95 -21.19 10.72
N SER I 25 -41.48 -19.96 10.76
CA SER I 25 -42.40 -19.48 9.75
C SER I 25 -42.05 -18.05 9.40
N GLY I 26 -42.05 -17.75 8.10
CA GLY I 26 -41.79 -16.41 7.63
C GLY I 26 -40.57 -16.30 6.75
N ARG I 27 -40.00 -15.10 6.67
CA ARG I 27 -38.82 -14.85 5.83
C ARG I 27 -37.59 -15.42 6.51
N ILE I 28 -37.29 -16.67 6.20
CA ILE I 28 -36.10 -17.34 6.74
C ILE I 28 -35.51 -18.23 5.66
N PHE I 29 -34.48 -17.72 4.96
CA PHE I 29 -33.92 -18.44 3.84
C PHE I 29 -33.32 -19.78 4.24
N SER I 30 -32.79 -19.88 5.46
CA SER I 30 -32.18 -21.11 5.92
C SER I 30 -32.32 -21.20 7.43
N THR I 31 -32.25 -22.43 7.94
CA THR I 31 -32.33 -22.66 9.38
C THR I 31 -31.03 -22.34 10.10
N ASN I 32 -29.98 -21.92 9.37
CA ASN I 32 -28.71 -21.61 10.02
C ASN I 32 -28.85 -20.51 11.06
N VAL I 33 -29.75 -19.55 10.83
CA VAL I 33 -29.88 -18.40 11.71
C VAL I 33 -30.49 -18.75 13.06
N MET I 34 -31.02 -19.95 13.23
CA MET I 34 -31.75 -20.31 14.42
C MET I 34 -30.82 -20.91 15.47
N GLY I 35 -31.12 -20.63 16.74
CA GLY I 35 -30.35 -21.16 17.84
C GLY I 35 -31.23 -21.42 19.05
N TRP I 36 -30.72 -22.26 19.94
CA TRP I 36 -31.45 -22.64 21.15
C TRP I 36 -30.88 -21.94 22.37
N PHE I 37 -31.76 -21.55 23.28
CA PHE I 37 -31.39 -20.92 24.53
C PHE I 37 -32.22 -21.53 25.65
N ARG I 38 -31.82 -21.26 26.89
CA ARG I 38 -32.59 -21.71 28.03
C ARG I 38 -32.51 -20.67 29.13
N GLN I 39 -33.54 -20.62 29.97
CA GLN I 39 -33.58 -19.67 31.07
C GLN I 39 -34.29 -20.31 32.25
N ALA I 40 -33.57 -20.50 33.35
CA ALA I 40 -34.15 -21.00 34.58
C ALA I 40 -34.71 -19.84 35.40
N PRO I 41 -35.63 -20.12 36.31
CA PRO I 41 -36.20 -19.03 37.13
C PRO I 41 -35.12 -18.31 37.92
N GLY I 42 -35.09 -16.98 37.76
CA GLY I 42 -34.13 -16.15 38.47
C GLY I 42 -32.80 -15.97 37.78
N LYS I 43 -32.45 -16.87 36.85
CA LYS I 43 -31.19 -16.80 36.13
C LYS I 43 -31.39 -16.12 34.78
N GLU I 44 -30.28 -15.79 34.13
CA GLU I 44 -30.30 -15.12 32.84
C GLU I 44 -30.39 -16.15 31.70
N ARG I 45 -30.91 -15.69 30.57
CA ARG I 45 -31.03 -16.54 29.39
C ARG I 45 -29.63 -16.86 28.86
N GLU I 46 -29.29 -18.15 28.84
CA GLU I 46 -27.95 -18.60 28.46
C GLU I 46 -28.00 -19.40 27.16
N PHE I 47 -26.95 -19.24 26.35
CA PHE I 47 -26.82 -19.94 25.08
C PHE I 47 -26.81 -21.44 25.30
N VAL I 48 -27.25 -22.18 24.28
CA VAL I 48 -27.25 -23.64 24.33
C VAL I 48 -26.61 -24.20 23.06
N ALA I 49 -27.11 -23.79 21.89
CA ALA I 49 -26.59 -24.39 20.66
C ALA I 49 -27.04 -23.58 19.46
N THR I 50 -26.13 -23.44 18.49
CA THR I 50 -26.48 -22.96 17.15
C THR I 50 -25.40 -23.45 16.18
N VAL I 51 -25.65 -23.22 14.89
CA VAL I 51 -24.77 -23.75 13.86
C VAL I 51 -23.44 -22.99 13.85
N GLY I 52 -22.38 -23.66 13.38
CA GLY I 52 -21.09 -23.04 13.23
C GLY I 52 -20.95 -22.30 11.91
N ARG I 53 -20.00 -21.36 11.88
CA ARG I 53 -19.80 -20.54 10.69
C ARG I 53 -19.47 -21.41 9.48
N ILE I 54 -18.48 -22.27 9.61
CA ILE I 54 -18.01 -23.09 8.50
C ILE I 54 -18.81 -24.40 8.48
N GLY I 55 -19.02 -24.91 7.26
CA GLY I 55 -19.78 -26.13 7.08
C GLY I 55 -19.29 -27.29 7.92
N GLY I 56 -20.23 -28.03 8.52
CA GLY I 56 -19.90 -29.17 9.35
C GLY I 56 -19.68 -28.85 10.82
N SER I 57 -19.67 -27.58 11.20
CA SER I 57 -19.42 -27.20 12.58
C SER I 57 -20.72 -26.77 13.26
N THR I 58 -20.78 -26.99 14.57
CA THR I 58 -21.89 -26.56 15.41
C THR I 58 -21.33 -26.06 16.73
N VAL I 59 -21.89 -24.98 17.23
CA VAL I 59 -21.45 -24.34 18.47
C VAL I 59 -22.38 -24.77 19.60
N TYR I 60 -21.80 -25.27 20.69
CA TYR I 60 -22.56 -25.71 21.85
C TYR I 60 -22.01 -25.03 23.11
N ALA I 61 -22.92 -24.73 24.03
CA ALA I 61 -22.51 -24.18 25.32
C ALA I 61 -21.62 -25.17 26.05
N ASP I 62 -20.83 -24.65 27.00
CA ASP I 62 -19.85 -25.49 27.68
C ASP I 62 -20.49 -26.53 28.60
N PHE I 63 -21.73 -26.29 29.06
CA PHE I 63 -22.41 -27.26 29.91
C PHE I 63 -23.01 -28.42 29.12
N VAL I 64 -23.13 -28.29 27.79
CA VAL I 64 -23.69 -29.38 26.99
C VAL I 64 -22.85 -30.64 27.14
N LYS I 65 -21.54 -30.51 26.96
CA LYS I 65 -20.60 -31.63 27.15
C LYS I 65 -21.03 -32.84 26.32
N GLY I 66 -21.37 -32.59 25.07
CA GLY I 66 -21.73 -33.66 24.16
C GLY I 66 -23.07 -34.31 24.41
N ARG I 67 -23.87 -33.80 25.35
CA ARG I 67 -25.15 -34.43 25.68
C ARG I 67 -26.26 -34.00 24.73
N PHE I 68 -26.15 -32.82 24.14
CA PHE I 68 -27.17 -32.31 23.24
C PHE I 68 -26.65 -32.33 21.80
N THR I 69 -27.59 -32.33 20.85
CA THR I 69 -27.22 -32.34 19.44
C THR I 69 -28.25 -31.53 18.66
N LEU I 70 -27.79 -30.48 17.99
CA LEU I 70 -28.64 -29.65 17.16
C LEU I 70 -28.63 -30.18 15.73
N SER I 71 -29.82 -30.40 15.17
CA SER I 71 -29.98 -30.80 13.79
C SER I 71 -31.03 -29.91 13.14
N ARG I 72 -31.15 -30.02 11.83
CA ARG I 72 -32.06 -29.17 11.07
C ARG I 72 -32.75 -29.99 9.98
N ASP I 73 -33.99 -29.61 9.71
CA ASP I 73 -34.81 -30.18 8.64
C ASP I 73 -35.22 -29.03 7.73
N ASN I 74 -34.32 -28.65 6.82
CA ASN I 74 -34.59 -27.52 5.93
C ASN I 74 -35.86 -27.75 5.12
N ALA I 75 -36.22 -29.00 4.85
CA ALA I 75 -37.46 -29.29 4.14
C ALA I 75 -38.66 -28.70 4.88
N LYS I 76 -38.85 -29.12 6.13
CA LYS I 76 -39.88 -28.54 6.98
C LYS I 76 -39.47 -27.21 7.58
N ASN I 77 -38.24 -26.74 7.30
CA ASN I 77 -37.73 -25.48 7.85
C ASN I 77 -37.81 -25.50 9.38
N MET I 78 -36.97 -26.34 9.97
CA MET I 78 -37.03 -26.59 11.40
C MET I 78 -35.65 -26.94 11.92
N VAL I 79 -35.51 -26.89 13.24
CA VAL I 79 -34.33 -27.37 13.92
C VAL I 79 -34.78 -28.19 15.12
N TYR I 80 -33.96 -29.16 15.51
CA TYR I 80 -34.25 -30.04 16.63
C TYR I 80 -33.08 -30.03 17.59
N LEU I 81 -33.37 -30.02 18.88
CA LEU I 81 -32.37 -30.17 19.91
C LEU I 81 -32.61 -31.50 20.59
N GLN I 82 -31.80 -32.50 20.25
CA GLN I 82 -31.83 -33.80 20.90
C GLN I 82 -31.02 -33.70 22.18
N MET I 83 -31.68 -33.84 23.32
CA MET I 83 -31.04 -33.68 24.63
C MET I 83 -31.02 -35.02 25.35
N ASN I 84 -29.83 -35.51 25.67
CA ASN I 84 -29.67 -36.78 26.37
C ASN I 84 -28.96 -36.55 27.69
N SER I 85 -28.91 -37.62 28.49
CA SER I 85 -28.23 -37.60 29.77
C SER I 85 -28.60 -36.35 30.57
N LEU I 86 -29.89 -36.02 30.57
CA LEU I 86 -30.35 -34.82 31.24
C LEU I 86 -30.20 -34.94 32.75
N LYS I 87 -29.97 -33.81 33.40
CA LYS I 87 -29.74 -33.76 34.84
C LYS I 87 -30.54 -32.60 35.41
N PRO I 88 -30.73 -32.57 36.73
CA PRO I 88 -31.51 -31.47 37.32
C PRO I 88 -31.02 -30.09 36.95
N GLU I 89 -29.72 -29.94 36.67
CA GLU I 89 -29.18 -28.64 36.31
C GLU I 89 -29.72 -28.13 34.99
N ASP I 90 -30.27 -29.02 34.16
CA ASP I 90 -30.80 -28.64 32.85
C ASP I 90 -32.23 -28.14 32.90
N THR I 91 -32.89 -28.22 34.05
CA THR I 91 -34.26 -27.74 34.18
C THR I 91 -34.31 -26.24 33.90
N ALA I 92 -35.12 -25.86 32.91
CA ALA I 92 -35.27 -24.47 32.53
C ALA I 92 -36.31 -24.41 31.42
N VAL I 93 -36.69 -23.20 31.04
CA VAL I 93 -37.50 -22.97 29.84
C VAL I 93 -36.54 -22.82 28.67
N TYR I 94 -36.71 -23.66 27.65
CA TYR I 94 -35.85 -23.64 26.48
C TYR I 94 -36.54 -22.83 25.38
N TYR I 95 -35.84 -21.79 24.92
CA TYR I 95 -36.36 -20.89 23.91
C TYR I 95 -35.65 -21.13 22.58
N CYS I 96 -36.32 -20.76 21.51
CA CYS I 96 -35.78 -20.83 20.16
C CYS I 96 -35.74 -19.43 19.58
N GLY I 97 -34.55 -19.00 19.13
CA GLY I 97 -34.35 -17.67 18.61
C GLY I 97 -33.81 -17.69 17.19
N ALA I 98 -33.89 -16.51 16.56
CA ALA I 98 -33.43 -16.33 15.18
C ALA I 98 -32.43 -15.20 15.14
N ARG I 99 -31.23 -15.48 14.63
CA ARG I 99 -30.16 -14.49 14.61
C ARG I 99 -30.49 -13.40 13.60
N ILE I 100 -30.51 -12.15 14.06
CA ILE I 100 -30.89 -11.01 13.23
C ILE I 100 -29.70 -10.07 13.09
N GLY I 101 -28.59 -10.60 12.58
CA GLY I 101 -27.40 -9.80 12.38
C GLY I 101 -26.40 -9.91 13.51
N GLY I 102 -25.70 -8.82 13.81
CA GLY I 102 -24.66 -8.82 14.81
C GLY I 102 -23.50 -9.70 14.41
N SER I 103 -22.52 -9.78 15.31
CA SER I 103 -21.31 -10.56 15.09
C SER I 103 -21.00 -11.39 16.34
N ASP I 104 -21.96 -12.20 16.76
CA ASP I 104 -21.76 -13.08 17.92
C ASP I 104 -22.87 -14.12 17.99
N ARG I 105 -22.58 -15.34 17.50
CA ARG I 105 -23.57 -16.39 17.49
C ARG I 105 -24.08 -16.73 18.89
N LEU I 106 -23.26 -16.49 19.91
CA LEU I 106 -23.57 -16.91 21.27
C LEU I 106 -24.23 -15.81 22.09
N ALA I 107 -24.60 -14.68 21.47
CA ALA I 107 -25.11 -13.54 22.21
C ALA I 107 -26.62 -13.45 22.07
N PRO I 108 -27.39 -13.53 23.16
CA PRO I 108 -28.85 -13.35 23.02
C PRO I 108 -29.23 -12.02 22.42
N GLU I 109 -28.43 -10.97 22.65
CA GLU I 109 -28.74 -9.66 22.11
C GLU I 109 -28.88 -9.65 20.60
N ASN I 110 -28.28 -10.63 19.91
CA ASN I 110 -28.31 -10.69 18.45
C ASN I 110 -29.43 -11.56 17.91
N TYR I 111 -30.39 -11.92 18.75
CA TYR I 111 -31.49 -12.78 18.33
C TYR I 111 -32.83 -12.07 18.57
N GLY I 112 -33.75 -12.23 17.62
CA GLY I 112 -35.11 -11.76 17.77
C GLY I 112 -36.12 -12.85 17.47
N TYR I 113 -37.39 -12.49 17.36
CA TYR I 113 -38.44 -13.42 16.95
C TYR I 113 -38.53 -14.63 17.87
N TRP I 114 -38.19 -14.45 19.15
CA TRP I 114 -38.20 -15.55 20.10
C TRP I 114 -39.57 -16.23 20.13
N GLY I 115 -39.56 -17.51 20.48
CA GLY I 115 -40.79 -18.25 20.68
C GLY I 115 -41.27 -18.17 22.11
N GLN I 116 -42.45 -18.75 22.34
CA GLN I 116 -43.02 -18.77 23.68
C GLN I 116 -42.15 -19.54 24.65
N GLY I 117 -41.36 -20.48 24.17
CA GLY I 117 -40.55 -21.34 25.02
C GLY I 117 -41.29 -22.60 25.42
N THR I 118 -40.53 -23.65 25.72
CA THR I 118 -41.07 -24.93 26.13
C THR I 118 -40.33 -25.40 27.36
N GLN I 119 -41.06 -25.78 28.40
CA GLN I 119 -40.47 -26.09 29.68
C GLN I 119 -39.85 -27.49 29.69
N VAL I 120 -38.64 -27.58 30.23
CA VAL I 120 -37.94 -28.84 30.44
C VAL I 120 -37.69 -28.97 31.93
N THR I 121 -38.10 -30.09 32.51
CA THR I 121 -38.02 -30.30 33.94
C THR I 121 -37.46 -31.68 34.22
N VAL I 122 -36.37 -31.73 34.99
CA VAL I 122 -35.66 -32.97 35.29
C VAL I 122 -35.58 -33.10 36.80
N SER I 123 -35.92 -34.28 37.31
CA SER I 123 -35.89 -34.56 38.74
C SER I 123 -34.55 -35.15 39.14
N GLN J 1 -14.86 24.19 34.48
CA GLN J 1 -15.57 22.89 34.28
C GLN J 1 -15.68 22.10 35.58
N VAL J 2 -14.57 21.52 36.02
CA VAL J 2 -14.55 20.69 37.22
C VAL J 2 -13.82 21.43 38.34
N GLN J 3 -13.87 20.85 39.53
CA GLN J 3 -13.12 21.36 40.68
C GLN J 3 -12.69 20.17 41.52
N LEU J 4 -11.52 20.29 42.16
CA LEU J 4 -10.92 19.19 42.90
C LEU J 4 -10.61 19.64 44.32
N GLN J 5 -10.85 18.75 45.28
CA GLN J 5 -10.60 19.04 46.70
C GLN J 5 -9.91 17.83 47.33
N GLU J 6 -8.71 18.06 47.86
CA GLU J 6 -7.96 17.02 48.55
C GLU J 6 -8.33 17.01 50.04
N SER J 7 -7.94 15.92 50.71
CA SER J 7 -8.21 15.74 52.12
C SER J 7 -7.59 14.41 52.54
N GLY J 8 -7.42 14.25 53.85
CA GLY J 8 -6.89 13.03 54.42
C GLY J 8 -5.44 13.11 54.87
N GLY J 9 -4.79 14.25 54.68
CA GLY J 9 -3.41 14.39 55.10
C GLY J 9 -3.29 15.01 56.48
N GLY J 10 -2.11 14.83 57.07
CA GLY J 10 -1.85 15.39 58.38
C GLY J 10 -0.45 15.09 58.88
N LEU J 11 -0.29 15.08 60.20
CA LEU J 11 1.00 14.80 60.83
C LEU J 11 1.06 13.33 61.22
N VAL J 12 2.16 12.68 60.88
CA VAL J 12 2.35 11.26 61.19
C VAL J 12 3.83 11.02 61.40
N GLN J 13 4.14 10.01 62.21
CA GLN J 13 5.53 9.66 62.48
C GLN J 13 6.10 8.81 61.33
N ALA J 14 7.42 8.82 61.22
CA ALA J 14 8.08 8.06 60.17
C ALA J 14 7.70 6.59 60.26
N GLY J 15 7.14 6.06 59.17
CA GLY J 15 6.65 4.71 59.13
C GLY J 15 5.15 4.58 59.25
N GLY J 16 4.45 5.67 59.54
CA GLY J 16 3.01 5.62 59.72
C GLY J 16 2.27 5.45 58.41
N SER J 17 0.98 5.82 58.41
CA SER J 17 0.14 5.68 57.23
C SER J 17 -0.83 6.84 57.15
N LEU J 18 -1.16 7.22 55.92
CA LEU J 18 -2.19 8.20 55.65
C LEU J 18 -2.95 7.78 54.40
N ARG J 19 -4.21 8.20 54.32
CA ARG J 19 -5.04 7.93 53.14
C ARG J 19 -5.58 9.27 52.66
N LEU J 20 -5.10 9.73 51.51
CA LEU J 20 -5.57 10.95 50.90
C LEU J 20 -6.76 10.66 50.00
N SER J 21 -7.72 11.58 49.97
CA SER J 21 -8.89 11.46 49.12
C SER J 21 -9.02 12.73 48.28
N CYS J 22 -9.48 12.57 47.05
CA CYS J 22 -9.74 13.69 46.14
C CYS J 22 -11.14 13.52 45.56
N ALA J 23 -11.99 14.52 45.78
CA ALA J 23 -13.36 14.51 45.27
C ALA J 23 -13.46 15.45 44.08
N ALA J 24 -13.98 14.95 42.97
CA ALA J 24 -14.16 15.73 41.77
C ALA J 24 -15.65 16.02 41.55
N SER J 25 -15.93 17.19 40.98
CA SER J 25 -17.31 17.60 40.73
C SER J 25 -17.33 18.49 39.50
N GLY J 26 -18.23 18.18 38.56
CA GLY J 26 -18.38 18.97 37.37
C GLY J 26 -18.47 18.15 36.10
N ARG J 27 -17.91 18.68 35.01
CA ARG J 27 -17.93 18.00 33.71
C ARG J 27 -16.79 16.99 33.66
N ILE J 28 -17.02 15.83 34.29
CA ILE J 28 -16.04 14.74 34.31
C ILE J 28 -16.82 13.43 34.25
N PHE J 29 -16.59 12.65 33.19
CA PHE J 29 -17.28 11.38 33.00
C PHE J 29 -16.44 10.18 33.42
N SER J 30 -15.23 10.40 33.91
CA SER J 30 -14.37 9.30 34.34
C SER J 30 -13.29 9.86 35.25
N THR J 31 -12.86 9.03 36.20
CA THR J 31 -11.78 9.38 37.12
C THR J 31 -10.41 8.98 36.59
N ASN J 32 -10.33 8.46 35.37
CA ASN J 32 -9.06 8.02 34.83
C ASN J 32 -8.10 9.20 34.61
N VAL J 33 -8.64 10.40 34.37
CA VAL J 33 -7.81 11.57 34.08
C VAL J 33 -7.26 12.25 35.32
N MET J 34 -7.65 11.80 36.51
CA MET J 34 -7.19 12.42 37.74
C MET J 34 -5.85 11.83 38.16
N GLY J 35 -5.00 12.66 38.74
CA GLY J 35 -3.67 12.24 39.13
C GLY J 35 -3.18 13.01 40.34
N TRP J 36 -2.41 12.32 41.18
CA TRP J 36 -1.86 12.92 42.39
C TRP J 36 -0.47 13.50 42.12
N PHE J 37 -0.23 14.70 42.66
CA PHE J 37 1.07 15.33 42.63
C PHE J 37 1.40 15.87 44.01
N ARG J 38 2.69 16.12 44.24
CA ARG J 38 3.14 16.69 45.51
C ARG J 38 4.18 17.76 45.21
N GLN J 39 4.33 18.69 46.17
CA GLN J 39 5.22 19.82 45.99
C GLN J 39 5.61 20.35 47.38
N ALA J 40 6.84 20.05 47.79
CA ALA J 40 7.35 20.60 49.04
C ALA J 40 8.07 21.92 48.78
N PRO J 41 8.10 22.84 49.74
CA PRO J 41 8.87 24.07 49.56
C PRO J 41 10.33 23.77 49.27
N GLY J 42 10.86 24.37 48.20
CA GLY J 42 12.23 24.20 47.78
C GLY J 42 12.40 23.40 46.50
N LYS J 43 11.45 22.53 46.19
CA LYS J 43 11.50 21.70 45.00
C LYS J 43 10.32 22.01 44.09
N GLU J 44 10.37 21.49 42.87
CA GLU J 44 9.31 21.69 41.90
C GLU J 44 8.24 20.62 42.03
N ARG J 45 7.04 20.94 41.57
CA ARG J 45 5.92 20.02 41.64
C ARG J 45 6.23 18.76 40.83
N GLU J 46 6.29 17.62 41.51
CA GLU J 46 6.67 16.36 40.88
C GLU J 46 5.49 15.38 40.90
N PHE J 47 5.44 14.54 39.87
CA PHE J 47 4.38 13.56 39.71
C PHE J 47 4.46 12.48 40.78
N VAL J 48 3.30 11.94 41.15
CA VAL J 48 3.23 10.87 42.15
C VAL J 48 2.56 9.64 41.56
N ALA J 49 1.31 9.77 41.13
CA ALA J 49 0.56 8.60 40.68
C ALA J 49 -0.61 9.01 39.79
N THR J 50 -0.98 8.10 38.91
CA THR J 50 -2.19 8.21 38.08
C THR J 50 -2.43 6.85 37.44
N VAL J 51 -3.55 6.73 36.74
CA VAL J 51 -3.96 5.46 36.15
C VAL J 51 -3.15 5.17 34.89
N GLY J 52 -2.96 3.88 34.60
CA GLY J 52 -2.28 3.47 33.39
C GLY J 52 -3.21 3.39 32.19
N ARG J 53 -2.60 3.29 31.00
CA ARG J 53 -3.38 3.29 29.76
C ARG J 53 -4.24 2.04 29.65
N ILE J 54 -3.69 0.88 29.96
CA ILE J 54 -4.41 -0.39 29.88
C ILE J 54 -5.07 -0.66 31.22
N GLY J 55 -6.24 -1.30 31.17
CA GLY J 55 -6.96 -1.59 32.40
C GLY J 55 -6.16 -2.47 33.33
N GLY J 56 -6.21 -2.14 34.62
CA GLY J 56 -5.51 -2.90 35.63
C GLY J 56 -4.14 -2.38 36.00
N SER J 57 -3.64 -1.36 35.31
CA SER J 57 -2.30 -0.82 35.53
C SER J 57 -2.38 0.55 36.20
N THR J 58 -1.29 0.90 36.87
CA THR J 58 -1.19 2.20 37.54
C THR J 58 0.25 2.67 37.46
N VAL J 59 0.43 3.98 37.21
CA VAL J 59 1.74 4.58 37.06
C VAL J 59 2.11 5.28 38.37
N TYR J 60 3.29 4.95 38.90
CA TYR J 60 3.79 5.56 40.12
C TYR J 60 5.17 6.16 39.86
N ALA J 61 5.48 7.23 40.59
CA ALA J 61 6.80 7.81 40.53
C ALA J 61 7.84 6.83 41.09
N ASP J 62 9.09 7.01 40.68
CA ASP J 62 10.14 6.10 41.10
C ASP J 62 10.37 6.12 42.61
N PHE J 63 9.96 7.18 43.30
CA PHE J 63 10.17 7.28 44.73
C PHE J 63 9.08 6.60 45.55
N VAL J 64 8.05 6.06 44.90
CA VAL J 64 7.00 5.35 45.62
C VAL J 64 7.51 4.00 46.11
N LYS J 65 8.18 3.25 45.23
CA LYS J 65 8.76 1.96 45.60
C LYS J 65 7.71 1.04 46.23
N GLY J 66 6.49 1.10 45.70
CA GLY J 66 5.43 0.21 46.13
C GLY J 66 4.73 0.60 47.41
N ARG J 67 5.05 1.75 48.00
CA ARG J 67 4.47 2.11 49.29
C ARG J 67 3.10 2.75 49.17
N PHE J 68 2.83 3.42 48.05
CA PHE J 68 1.58 4.13 47.85
C PHE J 68 0.71 3.35 46.87
N THR J 69 -0.61 3.40 47.09
CA THR J 69 -1.56 2.71 46.23
C THR J 69 -2.66 3.67 45.83
N LEU J 70 -2.96 3.69 44.53
CA LEU J 70 -4.03 4.52 43.98
C LEU J 70 -5.25 3.63 43.74
N SER J 71 -6.34 3.93 44.44
CA SER J 71 -7.61 3.23 44.27
C SER J 71 -8.65 4.19 43.72
N ARG J 72 -9.80 3.64 43.36
CA ARG J 72 -10.79 4.37 42.57
C ARG J 72 -12.18 4.08 43.08
N ASP J 73 -13.10 5.00 42.77
CA ASP J 73 -14.53 4.81 43.00
C ASP J 73 -15.26 5.63 41.92
N ASN J 74 -15.41 5.02 40.74
CA ASN J 74 -16.02 5.71 39.62
C ASN J 74 -17.46 6.14 39.93
N ALA J 75 -18.13 5.43 40.84
CA ALA J 75 -19.50 5.79 41.19
C ALA J 75 -19.54 7.12 41.93
N LYS J 76 -18.63 7.32 42.88
CA LYS J 76 -18.59 8.53 43.69
C LYS J 76 -17.61 9.57 43.16
N ASN J 77 -17.01 9.33 42.00
CA ASN J 77 -16.09 10.29 41.38
C ASN J 77 -15.00 10.70 42.36
N MET J 78 -14.41 9.72 43.03
CA MET J 78 -13.37 9.94 44.02
C MET J 78 -12.20 9.00 43.79
N VAL J 79 -11.00 9.49 44.09
CA VAL J 79 -9.79 8.68 44.06
C VAL J 79 -9.13 8.75 45.42
N TYR J 80 -8.39 7.69 45.77
CA TYR J 80 -7.77 7.58 47.07
C TYR J 80 -6.31 7.16 46.90
N LEU J 81 -5.44 7.73 47.71
CA LEU J 81 -4.01 7.39 47.71
C LEU J 81 -3.64 6.88 49.11
N GLN J 82 -3.54 5.56 49.23
CA GLN J 82 -3.15 4.94 50.50
C GLN J 82 -1.63 4.98 50.60
N MET J 83 -1.12 5.77 51.54
CA MET J 83 0.31 5.99 51.69
C MET J 83 0.78 5.28 52.96
N ASN J 84 1.66 4.29 52.80
CA ASN J 84 2.17 3.51 53.90
C ASN J 84 3.69 3.61 53.96
N SER J 85 4.25 3.07 55.05
CA SER J 85 5.68 3.13 55.28
C SER J 85 6.24 4.51 54.95
N LEU J 86 5.54 5.54 55.43
CA LEU J 86 5.90 6.91 55.08
C LEU J 86 7.30 7.24 55.58
N LYS J 87 8.00 8.04 54.78
CA LYS J 87 9.34 8.54 55.10
C LYS J 87 9.31 10.03 55.33
N PRO J 88 10.30 10.58 56.03
CA PRO J 88 10.37 12.05 56.18
C PRO J 88 10.51 12.77 54.85
N GLU J 89 10.99 12.10 53.80
CA GLU J 89 11.13 12.73 52.50
C GLU J 89 9.78 12.89 51.78
N ASP J 90 8.75 12.17 52.21
CA ASP J 90 7.43 12.31 51.61
C ASP J 90 6.71 13.58 52.05
N THR J 91 7.29 14.35 52.96
CA THR J 91 6.64 15.56 53.44
C THR J 91 6.45 16.56 52.29
N ALA J 92 5.22 16.99 52.09
CA ALA J 92 4.88 17.96 51.06
C ALA J 92 3.38 18.23 51.11
N VAL J 93 2.90 19.16 50.29
CA VAL J 93 1.47 19.33 50.06
C VAL J 93 1.14 18.55 48.79
N TYR J 94 0.16 17.65 48.89
CA TYR J 94 -0.18 16.75 47.80
C TYR J 94 -1.37 17.33 47.03
N TYR J 95 -1.19 17.52 45.73
CA TYR J 95 -2.20 18.14 44.88
C TYR J 95 -2.89 17.09 44.02
N CYS J 96 -4.14 17.40 43.66
CA CYS J 96 -4.96 16.55 42.80
C CYS J 96 -5.29 17.35 41.55
N GLY J 97 -4.96 16.80 40.38
CA GLY J 97 -5.18 17.48 39.13
C GLY J 97 -5.90 16.61 38.13
N ALA J 98 -6.57 17.26 37.19
CA ALA J 98 -7.28 16.59 36.12
C ALA J 98 -6.56 16.82 34.79
N ARG J 99 -6.44 15.76 34.01
CA ARG J 99 -5.70 15.82 32.75
C ARG J 99 -6.48 16.62 31.71
N ILE J 100 -5.84 17.65 31.16
CA ILE J 100 -6.47 18.52 30.17
C ILE J 100 -6.35 17.93 28.77
N GLY J 101 -5.14 17.51 28.39
CA GLY J 101 -4.93 16.97 27.06
C GLY J 101 -3.56 16.34 26.91
N GLY J 102 -2.84 16.74 25.87
CA GLY J 102 -1.54 16.15 25.58
C GLY J 102 -1.60 14.65 25.51
N SER J 103 -0.46 13.99 25.72
CA SER J 103 -0.42 12.53 25.74
C SER J 103 0.71 12.05 26.64
N ASP J 104 0.86 12.66 27.80
CA ASP J 104 1.91 12.29 28.75
C ASP J 104 1.29 12.34 30.16
N ARG J 105 0.85 11.17 30.63
CA ARG J 105 0.23 11.07 31.95
C ARG J 105 1.14 11.59 33.06
N LEU J 106 2.44 11.70 32.81
CA LEU J 106 3.40 12.06 33.85
C LEU J 106 3.69 13.56 33.90
N ALA J 107 3.35 14.31 32.86
CA ALA J 107 3.72 15.72 32.79
C ALA J 107 2.64 16.58 33.44
N PRO J 108 2.98 17.39 34.46
CA PRO J 108 1.96 18.27 35.04
C PRO J 108 1.40 19.28 34.06
N GLU J 109 2.14 19.63 33.01
CA GLU J 109 1.64 20.56 32.01
C GLU J 109 0.26 20.12 31.50
N ASN J 110 0.08 18.82 31.28
CA ASN J 110 -1.16 18.28 30.75
C ASN J 110 -2.27 18.21 31.80
N TYR J 111 -2.04 18.73 33.00
CA TYR J 111 -3.02 18.69 34.07
C TYR J 111 -3.49 20.10 34.40
N GLY J 112 -4.78 20.22 34.70
CA GLY J 112 -5.36 21.48 35.11
C GLY J 112 -6.39 21.29 36.21
N TYR J 113 -7.18 22.33 36.50
CA TYR J 113 -8.22 22.25 37.52
C TYR J 113 -7.66 21.79 38.86
N TRP J 114 -6.43 22.21 39.16
CA TRP J 114 -5.78 21.80 40.39
C TRP J 114 -6.64 22.15 41.61
N GLY J 115 -6.39 21.45 42.71
CA GLY J 115 -7.09 21.69 43.95
C GLY J 115 -6.22 22.44 44.95
N GLN J 116 -6.84 22.80 46.08
CA GLN J 116 -6.13 23.53 47.12
C GLN J 116 -4.94 22.74 47.64
N GLY J 117 -5.06 21.42 47.71
CA GLY J 117 -4.00 20.57 48.22
C GLY J 117 -4.20 20.22 49.68
N THR J 118 -3.55 19.15 50.10
CA THR J 118 -3.58 18.70 51.49
C THR J 118 -2.16 18.50 51.98
N GLN J 119 -1.83 19.14 53.11
CA GLN J 119 -0.49 19.06 53.66
C GLN J 119 -0.24 17.68 54.26
N VAL J 120 0.90 17.08 53.92
CA VAL J 120 1.32 15.80 54.46
C VAL J 120 2.67 15.99 55.11
N THR J 121 2.72 15.80 56.43
CA THR J 121 3.94 16.00 57.21
C THR J 121 4.34 14.71 57.89
N VAL J 122 5.64 14.40 57.84
CA VAL J 122 6.17 13.15 58.38
C VAL J 122 7.39 13.50 59.21
N SER J 123 7.33 13.23 60.51
CA SER J 123 8.43 13.48 61.42
C SER J 123 9.10 12.15 61.81
N SER J 124 10.14 12.25 62.63
CA SER J 124 10.89 11.09 63.06
C SER J 124 10.42 10.57 64.40
#